data_8FWS
#
_entry.id   8FWS
#
_cell.length_a   1.00
_cell.length_b   1.00
_cell.length_c   1.00
_cell.angle_alpha   90.00
_cell.angle_beta   90.00
_cell.angle_gamma   90.00
#
_symmetry.space_group_name_H-M   'P 1'
#
loop_
_entity.id
_entity.type
_entity.pdbx_description
1 polymer 'Glutamate receptor ionotropic, kainate 2'
2 branched 2-acetamido-2-deoxy-beta-D-glucopyranose-(1-4)-2-acetamido-2-deoxy-beta-D-glucopyranose
3 branched beta-D-mannopyranose-(1-3)-beta-D-mannopyranose-(1-4)-2-acetamido-2-deoxy-beta-D-glucopyranose-(1-4)-2-acetamido-2-deoxy-beta-D-glucopyranose
4 non-polymer '4-cyclopropyl-7-fluoro-3,4-dihydro-2H-1,2,4-benzothiadiazine 1,1-dioxide'
5 non-polymer '(2S)-3-(hexadecanoyloxy)-2-[(9Z)-octadec-9-enoyloxy]propyl 2-(trimethylammonio)ethyl phosphate'
6 non-polymer 2-acetamido-2-deoxy-beta-D-glucopyranose
7 non-polymer 'SODIUM ION'
8 non-polymer 'CHLORIDE ION'
#
_entity_poly.entity_id   1
_entity_poly.type   'polypeptide(L)'
_entity_poly.pdbx_seq_one_letter_code
;MKIISPVLSNLVFSRSIKVLLCLLWIGYSQGTTHVLRFGGIFEYVESGPMGAEELAFRFAVNTINRNRTLLPNTTLTYDT
QKINLYDSFEASKKACDQLSLGVAAIFGPSHSSSANAVQSICNALGVPHIQTRWKHQVSDNKDSFYVSLYPDFSSLSRAI
LDLVQFFKWKTVTVVYDDSTGLIRLQELIKAPSRYNLRLKIRQLPADTKDAKPLLKEMKRGKEFHVIFDCSHEMAAGILK
QALAMGMMTEYYHYIFTTLDLFALDVEPYRYSGVNMTGFRILNTENTQVSSIIEKWSMERLQAPPKPDSGLLDGFMTTDA
ALMYDAVHVVSVAVQQFPQMTVSSLQCNRHKPWRFGTRFMSLIKEAHWEGLTGRITFNKTNGLRTDFDLDVISLKEEGLE
KIGTWDPASGLNMTESQKGKPANITDSLSNRSLIVTTILEEPYVLFKKSDKPLYGNDRFEGYCIDLLRELSTILGFTYEI
RLVEDGKYGAQDDVNGQWNGMVRELIDHKADLAVAPLAITYVREKVIDFSKPFMTLGISILYRKPNGTNPGVFSFLNPLS
PDIWMYVLLACLGVSCVLFVIARFSPYEWYNPHPCNPDSDVVENNFTLLNSFWFGVGALMQQGSELMPKALSTRIVGGIW
WFFTLIIISSYTANLAAFLTVERMESPIDSADDLAKQTKIEYGAVEDGATMTFFKKSKISTYDKMWAFMSSRRQSVLVKS
NEEGIQRVLTSDYAFLMESTTIEFVTQRNCNLTQIGGLIDSKGYGVGTPMGSPYRDKITIAILQLQEEGKLHMMKEKWWR
GNGCPEEESKEASALGVQNIGGIFIVLAAGLVLSVFVAVGEFLYKSKKNAQLEKRSFCSAMVEELRMSLKCQRRLKHKPQ
APVIVKTEEVINMHTFNDRRLPGKETMA
;
_entity_poly.pdbx_strand_id   A,B,C,D
#
# COMPACT_ATOMS: atom_id res chain seq x y z
N ARG A 431 24.69 -34.73 51.65
CA ARG A 431 24.06 -35.21 50.43
C ARG A 431 24.69 -34.59 49.19
N SER A 432 24.28 -35.10 48.02
CA SER A 432 24.66 -34.54 46.74
C SER A 432 23.45 -34.59 45.82
N LEU A 433 23.08 -33.45 45.23
CA LEU A 433 21.83 -33.36 44.49
C LEU A 433 21.94 -34.06 43.13
N ILE A 434 20.94 -34.87 42.81
CA ILE A 434 20.86 -35.55 41.52
C ILE A 434 20.17 -34.60 40.55
N VAL A 435 20.92 -34.11 39.57
CA VAL A 435 20.43 -33.09 38.65
C VAL A 435 20.10 -33.74 37.32
N THR A 436 18.80 -33.87 37.03
CA THR A 436 18.34 -34.42 35.76
C THR A 436 18.31 -33.37 34.67
N THR A 437 18.97 -33.63 33.54
CA THR A 437 18.97 -32.70 32.43
C THR A 437 18.94 -33.44 31.10
N ILE A 438 18.78 -32.70 30.00
CA ILE A 438 18.63 -33.31 28.69
C ILE A 438 19.72 -32.74 27.78
N LEU A 439 20.07 -33.48 26.73
CA LEU A 439 21.10 -33.02 25.80
C LEU A 439 20.52 -32.08 24.77
N GLU A 440 20.99 -30.84 24.77
CA GLU A 440 20.60 -29.85 23.77
C GLU A 440 21.78 -28.89 23.64
N GLU A 441 21.75 -28.02 22.63
CA GLU A 441 22.82 -27.06 22.43
C GLU A 441 22.17 -25.67 22.42
N PRO A 442 22.77 -24.64 23.06
CA PRO A 442 24.00 -24.46 23.85
C PRO A 442 23.92 -24.95 25.28
N TYR A 443 22.95 -25.81 25.55
CA TYR A 443 22.70 -26.41 26.85
C TYR A 443 23.64 -27.58 27.06
N VAL A 444 23.27 -28.50 27.96
CA VAL A 444 24.15 -29.62 28.35
C VAL A 444 24.59 -30.45 27.16
N LEU A 445 25.91 -30.47 26.93
CA LEU A 445 26.56 -31.13 25.80
C LEU A 445 27.61 -32.07 26.35
N PHE A 446 28.44 -32.61 25.45
CA PHE A 446 29.65 -33.35 25.83
C PHE A 446 30.85 -32.48 25.47
N LYS A 447 31.95 -32.66 26.19
CA LYS A 447 33.18 -31.96 25.83
C LYS A 447 33.87 -32.67 24.67
N LYS A 448 34.54 -31.88 23.82
CA LYS A 448 35.19 -32.38 22.62
C LYS A 448 36.66 -32.67 22.92
N SER A 449 36.88 -33.71 23.72
CA SER A 449 38.22 -34.25 23.95
C SER A 449 38.14 -35.76 24.00
N ASP A 450 39.27 -36.46 24.12
CA ASP A 450 39.19 -37.90 24.04
C ASP A 450 39.04 -38.58 25.40
N LYS A 451 40.10 -38.55 26.26
CA LYS A 451 40.19 -38.72 27.73
C LYS A 451 39.06 -39.52 28.37
N PRO A 452 38.89 -40.81 28.04
CA PRO A 452 37.61 -41.48 28.34
C PRO A 452 37.44 -41.93 29.79
N LEU A 453 37.61 -41.03 30.75
CA LEU A 453 37.35 -41.39 32.14
C LEU A 453 36.66 -40.22 32.84
N TYR A 454 35.66 -39.65 32.17
CA TYR A 454 34.98 -38.48 32.72
C TYR A 454 33.91 -38.88 33.74
N GLY A 455 33.80 -38.06 34.79
CA GLY A 455 32.61 -38.02 35.62
C GLY A 455 32.45 -36.64 36.20
N ASN A 456 31.32 -35.99 35.90
CA ASN A 456 30.91 -34.62 36.22
C ASN A 456 31.77 -33.56 35.50
N ASP A 457 32.82 -33.98 34.79
CA ASP A 457 33.55 -33.14 33.85
C ASP A 457 33.20 -33.53 32.43
N ARG A 458 32.22 -34.43 32.27
CA ARG A 458 31.80 -34.90 30.97
C ARG A 458 31.02 -33.83 30.21
N PHE A 459 30.44 -32.89 30.95
CA PHE A 459 29.41 -32.01 30.39
C PHE A 459 29.88 -30.57 30.33
N GLU A 460 29.38 -29.83 29.34
CA GLU A 460 29.74 -28.43 29.13
C GLU A 460 28.61 -27.74 28.39
N GLY A 461 28.11 -26.65 28.95
CA GLY A 461 27.04 -25.93 28.29
C GLY A 461 26.58 -24.75 29.11
N TYR A 462 25.43 -24.21 28.72
CA TYR A 462 24.85 -23.08 29.46
C TYR A 462 24.35 -23.51 30.83
N CYS A 463 23.62 -24.62 30.91
CA CYS A 463 23.09 -25.08 32.18
C CYS A 463 24.14 -25.74 33.06
N ILE A 464 25.33 -26.02 32.52
CA ILE A 464 26.43 -26.45 33.37
C ILE A 464 27.12 -25.23 33.97
N ASP A 465 27.16 -24.13 33.23
CA ASP A 465 27.70 -22.89 33.77
C ASP A 465 26.72 -22.25 34.75
N LEU A 466 25.43 -22.51 34.58
CA LEU A 466 24.44 -22.01 35.53
C LEU A 466 24.50 -22.77 36.85
N LEU A 467 24.63 -24.09 36.78
CA LEU A 467 24.65 -24.89 38.00
C LEU A 467 25.99 -24.77 38.71
N ARG A 468 27.05 -24.40 37.98
CA ARG A 468 28.33 -24.08 38.60
C ARG A 468 28.21 -22.81 39.43
N GLU A 469 27.36 -21.88 38.99
CA GLU A 469 27.25 -20.61 39.70
C GLU A 469 26.08 -20.62 40.68
N LEU A 470 25.23 -21.66 40.62
CA LEU A 470 24.24 -21.83 41.67
C LEU A 470 24.79 -22.65 42.83
N SER A 471 25.70 -23.58 42.56
CA SER A 471 26.28 -24.40 43.62
C SER A 471 27.36 -23.63 44.36
N THR A 472 27.92 -22.61 43.72
CA THR A 472 28.93 -21.76 44.33
C THR A 472 28.32 -20.92 45.44
N ILE A 473 27.16 -20.32 45.18
CA ILE A 473 26.56 -19.38 46.12
C ILE A 473 25.55 -20.03 47.06
N LEU A 474 25.12 -21.27 46.79
CA LEU A 474 24.27 -21.99 47.73
C LEU A 474 25.04 -23.06 48.50
N GLY A 475 26.23 -23.40 48.07
CA GLY A 475 27.08 -24.31 48.83
C GLY A 475 26.94 -25.79 48.60
N PHE A 476 25.89 -26.21 47.90
CA PHE A 476 25.67 -27.64 47.69
C PHE A 476 26.66 -28.23 46.70
N THR A 477 26.77 -29.55 46.69
CA THR A 477 27.53 -30.28 45.68
C THR A 477 26.55 -31.10 44.85
N TYR A 478 26.92 -31.39 43.62
CA TYR A 478 26.00 -31.97 42.65
C TYR A 478 26.71 -33.04 41.82
N GLU A 479 25.91 -33.90 41.21
CA GLU A 479 26.41 -34.88 40.24
C GLU A 479 25.34 -35.04 39.17
N ILE A 480 25.73 -34.81 37.91
CA ILE A 480 24.75 -34.75 36.83
C ILE A 480 24.37 -36.16 36.42
N ARG A 481 23.06 -36.42 36.31
CA ARG A 481 22.57 -37.67 35.76
C ARG A 481 21.54 -37.37 34.67
N LEU A 482 21.83 -37.73 33.44
CA LEU A 482 20.94 -37.46 32.31
C LEU A 482 19.63 -38.21 32.44
N VAL A 483 18.56 -37.63 31.88
CA VAL A 483 17.29 -38.32 31.84
C VAL A 483 17.39 -39.50 30.86
N GLU A 484 16.84 -40.64 31.26
CA GLU A 484 16.97 -41.85 30.45
C GLU A 484 16.10 -41.78 29.20
N ASP A 485 14.82 -41.47 29.38
CA ASP A 485 13.89 -41.51 28.25
C ASP A 485 13.78 -40.15 27.57
N GLY A 486 14.93 -39.48 27.36
CA GLY A 486 15.17 -38.41 26.40
C GLY A 486 14.10 -37.39 26.08
N LYS A 487 13.34 -36.94 27.08
CA LYS A 487 12.20 -36.06 26.83
C LYS A 487 12.17 -34.97 27.91
N TYR A 488 11.24 -34.04 27.76
CA TYR A 488 11.03 -32.98 28.75
C TYR A 488 9.90 -33.38 29.69
N GLY A 489 8.72 -33.68 29.17
CA GLY A 489 7.64 -34.18 30.01
C GLY A 489 6.26 -33.81 29.52
N ALA A 490 5.37 -34.81 29.48
CA ALA A 490 4.01 -34.65 28.99
C ALA A 490 3.14 -35.80 29.47
N GLN A 491 1.83 -35.60 29.53
CA GLN A 491 0.94 -36.70 29.84
C GLN A 491 0.71 -37.55 28.60
N ASP A 492 0.99 -38.85 28.73
CA ASP A 492 0.80 -39.79 27.63
C ASP A 492 -0.65 -40.20 27.44
N ASP A 493 -1.54 -39.82 28.38
CA ASP A 493 -3.00 -39.90 28.31
C ASP A 493 -3.51 -41.35 28.35
N VAL A 494 -2.62 -42.33 28.47
CA VAL A 494 -3.03 -43.73 28.54
C VAL A 494 -3.27 -44.12 29.99
N ASN A 495 -2.53 -43.49 30.91
CA ASN A 495 -2.70 -43.70 32.35
C ASN A 495 -2.51 -42.42 33.16
N GLY A 496 -2.27 -41.29 32.48
CA GLY A 496 -2.01 -40.05 33.17
C GLY A 496 -0.67 -40.02 33.88
N GLN A 497 0.29 -40.77 33.35
CA GLN A 497 1.63 -40.86 33.91
C GLN A 497 2.55 -39.92 33.13
N TRP A 498 3.23 -39.03 33.83
CA TRP A 498 4.21 -38.16 33.20
C TRP A 498 5.44 -38.96 32.81
N ASN A 499 6.18 -38.44 31.83
CA ASN A 499 7.42 -39.06 31.37
C ASN A 499 8.54 -38.01 31.34
N GLY A 500 9.69 -38.41 30.81
CA GLY A 500 10.80 -37.48 30.62
C GLY A 500 11.44 -37.02 31.92
N MET A 501 11.71 -35.71 32.03
CA MET A 501 12.36 -35.21 33.23
C MET A 501 11.38 -35.08 34.37
N VAL A 502 10.12 -34.73 34.08
CA VAL A 502 9.19 -34.40 35.16
C VAL A 502 8.59 -35.65 35.78
N ARG A 503 8.92 -36.83 35.23
CA ARG A 503 8.62 -38.06 35.94
C ARG A 503 9.65 -38.29 37.04
N GLU A 504 10.93 -38.01 36.76
CA GLU A 504 11.97 -38.17 37.77
C GLU A 504 11.86 -37.12 38.86
N LEU A 505 11.22 -36.00 38.55
CA LEU A 505 10.98 -34.97 39.56
C LEU A 505 9.78 -35.34 40.44
N ILE A 506 8.74 -35.93 39.84
CA ILE A 506 7.52 -36.21 40.60
C ILE A 506 7.67 -37.51 41.38
N ASP A 507 8.66 -38.33 41.01
CA ASP A 507 8.88 -39.59 41.72
C ASP A 507 10.09 -39.47 42.64
N HIS A 508 10.61 -38.26 42.77
CA HIS A 508 11.73 -37.89 43.64
C HIS A 508 13.00 -38.69 43.37
N LYS A 509 13.19 -39.13 42.13
CA LYS A 509 14.47 -39.72 41.72
C LYS A 509 15.51 -38.66 41.38
N ALA A 510 15.12 -37.40 41.42
CA ALA A 510 15.98 -36.28 41.10
C ALA A 510 15.60 -35.08 41.95
N ASP A 511 16.61 -34.29 42.34
CA ASP A 511 16.37 -33.15 43.21
C ASP A 511 16.20 -31.86 42.42
N LEU A 512 16.83 -31.76 41.26
CA LEU A 512 16.68 -30.58 40.41
C LEU A 512 16.40 -30.94 38.96
N ALA A 513 16.15 -29.92 38.14
CA ALA A 513 16.14 -30.10 36.69
C ALA A 513 16.61 -28.84 36.01
N VAL A 514 17.91 -28.74 35.75
CA VAL A 514 18.45 -27.53 35.15
C VAL A 514 18.58 -27.79 33.66
N ALA A 515 17.57 -27.38 32.91
CA ALA A 515 17.43 -27.72 31.51
C ALA A 515 16.41 -26.77 30.89
N PRO A 516 16.25 -26.71 29.55
CA PRO A 516 15.15 -25.91 28.99
C PRO A 516 13.77 -26.49 29.23
N LEU A 517 13.33 -26.44 30.49
CA LEU A 517 12.06 -26.99 30.90
C LEU A 517 11.12 -25.81 31.08
N ALA A 518 10.35 -25.50 30.04
CA ALA A 518 9.55 -24.28 29.99
C ALA A 518 8.43 -24.32 31.02
N ILE A 519 8.28 -23.22 31.73
CA ILE A 519 7.27 -23.05 32.77
C ILE A 519 5.93 -22.91 32.09
N THR A 520 5.11 -23.96 32.16
CA THR A 520 3.79 -23.97 31.56
C THR A 520 2.77 -24.46 32.58
N TYR A 521 1.49 -24.36 32.21
CA TYR A 521 0.40 -24.51 33.17
C TYR A 521 0.19 -25.95 33.62
N VAL A 522 0.24 -26.90 32.70
CA VAL A 522 -0.04 -28.29 33.05
C VAL A 522 1.14 -28.91 33.79
N ARG A 523 2.32 -28.31 33.65
CA ARG A 523 3.50 -28.83 34.31
C ARG A 523 3.73 -28.16 35.65
N GLU A 524 3.12 -27.00 35.87
CA GLU A 524 3.25 -26.28 37.13
C GLU A 524 2.48 -26.98 38.24
N LYS A 525 1.40 -27.68 37.90
CA LYS A 525 0.55 -28.29 38.92
C LYS A 525 1.10 -29.59 39.47
N VAL A 526 2.17 -30.14 38.88
CA VAL A 526 2.73 -31.41 39.32
C VAL A 526 4.13 -31.26 39.88
N ILE A 527 4.95 -30.38 39.32
CA ILE A 527 6.26 -30.05 39.87
C ILE A 527 6.31 -28.55 40.10
N ASP A 528 7.25 -28.14 40.94
CA ASP A 528 7.43 -26.74 41.29
C ASP A 528 8.66 -26.19 40.61
N PHE A 529 8.50 -25.10 39.86
CA PHE A 529 9.58 -24.47 39.15
C PHE A 529 10.22 -23.39 40.00
N SER A 530 11.43 -22.99 39.63
CA SER A 530 12.03 -21.77 40.14
C SER A 530 11.53 -20.60 39.32
N LYS A 531 12.15 -19.44 39.50
CA LYS A 531 11.74 -18.26 38.79
C LYS A 531 12.70 -18.08 37.61
N PRO A 532 12.18 -17.72 36.38
CA PRO A 532 12.92 -17.95 35.12
C PRO A 532 14.34 -17.41 35.01
N PHE A 533 15.22 -18.21 34.39
CA PHE A 533 16.56 -17.75 34.07
C PHE A 533 16.70 -17.33 32.62
N MET A 534 15.64 -17.47 31.82
CA MET A 534 15.69 -17.14 30.40
C MET A 534 14.29 -16.94 29.86
N THR A 535 14.10 -15.95 28.99
CA THR A 535 12.81 -15.69 28.37
C THR A 535 12.87 -16.08 26.90
N LEU A 536 11.88 -16.84 26.46
CA LEU A 536 11.77 -17.25 25.08
C LEU A 536 10.41 -16.86 24.53
N GLY A 537 10.10 -17.31 23.32
CA GLY A 537 8.84 -17.01 22.67
C GLY A 537 8.84 -17.56 21.27
N ILE A 538 7.68 -17.52 20.66
CA ILE A 538 7.54 -18.04 19.30
C ILE A 538 7.89 -16.93 18.32
N SER A 539 8.85 -17.22 17.43
CA SER A 539 9.16 -16.31 16.34
C SER A 539 9.62 -17.14 15.16
N ILE A 540 10.00 -16.47 14.08
CA ILE A 540 10.00 -17.04 12.74
C ILE A 540 11.42 -17.10 12.20
N LEU A 541 11.88 -18.31 11.84
CA LEU A 541 13.02 -18.40 10.94
C LEU A 541 12.61 -18.09 9.52
N TYR A 542 13.52 -17.45 8.79
CA TYR A 542 13.30 -17.17 7.37
C TYR A 542 14.65 -16.98 6.70
N ARG A 543 14.71 -17.29 5.41
CA ARG A 543 15.93 -17.06 4.64
C ARG A 543 16.21 -15.56 4.54
N LYS A 544 17.40 -15.18 4.96
CA LYS A 544 17.87 -13.79 4.93
C LYS A 544 17.82 -13.28 3.51
N PRO A 545 17.34 -12.04 3.25
CA PRO A 545 17.06 -11.65 1.86
C PRO A 545 18.30 -11.55 0.99
N ASN A 546 18.41 -12.55 0.13
CA ASN A 546 19.43 -12.60 -0.90
C ASN A 546 19.07 -11.54 -1.94
N GLY A 547 19.84 -10.44 -1.93
CA GLY A 547 19.57 -9.32 -2.79
C GLY A 547 19.84 -9.66 -4.24
N THR A 548 18.86 -9.32 -5.07
CA THR A 548 18.91 -9.57 -6.50
C THR A 548 19.89 -8.60 -7.13
N ASN A 549 20.98 -9.14 -7.67
CA ASN A 549 21.86 -8.35 -8.51
C ASN A 549 21.10 -7.91 -9.76
N PRO A 550 21.01 -6.61 -10.03
CA PRO A 550 20.24 -6.16 -11.19
C PRO A 550 20.91 -6.43 -12.51
N GLY A 551 22.18 -6.81 -12.48
CA GLY A 551 22.99 -6.89 -13.67
C GLY A 551 23.67 -5.57 -13.93
N VAL A 552 24.57 -5.57 -14.89
CA VAL A 552 25.29 -4.35 -15.21
C VAL A 552 24.51 -3.61 -16.29
N PHE A 553 23.77 -4.36 -17.13
CA PHE A 553 22.91 -3.77 -18.13
C PHE A 553 21.46 -3.69 -17.66
N SER A 554 21.23 -3.08 -16.50
CA SER A 554 19.87 -3.06 -15.94
C SER A 554 19.13 -1.81 -16.36
N PHE A 555 19.78 -0.96 -17.14
CA PHE A 555 19.12 0.24 -17.67
C PHE A 555 18.34 -0.10 -18.93
N LEU A 556 18.53 -1.31 -19.45
CA LEU A 556 17.80 -1.74 -20.64
C LEU A 556 16.40 -2.18 -20.27
N ASN A 557 16.19 -2.44 -18.99
CA ASN A 557 14.94 -3.00 -18.46
C ASN A 557 13.63 -2.25 -18.73
N PRO A 558 13.54 -0.88 -18.74
CA PRO A 558 12.23 -0.26 -18.95
C PRO A 558 11.60 -0.43 -20.33
N LEU A 559 12.32 -1.01 -21.29
CA LEU A 559 11.74 -1.34 -22.58
C LEU A 559 12.15 -2.76 -22.94
N SER A 560 11.23 -3.50 -23.54
CA SER A 560 11.48 -4.89 -23.91
C SER A 560 12.52 -4.95 -25.02
N PRO A 561 13.23 -6.09 -25.15
CA PRO A 561 14.25 -6.17 -26.23
C PRO A 561 13.67 -6.19 -27.63
N ASP A 562 12.36 -6.39 -27.77
CA ASP A 562 11.71 -6.15 -29.06
C ASP A 562 11.71 -4.67 -29.41
N ILE A 563 11.62 -3.80 -28.39
CA ILE A 563 11.52 -2.37 -28.63
C ILE A 563 12.88 -1.77 -28.95
N TRP A 564 13.93 -2.19 -28.22
CA TRP A 564 15.27 -1.64 -28.44
C TRP A 564 15.80 -2.05 -29.82
N MET A 565 15.32 -3.15 -30.37
CA MET A 565 15.65 -3.51 -31.74
C MET A 565 14.85 -2.69 -32.73
N TYR A 566 13.57 -2.43 -32.44
CA TYR A 566 12.72 -1.73 -33.39
C TYR A 566 13.02 -0.23 -33.40
N VAL A 567 13.61 0.29 -32.32
CA VAL A 567 14.07 1.67 -32.32
C VAL A 567 15.36 1.80 -33.13
N LEU A 568 16.20 0.77 -33.08
CA LEU A 568 17.42 0.78 -33.91
C LEU A 568 17.08 0.59 -35.38
N LEU A 569 16.04 -0.19 -35.68
CA LEU A 569 15.65 -0.37 -37.08
C LEU A 569 14.81 0.79 -37.56
N ALA A 570 14.33 1.64 -36.66
CA ALA A 570 13.68 2.88 -37.08
C ALA A 570 14.72 3.96 -37.37
N CYS A 571 15.90 3.88 -36.75
CA CYS A 571 16.97 4.81 -37.07
C CYS A 571 17.62 4.46 -38.39
N LEU A 572 17.69 3.17 -38.71
CA LEU A 572 18.20 2.77 -40.02
C LEU A 572 17.10 2.84 -41.08
N GLY A 573 15.86 3.02 -40.65
CA GLY A 573 14.76 3.09 -41.58
C GLY A 573 14.41 4.52 -41.99
N VAL A 574 14.23 5.40 -40.99
CA VAL A 574 13.83 6.77 -41.26
C VAL A 574 14.95 7.54 -41.94
N SER A 575 16.20 7.28 -41.54
CA SER A 575 17.32 8.01 -42.08
C SER A 575 17.63 7.57 -43.51
N CYS A 576 17.24 6.34 -43.88
CA CYS A 576 17.37 5.92 -45.27
C CYS A 576 16.14 6.30 -46.08
N VAL A 577 15.09 6.79 -45.41
CA VAL A 577 13.96 7.40 -46.12
C VAL A 577 14.24 8.89 -46.34
N LEU A 578 14.85 9.53 -45.35
CA LEU A 578 15.13 10.96 -45.45
C LEU A 578 16.23 11.24 -46.48
N PHE A 579 17.13 10.27 -46.66
CA PHE A 579 18.17 10.41 -47.68
C PHE A 579 17.59 10.36 -49.09
N VAL A 580 16.62 9.48 -49.31
CA VAL A 580 16.02 9.34 -50.64
C VAL A 580 15.16 10.57 -50.96
N ILE A 581 14.39 11.05 -49.99
CA ILE A 581 13.51 12.20 -50.21
C ILE A 581 14.32 13.48 -50.40
N ALA A 582 15.44 13.62 -49.71
CA ALA A 582 16.28 14.82 -49.87
C ALA A 582 16.97 14.88 -51.22
N ARG A 583 17.28 13.75 -51.85
CA ARG A 583 17.83 13.76 -53.19
C ARG A 583 16.74 13.92 -54.24
N PHE A 584 15.51 13.55 -53.90
CA PHE A 584 14.38 13.57 -54.83
C PHE A 584 13.63 14.89 -54.83
N SER A 585 13.62 15.61 -53.71
CA SER A 585 12.89 16.87 -53.62
C SER A 585 13.76 18.03 -54.10
N PRO A 586 13.23 18.93 -54.92
CA PRO A 586 14.04 20.03 -55.44
C PRO A 586 14.31 21.13 -54.42
N TYR A 587 13.46 21.24 -53.40
CA TYR A 587 13.57 22.36 -52.47
C TYR A 587 14.74 22.20 -51.51
N GLU A 588 15.13 20.97 -51.21
CA GLU A 588 16.28 20.73 -50.36
C GLU A 588 17.58 21.08 -51.05
N TRP A 589 17.62 21.00 -52.38
CA TRP A 589 18.73 21.50 -53.19
C TRP A 589 18.73 23.02 -53.10
N TYR A 590 19.61 23.58 -52.28
CA TYR A 590 19.66 25.03 -52.08
C TYR A 590 21.01 25.56 -52.53
N ASN A 591 21.07 26.89 -52.64
CA ASN A 591 22.30 27.61 -52.95
C ASN A 591 23.04 27.83 -51.64
N PRO A 592 24.24 27.26 -51.47
CA PRO A 592 24.98 27.47 -50.20
C PRO A 592 25.65 28.83 -50.10
N HIS A 593 25.54 29.65 -51.15
CA HIS A 593 26.15 30.97 -51.17
C HIS A 593 25.07 32.03 -51.37
N PRO A 594 24.51 32.56 -50.29
CA PRO A 594 23.80 33.84 -50.40
C PRO A 594 24.74 35.02 -50.47
N CYS A 595 26.01 34.81 -50.11
CA CYS A 595 27.04 35.86 -50.14
C CYS A 595 27.49 36.11 -51.58
N ASN A 596 27.25 35.11 -52.43
CA ASN A 596 27.61 35.19 -53.83
C ASN A 596 26.51 34.54 -54.66
N PRO A 597 25.66 35.34 -55.33
CA PRO A 597 24.55 34.76 -56.10
C PRO A 597 24.99 34.02 -57.35
N ASP A 598 25.56 32.83 -57.16
CA ASP A 598 26.07 32.03 -58.27
C ASP A 598 25.05 31.02 -58.75
N SER A 599 25.48 30.11 -59.63
CA SER A 599 24.68 28.98 -60.06
C SER A 599 25.59 27.77 -60.21
N ASP A 600 25.01 26.58 -60.39
CA ASP A 600 25.63 25.25 -60.58
C ASP A 600 26.33 24.75 -59.32
N VAL A 601 26.40 25.56 -58.26
CA VAL A 601 26.97 25.13 -56.98
C VAL A 601 25.89 24.65 -56.02
N VAL A 602 24.68 24.39 -56.52
CA VAL A 602 23.55 23.95 -55.72
C VAL A 602 23.79 22.55 -55.19
N GLU A 603 23.65 22.38 -53.87
CA GLU A 603 24.02 21.14 -53.21
C GLU A 603 23.07 20.85 -52.05
N ASN A 604 23.11 19.60 -51.57
CA ASN A 604 22.42 19.20 -50.35
C ASN A 604 23.41 19.14 -49.22
N ASN A 605 22.91 19.26 -47.99
CA ASN A 605 23.68 18.87 -46.82
C ASN A 605 23.27 17.50 -46.28
N PHE A 606 22.17 16.93 -46.78
CA PHE A 606 21.75 15.58 -46.38
C PHE A 606 22.41 14.54 -47.30
N THR A 607 23.63 14.18 -46.93
CA THR A 607 24.24 13.01 -47.52
C THR A 607 23.75 11.75 -46.80
N LEU A 608 24.33 10.61 -47.12
CA LEU A 608 23.94 9.38 -46.43
C LEU A 608 24.45 9.38 -45.00
N LEU A 609 25.63 9.96 -44.78
CA LEU A 609 26.19 10.02 -43.44
C LEU A 609 25.52 11.09 -42.59
N ASN A 610 25.11 12.20 -43.20
CA ASN A 610 24.45 13.25 -42.43
C ASN A 610 23.02 12.86 -42.09
N SER A 611 22.36 12.10 -42.96
CA SER A 611 20.98 11.69 -42.68
C SER A 611 20.93 10.70 -41.53
N PHE A 612 21.96 9.85 -41.40
CA PHE A 612 22.13 9.06 -40.19
C PHE A 612 22.35 9.95 -38.98
N TRP A 613 23.05 11.07 -39.16
CA TRP A 613 23.40 11.93 -38.04
C TRP A 613 22.23 12.82 -37.64
N PHE A 614 21.26 13.00 -38.53
CA PHE A 614 20.03 13.65 -38.13
C PHE A 614 19.19 12.72 -37.27
N GLY A 615 19.05 11.46 -37.70
CA GLY A 615 18.26 10.49 -36.99
C GLY A 615 18.81 10.11 -35.64
N VAL A 616 20.13 9.90 -35.57
CA VAL A 616 20.78 9.63 -34.28
C VAL A 616 20.79 10.89 -33.43
N GLY A 617 20.97 12.04 -34.06
CA GLY A 617 20.99 13.29 -33.33
C GLY A 617 19.64 13.68 -32.77
N ALA A 618 18.57 13.40 -33.51
CA ALA A 618 17.23 13.69 -33.02
C ALA A 618 16.76 12.67 -32.01
N LEU A 619 17.25 11.43 -32.08
CA LEU A 619 16.86 10.37 -31.15
C LEU A 619 17.31 10.68 -29.74
N MET A 620 18.47 11.32 -29.60
CA MET A 620 19.07 11.52 -28.29
C MET A 620 18.63 12.84 -27.66
N GLN A 621 17.62 13.48 -28.26
CA GLN A 621 17.02 14.74 -27.82
C GLN A 621 18.01 15.89 -27.71
N GLN A 622 19.10 15.84 -28.49
CA GLN A 622 20.08 16.92 -28.40
C GLN A 622 20.37 17.54 -29.76
N GLY A 623 19.63 17.17 -30.79
CA GLY A 623 19.62 17.89 -32.04
C GLY A 623 20.89 17.81 -32.86
N SER A 624 20.90 18.52 -33.99
CA SER A 624 22.05 18.52 -34.88
C SER A 624 22.11 19.86 -35.62
N GLU A 625 22.96 19.93 -36.64
CA GLU A 625 23.18 21.19 -37.34
C GLU A 625 22.60 21.14 -38.76
N LEU A 626 21.58 20.31 -38.97
CA LEU A 626 21.07 20.10 -40.32
C LEU A 626 19.70 20.72 -40.59
N MET A 627 18.65 20.34 -39.83
CA MET A 627 17.35 21.01 -39.77
C MET A 627 16.68 21.21 -41.13
N PRO A 628 15.98 20.17 -41.66
CA PRO A 628 15.51 20.13 -43.06
C PRO A 628 14.79 21.36 -43.61
N LYS A 629 14.93 21.58 -44.91
CA LYS A 629 14.52 22.83 -45.55
C LYS A 629 13.30 22.67 -46.44
N ALA A 630 13.08 21.49 -47.03
CA ALA A 630 11.89 21.27 -47.84
C ALA A 630 10.71 20.94 -46.95
N LEU A 631 9.51 20.87 -47.52
CA LEU A 631 8.36 20.43 -46.75
C LEU A 631 8.28 18.92 -46.61
N SER A 632 8.81 18.17 -47.57
CA SER A 632 8.76 16.72 -47.50
C SER A 632 9.78 16.16 -46.52
N THR A 633 10.91 16.85 -46.36
CA THR A 633 11.92 16.38 -45.40
C THR A 633 11.64 16.89 -43.99
N ARG A 634 10.70 17.83 -43.85
CA ARG A 634 10.28 18.25 -42.51
C ARG A 634 9.15 17.40 -41.97
N ILE A 635 8.38 16.75 -42.85
CA ILE A 635 7.37 15.81 -42.37
C ILE A 635 8.06 14.55 -41.85
N VAL A 636 9.15 14.13 -42.50
CA VAL A 636 9.98 13.06 -41.95
C VAL A 636 10.62 13.52 -40.64
N GLY A 637 11.06 14.78 -40.60
CA GLY A 637 11.64 15.34 -39.39
C GLY A 637 10.65 15.48 -38.24
N GLY A 638 9.45 16.00 -38.52
CA GLY A 638 8.50 16.24 -37.45
C GLY A 638 7.86 14.96 -36.92
N ILE A 639 7.79 13.93 -37.75
CA ILE A 639 7.28 12.63 -37.31
C ILE A 639 8.33 11.90 -36.48
N TRP A 640 9.59 11.99 -36.89
CA TRP A 640 10.67 11.37 -36.12
C TRP A 640 10.90 12.09 -34.80
N TRP A 641 10.46 13.34 -34.69
CA TRP A 641 10.59 14.05 -33.42
C TRP A 641 9.46 13.69 -32.47
N PHE A 642 8.25 13.47 -33.00
CA PHE A 642 7.14 13.02 -32.15
C PHE A 642 7.34 11.59 -31.71
N PHE A 643 7.89 10.76 -32.60
CA PHE A 643 8.25 9.40 -32.25
C PHE A 643 9.26 9.37 -31.11
N THR A 644 10.19 10.33 -31.12
CA THR A 644 11.29 10.32 -30.16
C THR A 644 10.83 10.73 -28.77
N LEU A 645 9.90 11.69 -28.68
CA LEU A 645 9.37 12.10 -27.38
C LEU A 645 8.66 10.97 -26.67
N ILE A 646 7.95 10.12 -27.42
CA ILE A 646 7.22 9.04 -26.79
C ILE A 646 8.18 7.95 -26.33
N ILE A 647 9.32 7.82 -27.01
CA ILE A 647 10.32 6.82 -26.60
C ILE A 647 11.05 7.25 -25.33
N ILE A 648 11.46 8.52 -25.25
CA ILE A 648 12.13 9.01 -24.05
C ILE A 648 11.16 9.13 -22.88
N SER A 649 9.93 9.59 -23.13
CA SER A 649 8.99 9.75 -22.02
C SER A 649 8.39 8.42 -21.58
N SER A 650 8.57 7.36 -22.36
CA SER A 650 8.17 6.04 -21.87
C SER A 650 9.36 5.27 -21.31
N TYR A 651 10.57 5.76 -21.56
CA TYR A 651 11.73 5.22 -20.85
C TYR A 651 11.84 5.84 -19.47
N THR A 652 11.60 7.14 -19.37
CA THR A 652 11.72 7.84 -18.09
C THR A 652 10.58 7.45 -17.16
N ALA A 653 9.38 7.24 -17.71
CA ALA A 653 8.23 6.93 -16.87
C ALA A 653 8.21 5.47 -16.45
N ASN A 654 8.72 4.57 -17.30
CA ASN A 654 8.77 3.17 -16.89
C ASN A 654 9.92 2.93 -15.92
N LEU A 655 11.03 3.64 -16.08
CA LEU A 655 12.10 3.54 -15.10
C LEU A 655 11.70 4.17 -13.78
N ALA A 656 10.84 5.19 -13.82
CA ALA A 656 10.29 5.75 -12.60
C ALA A 656 9.17 4.90 -12.05
N ALA A 657 8.79 3.84 -12.77
CA ALA A 657 7.84 2.87 -12.25
C ALA A 657 8.56 1.62 -11.76
N PHE A 658 9.67 1.26 -12.40
CA PHE A 658 10.51 0.18 -11.87
C PHE A 658 11.17 0.56 -10.56
N LEU A 659 11.52 1.82 -10.37
CA LEU A 659 12.25 2.22 -9.16
C LEU A 659 11.33 2.62 -8.03
N THR A 660 10.04 2.85 -8.30
CA THR A 660 9.13 3.14 -7.19
C THR A 660 8.31 1.91 -6.81
N VAL A 661 8.38 0.84 -7.59
CA VAL A 661 7.82 -0.43 -7.12
C VAL A 661 8.83 -1.17 -6.25
N GLU A 662 10.10 -1.15 -6.66
CA GLU A 662 11.18 -1.75 -5.87
C GLU A 662 11.37 -1.05 -4.54
N ARG A 663 11.16 0.27 -4.48
CA ARG A 663 11.29 1.01 -3.23
C ARG A 663 10.07 0.88 -2.34
N MET A 664 8.87 0.74 -2.92
CA MET A 664 7.64 0.62 -2.14
C MET A 664 7.50 -0.74 -1.45
N GLU A 665 8.00 -1.81 -2.06
CA GLU A 665 7.87 -3.14 -1.50
C GLU A 665 8.82 -3.30 -0.32
N SER A 666 8.50 -4.27 0.53
CA SER A 666 9.24 -4.50 1.75
C SER A 666 9.15 -5.97 2.10
N PRO A 667 10.19 -6.54 2.69
CA PRO A 667 10.12 -7.94 3.12
C PRO A 667 9.21 -8.10 4.33
N ILE A 668 8.91 -9.36 4.63
CA ILE A 668 8.09 -9.68 5.80
C ILE A 668 8.87 -9.39 7.07
N ASP A 669 8.22 -8.72 8.01
CA ASP A 669 8.88 -8.28 9.24
C ASP A 669 7.88 -8.50 10.38
N SER A 670 6.91 -9.39 10.16
CA SER A 670 5.89 -9.67 11.16
C SER A 670 5.27 -11.03 10.90
N ALA A 671 4.24 -11.38 11.68
CA ALA A 671 3.44 -12.54 11.37
C ALA A 671 2.22 -12.16 10.54
N ASP A 672 1.80 -10.89 10.63
CA ASP A 672 0.67 -10.42 9.85
C ASP A 672 1.02 -10.33 8.37
N ASP A 673 2.24 -9.86 8.06
CA ASP A 673 2.71 -9.87 6.68
C ASP A 673 3.03 -11.29 6.23
N LEU A 674 3.22 -12.20 7.19
CA LEU A 674 3.41 -13.60 6.86
C LEU A 674 2.08 -14.33 6.79
N ALA A 675 1.03 -13.73 7.35
CA ALA A 675 -0.28 -14.37 7.35
C ALA A 675 -0.94 -14.29 5.98
N LYS A 676 -0.73 -13.17 5.28
CA LYS A 676 -1.47 -12.92 4.03
C LYS A 676 -0.84 -13.67 2.86
N GLN A 677 0.47 -13.51 2.66
CA GLN A 677 1.15 -14.04 1.49
C GLN A 677 1.28 -15.56 1.55
N THR A 678 0.48 -16.25 0.74
CA THR A 678 0.47 -17.71 0.71
C THR A 678 1.58 -18.29 -0.16
N LYS A 679 2.40 -17.45 -0.80
CA LYS A 679 3.57 -17.95 -1.52
C LYS A 679 4.62 -18.46 -0.54
N ILE A 680 4.80 -17.74 0.57
CA ILE A 680 5.78 -18.14 1.57
C ILE A 680 5.18 -19.25 2.43
N GLU A 681 5.88 -20.39 2.45
CA GLU A 681 5.42 -21.62 3.06
C GLU A 681 5.76 -21.61 4.55
N TYR A 682 4.80 -22.04 5.39
CA TYR A 682 5.00 -21.89 6.84
C TYR A 682 5.71 -23.13 7.35
N GLY A 683 5.73 -23.31 8.67
CA GLY A 683 6.32 -24.51 9.24
C GLY A 683 6.17 -24.54 10.75
N ALA A 684 6.18 -25.76 11.28
CA ALA A 684 6.11 -26.00 12.71
C ALA A 684 6.56 -27.42 13.04
N VAL A 685 6.99 -27.65 14.29
CA VAL A 685 7.30 -29.00 14.72
C VAL A 685 6.01 -29.77 14.95
N GLU A 686 5.92 -30.95 14.35
CA GLU A 686 4.76 -31.82 14.55
C GLU A 686 4.72 -32.31 15.99
N ASP A 687 3.57 -32.11 16.64
CA ASP A 687 3.30 -32.42 18.04
C ASP A 687 4.31 -31.70 18.94
N GLY A 688 4.30 -30.37 18.89
CA GLY A 688 5.21 -29.58 19.71
C GLY A 688 4.45 -28.49 20.43
N ALA A 689 5.20 -27.67 21.15
CA ALA A 689 4.58 -26.59 21.91
C ALA A 689 4.29 -25.38 21.04
N THR A 690 4.83 -25.36 19.82
CA THR A 690 4.60 -24.23 18.92
C THR A 690 3.28 -24.39 18.17
N MET A 691 3.03 -25.58 17.62
CA MET A 691 1.77 -25.81 16.91
C MET A 691 0.60 -25.94 17.87
N THR A 692 0.87 -26.21 19.15
CA THR A 692 -0.18 -26.26 20.15
C THR A 692 -0.71 -24.86 20.43
N PHE A 693 0.14 -23.86 20.27
CA PHE A 693 -0.25 -22.47 20.47
C PHE A 693 -1.24 -22.00 19.40
N PHE A 694 -1.12 -22.56 18.19
CA PHE A 694 -2.00 -22.14 17.11
C PHE A 694 -3.31 -22.94 17.10
N LYS A 695 -3.36 -24.03 17.88
CA LYS A 695 -4.62 -24.71 18.09
C LYS A 695 -5.51 -23.89 19.02
N LYS A 696 -4.97 -23.50 20.16
CA LYS A 696 -5.75 -22.86 21.22
C LYS A 696 -5.85 -21.35 21.02
N SER A 697 -5.35 -20.84 19.90
CA SER A 697 -5.35 -19.42 19.63
C SER A 697 -6.73 -18.95 19.22
N LYS A 698 -7.08 -17.74 19.66
CA LYS A 698 -8.34 -17.11 19.29
C LYS A 698 -8.06 -15.80 18.57
N ILE A 699 -6.77 -15.50 18.35
CA ILE A 699 -6.39 -14.33 17.59
C ILE A 699 -6.73 -14.55 16.13
N SER A 700 -7.26 -13.51 15.47
CA SER A 700 -7.75 -13.66 14.11
C SER A 700 -6.61 -13.75 13.10
N THR A 701 -5.39 -13.43 13.53
CA THR A 701 -4.25 -13.51 12.61
C THR A 701 -3.46 -14.79 12.82
N TYR A 702 -3.83 -15.59 13.83
CA TYR A 702 -3.06 -16.80 14.12
C TYR A 702 -3.85 -18.05 13.75
N ASP A 703 -5.18 -17.99 13.84
CA ASP A 703 -5.99 -19.12 13.38
C ASP A 703 -5.98 -19.21 11.86
N LYS A 704 -5.78 -18.08 11.17
CA LYS A 704 -5.48 -18.12 9.74
C LYS A 704 -4.16 -18.82 9.46
N MET A 705 -3.17 -18.69 10.35
CA MET A 705 -1.94 -19.46 10.20
C MET A 705 -2.15 -20.93 10.51
N TRP A 706 -3.08 -21.24 11.41
CA TRP A 706 -3.42 -22.64 11.65
C TRP A 706 -4.23 -23.21 10.50
N ALA A 707 -5.02 -22.35 9.83
CA ALA A 707 -5.78 -22.80 8.66
C ALA A 707 -4.86 -23.12 7.50
N PHE A 708 -3.71 -22.44 7.43
CA PHE A 708 -2.69 -22.81 6.46
C PHE A 708 -2.03 -24.12 6.84
N MET A 709 -1.85 -24.35 8.14
CA MET A 709 -1.14 -25.55 8.59
C MET A 709 -2.07 -26.75 8.65
N SER A 710 -3.37 -26.52 8.77
CA SER A 710 -4.32 -27.63 8.72
C SER A 710 -4.61 -28.05 7.29
N SER A 711 -4.49 -27.11 6.34
CA SER A 711 -4.74 -27.43 4.95
C SER A 711 -3.56 -28.15 4.32
N ARG A 712 -2.37 -27.56 4.42
CA ARG A 712 -1.17 -28.10 3.79
C ARG A 712 -0.32 -28.94 4.74
N ARG A 713 -0.96 -29.65 5.68
CA ARG A 713 -0.29 -30.57 6.59
C ARG A 713 0.37 -31.70 5.81
N GLN A 714 1.46 -32.26 6.38
CA GLN A 714 2.44 -33.23 5.84
C GLN A 714 3.43 -32.49 4.92
N SER A 715 3.20 -31.21 4.69
CA SER A 715 4.13 -30.37 3.96
C SER A 715 4.61 -29.17 4.75
N VAL A 716 3.86 -28.70 5.75
CA VAL A 716 4.25 -27.56 6.55
C VAL A 716 4.34 -27.96 8.01
N LEU A 717 4.38 -29.26 8.28
CA LEU A 717 4.38 -29.79 9.64
C LEU A 717 5.51 -30.78 9.87
N VAL A 718 6.75 -30.37 9.57
CA VAL A 718 7.94 -31.21 9.68
C VAL A 718 8.15 -31.65 11.15
N LYS A 719 8.90 -32.73 11.35
CA LYS A 719 8.86 -33.47 12.60
C LYS A 719 9.74 -32.90 13.72
N SER A 720 10.78 -32.15 13.41
CA SER A 720 11.68 -31.68 14.46
C SER A 720 12.27 -30.34 14.05
N ASN A 721 13.08 -29.78 14.96
CA ASN A 721 13.74 -28.50 14.70
C ASN A 721 14.87 -28.64 13.70
N GLU A 722 15.46 -29.83 13.58
CA GLU A 722 16.64 -29.98 12.74
C GLU A 722 16.27 -30.04 11.26
N GLU A 723 15.19 -30.73 10.93
CA GLU A 723 14.76 -30.79 9.53
C GLU A 723 14.05 -29.50 9.11
N GLY A 724 13.55 -28.74 10.08
CA GLY A 724 12.86 -27.50 9.75
C GLY A 724 13.82 -26.40 9.33
N ILE A 725 15.06 -26.46 9.82
CA ILE A 725 16.08 -25.50 9.39
C ILE A 725 16.52 -25.82 7.96
N GLN A 726 16.58 -27.11 7.62
CA GLN A 726 17.01 -27.51 6.28
C GLN A 726 15.93 -27.20 5.24
N ARG A 727 14.69 -27.01 5.68
CA ARG A 727 13.63 -26.60 4.76
C ARG A 727 13.72 -25.12 4.44
N VAL A 728 14.14 -24.30 5.42
CA VAL A 728 14.31 -22.88 5.16
C VAL A 728 15.52 -22.65 4.29
N LEU A 729 16.55 -23.47 4.47
CA LEU A 729 17.79 -23.34 3.72
C LEU A 729 17.63 -23.69 2.24
N THR A 730 16.67 -24.56 1.90
CA THR A 730 16.45 -24.92 0.50
C THR A 730 15.26 -24.17 -0.10
N SER A 731 14.07 -24.35 0.45
CA SER A 731 12.87 -23.77 -0.13
C SER A 731 12.52 -22.44 0.52
N ASP A 732 11.33 -21.91 0.21
CA ASP A 732 10.82 -20.67 0.77
C ASP A 732 9.97 -21.01 1.99
N TYR A 733 10.63 -21.42 3.06
CA TYR A 733 10.01 -21.95 4.26
C TYR A 733 10.12 -20.88 5.35
N ALA A 734 9.17 -20.86 6.27
CA ALA A 734 9.05 -19.77 7.26
C ALA A 734 8.84 -20.37 8.65
N PHE A 735 9.74 -21.28 9.03
CA PHE A 735 9.62 -22.16 10.18
C PHE A 735 9.44 -21.45 11.53
N LEU A 736 8.40 -21.87 12.26
CA LEU A 736 8.02 -21.29 13.55
C LEU A 736 8.59 -22.10 14.70
N MET A 737 9.57 -21.58 15.42
CA MET A 737 10.11 -22.28 16.57
C MET A 737 10.38 -21.28 17.69
N GLU A 738 10.98 -21.75 18.78
CA GLU A 738 11.18 -20.89 19.93
C GLU A 738 12.39 -19.98 19.73
N SER A 739 12.38 -18.86 20.45
CA SER A 739 13.27 -17.75 20.11
C SER A 739 14.70 -18.00 20.56
N THR A 740 14.91 -18.90 21.51
CA THR A 740 16.27 -19.13 22.00
C THR A 740 17.02 -20.08 21.10
N THR A 741 16.31 -20.86 20.28
CA THR A 741 16.98 -21.68 19.29
C THR A 741 16.80 -21.10 17.89
N ILE A 742 16.37 -19.84 17.79
CA ILE A 742 16.60 -19.08 16.56
C ILE A 742 17.88 -18.28 16.68
N GLU A 743 18.06 -17.60 17.82
CA GLU A 743 19.22 -16.76 18.08
C GLU A 743 20.52 -17.55 18.15
N PHE A 744 20.41 -18.85 18.40
CA PHE A 744 21.54 -19.76 18.24
C PHE A 744 21.79 -20.08 16.77
N VAL A 745 20.73 -20.38 16.03
CA VAL A 745 20.87 -20.84 14.65
C VAL A 745 21.21 -19.68 13.73
N THR A 746 20.57 -18.53 13.95
CA THR A 746 20.78 -17.33 13.13
C THR A 746 22.22 -16.82 13.25
N GLN A 747 22.78 -16.91 14.45
CA GLN A 747 24.05 -16.24 14.70
C GLN A 747 25.25 -17.13 14.39
N ARG A 748 25.04 -18.42 14.14
CA ARG A 748 26.12 -19.26 13.59
C ARG A 748 25.86 -19.64 12.14
N ASN A 749 24.83 -19.04 11.53
CA ASN A 749 24.52 -19.28 10.12
C ASN A 749 23.93 -18.00 9.54
N CYS A 750 24.76 -17.17 8.92
CA CYS A 750 24.35 -15.83 8.51
C CYS A 750 23.65 -15.80 7.15
N ASN A 751 23.16 -16.95 6.69
CA ASN A 751 22.18 -16.99 5.61
C ASN A 751 20.76 -17.01 6.14
N LEU A 752 20.61 -17.07 7.46
CA LEU A 752 19.33 -17.19 8.14
C LEU A 752 19.09 -15.96 8.99
N THR A 753 17.81 -15.64 9.20
CA THR A 753 17.46 -14.45 9.95
C THR A 753 16.21 -14.72 10.76
N GLN A 754 15.90 -13.80 11.66
CA GLN A 754 14.70 -13.82 12.49
C GLN A 754 13.83 -12.65 12.08
N ILE A 755 12.72 -12.94 11.41
CA ILE A 755 11.82 -11.86 11.00
C ILE A 755 10.65 -11.80 11.98
N GLY A 756 10.27 -10.59 12.36
CA GLY A 756 9.19 -10.38 13.28
C GLY A 756 9.71 -10.30 14.69
N GLY A 757 8.81 -10.43 15.65
CA GLY A 757 9.18 -10.42 17.05
C GLY A 757 8.62 -11.64 17.75
N LEU A 758 8.61 -11.56 19.08
CA LEU A 758 8.09 -12.66 19.89
C LEU A 758 6.57 -12.69 19.85
N ILE A 759 6.00 -13.87 19.60
CA ILE A 759 4.56 -14.05 19.61
C ILE A 759 4.07 -14.51 20.97
N ASP A 760 4.57 -15.66 21.44
CA ASP A 760 4.25 -16.19 22.75
C ASP A 760 5.27 -15.63 23.74
N SER A 761 5.13 -15.95 25.03
CA SER A 761 6.12 -15.55 26.00
C SER A 761 6.26 -16.60 27.09
N LYS A 762 7.20 -17.53 26.91
CA LYS A 762 7.42 -18.61 27.85
C LYS A 762 8.63 -18.26 28.70
N GLY A 763 9.05 -19.20 29.54
CA GLY A 763 10.23 -18.98 30.36
C GLY A 763 10.80 -20.29 30.85
N TYR A 764 12.11 -20.41 30.72
CA TYR A 764 12.84 -21.59 31.17
C TYR A 764 13.08 -21.48 32.66
N GLY A 765 12.69 -22.49 33.42
CA GLY A 765 12.89 -22.44 34.85
C GLY A 765 13.52 -23.69 35.40
N VAL A 766 14.35 -23.54 36.44
CA VAL A 766 14.98 -24.66 37.12
C VAL A 766 13.92 -25.43 37.89
N GLY A 767 13.68 -26.68 37.51
CA GLY A 767 12.63 -27.45 38.14
C GLY A 767 13.03 -28.02 39.49
N THR A 768 12.04 -28.23 40.35
CA THR A 768 12.19 -28.81 41.68
C THR A 768 10.99 -29.74 41.89
N PRO A 769 11.10 -30.73 42.79
CA PRO A 769 9.91 -31.53 43.12
C PRO A 769 8.89 -30.71 43.92
N MET A 770 7.67 -31.23 43.99
CA MET A 770 6.54 -30.50 44.55
C MET A 770 6.72 -30.25 46.05
N GLY A 771 7.01 -29.00 46.39
CA GLY A 771 7.22 -28.64 47.78
C GLY A 771 8.66 -28.75 48.24
N SER A 772 9.62 -28.59 47.34
CA SER A 772 11.02 -28.75 47.73
C SER A 772 11.53 -27.48 48.39
N PRO A 773 12.44 -27.58 49.36
CA PRO A 773 13.03 -26.36 49.94
C PRO A 773 13.94 -25.60 48.99
N TYR A 774 14.46 -26.24 47.94
CA TYR A 774 15.43 -25.59 47.07
C TYR A 774 14.75 -24.65 46.07
N ARG A 775 13.42 -24.63 46.04
CA ARG A 775 12.71 -23.73 45.13
C ARG A 775 12.90 -22.28 45.53
N ASP A 776 12.82 -21.98 46.82
CA ASP A 776 12.90 -20.61 47.29
C ASP A 776 14.35 -20.13 47.36
N LYS A 777 15.29 -21.05 47.55
CA LYS A 777 16.69 -20.64 47.56
C LYS A 777 17.19 -20.36 46.15
N ILE A 778 16.78 -21.16 45.15
CA ILE A 778 17.27 -20.96 43.80
C ILE A 778 16.60 -19.75 43.15
N THR A 779 15.34 -19.48 43.50
CA THR A 779 14.67 -18.27 43.05
C THR A 779 15.40 -17.02 43.52
N ILE A 780 15.92 -17.04 44.75
CA ILE A 780 16.77 -15.95 45.22
C ILE A 780 18.17 -16.07 44.60
N ALA A 781 18.60 -17.29 44.25
CA ALA A 781 19.95 -17.44 43.71
C ALA A 781 20.00 -17.08 42.23
N ILE A 782 18.97 -17.43 41.46
CA ILE A 782 18.90 -17.01 40.06
C ILE A 782 18.81 -15.49 39.97
N LEU A 783 18.06 -14.89 40.89
CA LEU A 783 17.79 -13.47 40.80
C LEU A 783 18.97 -12.65 41.32
N GLN A 784 19.84 -13.27 42.13
CA GLN A 784 21.09 -12.62 42.50
C GLN A 784 22.04 -12.54 41.32
N LEU A 785 22.06 -13.57 40.48
CA LEU A 785 22.91 -13.58 39.29
C LEU A 785 22.38 -12.65 38.20
N GLN A 786 21.12 -12.26 38.25
CA GLN A 786 20.62 -11.29 37.27
C GLN A 786 21.04 -9.88 37.64
N GLU A 787 21.09 -9.58 38.94
CA GLU A 787 21.39 -8.22 39.38
C GLU A 787 22.87 -7.91 39.24
N GLU A 788 23.72 -8.93 39.35
CA GLU A 788 25.15 -8.72 39.11
C GLU A 788 25.52 -9.09 37.68
N GLY A 789 24.51 -9.28 36.83
CA GLY A 789 24.71 -9.45 35.40
C GLY A 789 25.37 -10.74 34.96
N LYS A 790 25.20 -11.85 35.69
CA LYS A 790 25.80 -13.10 35.27
C LYS A 790 25.02 -13.74 34.13
N LEU A 791 23.69 -13.66 34.17
CA LEU A 791 22.85 -14.38 33.20
C LEU A 791 22.86 -13.72 31.83
N HIS A 792 23.44 -12.52 31.70
CA HIS A 792 23.63 -11.99 30.36
C HIS A 792 25.03 -12.31 29.84
N MET A 793 26.01 -12.39 30.74
CA MET A 793 27.36 -12.72 30.33
C MET A 793 27.49 -14.20 30.00
N MET A 794 26.57 -15.02 30.50
CA MET A 794 26.55 -16.43 30.15
C MET A 794 25.84 -16.66 28.82
N LYS A 795 24.81 -15.86 28.53
CA LYS A 795 24.11 -15.99 27.25
C LYS A 795 24.97 -15.49 26.12
N GLU A 796 25.81 -14.49 26.38
CA GLU A 796 26.68 -13.93 25.35
C GLU A 796 27.95 -14.76 25.19
N LYS A 797 28.11 -15.80 26.01
CA LYS A 797 29.25 -16.70 25.82
C LYS A 797 28.87 -17.87 24.91
N TRP A 798 27.61 -18.30 24.99
CA TRP A 798 27.18 -19.51 24.31
C TRP A 798 26.36 -19.25 23.06
N TRP A 799 25.59 -18.17 23.01
CA TRP A 799 24.80 -17.82 21.84
C TRP A 799 25.53 -16.91 20.87
N ARG A 800 26.75 -16.46 21.19
CA ARG A 800 27.45 -15.51 20.33
C ARG A 800 28.09 -16.18 19.13
N GLY A 801 29.00 -17.12 19.37
CA GLY A 801 29.60 -17.87 18.28
C GLY A 801 30.70 -17.13 17.53
N ASN A 802 30.88 -17.49 16.26
CA ASN A 802 31.94 -16.95 15.43
C ASN A 802 31.68 -15.51 14.99
N GLY A 803 32.57 -14.98 14.16
CA GLY A 803 32.43 -13.64 13.61
C GLY A 803 31.17 -13.45 12.79
N CYS A 804 30.96 -14.34 11.81
CA CYS A 804 29.75 -14.49 11.00
C CYS A 804 29.38 -13.18 10.31
N PRO A 805 29.94 -12.90 9.11
CA PRO A 805 30.08 -11.52 8.56
C PRO A 805 28.84 -10.64 8.39
N GLU A 806 27.73 -10.94 9.08
CA GLU A 806 26.41 -10.30 9.01
C GLU A 806 26.33 -8.78 9.09
N GLU A 807 27.46 -8.10 9.37
CA GLU A 807 27.63 -6.65 9.34
C GLU A 807 26.90 -5.98 8.16
N GLU A 808 27.26 -6.39 6.94
CA GLU A 808 26.42 -6.43 5.73
C GLU A 808 25.43 -5.28 5.55
N SER A 809 25.94 -4.06 5.44
CA SER A 809 25.09 -2.87 5.48
C SER A 809 24.25 -2.74 4.23
N LYS A 810 23.14 -3.48 4.19
CA LYS A 810 22.25 -3.47 3.04
C LYS A 810 21.50 -2.14 2.94
N GLU A 811 21.65 -1.48 1.79
CA GLU A 811 20.92 -0.26 1.51
C GLU A 811 20.28 -0.39 0.13
N ALA A 812 19.52 0.61 -0.29
CA ALA A 812 18.83 0.54 -1.58
C ALA A 812 18.56 1.90 -2.17
N SER A 813 18.16 1.92 -3.44
CA SER A 813 17.51 3.03 -4.15
C SER A 813 18.42 4.21 -4.45
N ALA A 814 19.65 4.21 -3.97
CA ALA A 814 20.63 5.15 -4.48
C ALA A 814 21.36 4.46 -5.62
N LEU A 815 21.18 4.98 -6.85
CA LEU A 815 21.69 4.32 -8.04
C LEU A 815 23.21 4.33 -8.07
N GLY A 816 23.81 3.14 -8.07
CA GLY A 816 25.25 3.03 -7.97
C GLY A 816 25.82 2.35 -9.19
N VAL A 817 26.98 1.74 -9.01
CA VAL A 817 27.69 1.07 -10.10
C VAL A 817 27.01 -0.25 -10.41
N GLN A 818 26.44 -0.88 -9.37
CA GLN A 818 25.87 -2.22 -9.48
C GLN A 818 24.57 -2.27 -10.27
N ASN A 819 23.94 -1.11 -10.54
CA ASN A 819 22.68 -1.14 -11.27
C ASN A 819 22.65 -0.15 -12.43
N ILE A 820 23.47 0.90 -12.39
CA ILE A 820 23.76 1.63 -13.63
C ILE A 820 25.27 1.72 -13.79
N GLY A 821 25.84 0.68 -14.41
CA GLY A 821 27.27 0.63 -14.65
C GLY A 821 27.58 0.15 -16.04
N GLY A 822 26.56 -0.34 -16.73
CA GLY A 822 26.76 -0.78 -18.10
C GLY A 822 26.69 0.36 -19.09
N ILE A 823 26.34 1.55 -18.61
CA ILE A 823 26.41 2.73 -19.46
C ILE A 823 27.83 3.29 -19.41
N PHE A 824 28.64 2.78 -18.47
CA PHE A 824 30.07 3.06 -18.47
C PHE A 824 30.81 2.13 -19.42
N ILE A 825 30.30 0.90 -19.58
CA ILE A 825 30.94 -0.06 -20.47
C ILE A 825 30.69 0.30 -21.93
N VAL A 826 29.43 0.61 -22.27
CA VAL A 826 29.11 0.95 -23.65
C VAL A 826 29.62 2.36 -24.00
N LEU A 827 29.89 3.19 -22.98
CA LEU A 827 30.70 4.38 -23.21
C LEU A 827 32.12 4.00 -23.59
N ALA A 828 32.73 3.09 -22.83
CA ALA A 828 34.11 2.70 -23.09
C ALA A 828 34.20 1.85 -24.36
N ALA A 829 33.16 1.09 -24.67
CA ALA A 829 33.17 0.29 -25.89
C ALA A 829 32.94 1.14 -27.13
N GLY A 830 32.37 2.33 -26.94
CA GLY A 830 32.16 3.22 -28.07
C GLY A 830 33.36 4.11 -28.34
N LEU A 831 34.19 4.33 -27.30
CA LEU A 831 35.39 5.13 -27.47
C LEU A 831 36.57 4.30 -27.94
N VAL A 832 36.55 2.99 -27.69
CA VAL A 832 37.56 2.12 -28.29
C VAL A 832 37.30 1.96 -29.78
N LEU A 833 36.02 1.82 -30.15
CA LEU A 833 35.64 1.68 -31.56
C LEU A 833 35.92 2.94 -32.37
N SER A 834 35.82 4.11 -31.76
CA SER A 834 35.97 5.35 -32.50
C SER A 834 37.45 5.65 -32.79
N VAL A 835 38.35 5.11 -31.99
CA VAL A 835 39.78 5.21 -32.26
C VAL A 835 40.08 4.37 -33.49
N PHE A 836 39.41 3.22 -33.61
CA PHE A 836 39.66 2.30 -34.72
C PHE A 836 39.13 2.86 -36.04
N VAL A 837 38.21 3.83 -35.97
CA VAL A 837 37.75 4.49 -37.18
C VAL A 837 38.64 5.70 -37.48
N ALA A 838 39.19 6.33 -36.45
CA ALA A 838 40.12 7.44 -36.65
C ALA A 838 41.44 6.96 -37.23
N VAL A 839 41.82 5.72 -36.94
CA VAL A 839 42.93 5.07 -37.61
C VAL A 839 42.50 4.78 -39.04
N GLY A 840 41.24 4.38 -39.20
CA GLY A 840 40.73 4.04 -40.52
C GLY A 840 40.51 5.26 -41.41
N GLU A 841 40.38 6.44 -40.80
CA GLU A 841 40.24 7.66 -41.58
C GLU A 841 41.62 8.23 -41.95
N PHE A 842 42.58 8.13 -41.04
CA PHE A 842 43.90 8.71 -41.28
C PHE A 842 44.68 7.90 -42.31
N LEU A 843 44.39 6.61 -42.40
CA LEU A 843 45.01 5.80 -43.44
C LEU A 843 44.33 6.01 -44.78
N TYR A 844 43.00 6.13 -44.79
CA TYR A 844 42.25 6.23 -46.04
C TYR A 844 42.49 7.56 -46.73
N LYS A 845 42.81 8.61 -45.97
CA LYS A 845 43.18 9.88 -46.58
C LYS A 845 44.56 9.79 -47.19
N SER A 846 45.52 9.23 -46.46
CA SER A 846 46.90 9.14 -46.94
C SER A 846 47.05 8.16 -48.09
N LYS A 847 46.17 7.15 -48.16
CA LYS A 847 46.16 6.25 -49.30
C LYS A 847 45.55 6.91 -50.52
N LYS A 848 44.79 7.98 -50.31
CA LYS A 848 44.32 8.80 -51.42
C LYS A 848 45.40 9.79 -51.85
N ASN A 849 46.12 10.35 -50.88
CA ASN A 849 47.18 11.31 -51.17
C ASN A 849 48.37 10.65 -51.86
N ALA A 850 48.80 9.50 -51.36
CA ALA A 850 49.93 8.80 -51.95
C ALA A 850 49.54 8.10 -53.25
N ARG B 431 -34.14 -40.47 19.66
CA ARG B 431 -34.34 -41.26 18.46
C ARG B 431 -33.52 -40.64 17.33
N SER B 432 -32.80 -41.48 16.59
CA SER B 432 -32.02 -41.01 15.46
C SER B 432 -32.92 -40.75 14.26
N LEU B 433 -32.99 -39.49 13.85
CA LEU B 433 -33.82 -39.07 12.71
C LEU B 433 -32.94 -39.03 11.48
N ILE B 434 -33.50 -39.42 10.34
CA ILE B 434 -32.75 -39.74 9.13
C ILE B 434 -32.57 -38.53 8.21
N VAL B 435 -31.51 -37.77 8.44
CA VAL B 435 -31.20 -36.56 7.68
C VAL B 435 -30.79 -36.90 6.24
N THR B 436 -31.55 -36.40 5.26
CA THR B 436 -31.14 -36.58 3.87
C THR B 436 -30.18 -35.46 3.47
N THR B 437 -29.43 -35.67 2.38
CA THR B 437 -28.30 -34.82 2.01
C THR B 437 -27.87 -35.09 0.56
N ILE B 438 -27.68 -34.03 -0.23
CA ILE B 438 -27.04 -34.12 -1.53
C ILE B 438 -25.62 -33.56 -1.37
N LEU B 439 -24.72 -33.96 -2.26
CA LEU B 439 -23.32 -33.54 -2.17
C LEU B 439 -23.06 -32.32 -3.04
N GLU B 440 -22.67 -31.23 -2.40
CA GLU B 440 -22.14 -30.07 -3.11
C GLU B 440 -20.94 -29.54 -2.35
N GLU B 441 -20.19 -28.81 -2.99
CA GLU B 441 -19.00 -28.22 -2.39
C GLU B 441 -19.21 -26.73 -2.19
N PRO B 442 -18.87 -26.17 -1.02
CA PRO B 442 -18.28 -26.76 0.18
C PRO B 442 -19.31 -27.22 1.19
N TYR B 443 -20.47 -27.66 0.72
CA TYR B 443 -21.56 -27.97 1.63
C TYR B 443 -21.35 -29.32 2.30
N VAL B 444 -21.33 -30.40 1.52
CA VAL B 444 -21.11 -31.76 2.01
C VAL B 444 -20.12 -32.42 1.08
N LEU B 445 -18.96 -32.80 1.60
CA LEU B 445 -17.90 -33.43 0.83
C LEU B 445 -17.56 -34.81 1.37
N PHE B 446 -16.66 -35.50 0.68
CA PHE B 446 -16.05 -36.72 1.22
C PHE B 446 -14.77 -36.34 1.96
N LYS B 447 -14.70 -36.69 3.25
CA LYS B 447 -13.45 -36.57 4.00
C LYS B 447 -12.55 -37.75 3.64
N LYS B 448 -11.25 -37.51 3.52
CA LYS B 448 -10.30 -38.54 3.11
C LYS B 448 -9.08 -38.47 4.03
N SER B 449 -8.85 -39.49 4.84
CA SER B 449 -7.53 -39.55 5.45
C SER B 449 -6.73 -40.79 5.07
N ASP B 450 -7.10 -41.97 5.59
CA ASP B 450 -6.46 -43.20 5.15
C ASP B 450 -7.36 -44.43 5.19
N LYS B 451 -8.38 -44.43 6.05
CA LYS B 451 -8.90 -45.68 6.60
C LYS B 451 -10.12 -46.22 5.83
N PRO B 452 -10.32 -47.55 5.81
CA PRO B 452 -11.50 -48.11 5.14
C PRO B 452 -12.81 -47.97 5.92
N LEU B 453 -12.80 -48.23 7.22
CA LEU B 453 -14.04 -48.31 7.99
C LEU B 453 -14.59 -46.91 8.30
N TYR B 454 -15.86 -46.69 7.95
CA TYR B 454 -16.43 -45.35 7.95
C TYR B 454 -17.80 -45.25 8.63
N GLY B 455 -18.41 -44.07 8.51
CA GLY B 455 -19.76 -43.80 8.96
C GLY B 455 -19.83 -42.50 9.73
N ASN B 456 -20.59 -41.53 9.19
CA ASN B 456 -20.77 -40.17 9.73
C ASN B 456 -19.49 -39.39 9.99
N ASP B 457 -18.37 -39.82 9.43
CA ASP B 457 -17.11 -39.09 9.46
C ASP B 457 -16.59 -39.03 8.04
N ARG B 458 -17.34 -39.63 7.12
CA ARG B 458 -17.11 -39.43 5.69
C ARG B 458 -17.31 -37.97 5.29
N PHE B 459 -18.18 -37.25 6.00
CA PHE B 459 -18.75 -36.01 5.54
C PHE B 459 -18.21 -34.83 6.34
N GLU B 460 -17.85 -33.77 5.62
CA GLU B 460 -17.47 -32.51 6.23
C GLU B 460 -17.97 -31.38 5.35
N GLY B 461 -18.03 -30.18 5.92
CA GLY B 461 -18.42 -29.01 5.15
C GLY B 461 -19.29 -28.03 5.90
N TYR B 462 -20.02 -27.20 5.16
CA TYR B 462 -20.88 -26.21 5.77
C TYR B 462 -22.12 -26.86 6.38
N CYS B 463 -22.76 -27.75 5.62
CA CYS B 463 -24.01 -28.34 6.08
C CYS B 463 -23.79 -29.40 7.14
N ILE B 464 -22.56 -29.86 7.32
CA ILE B 464 -22.26 -30.78 8.41
C ILE B 464 -21.91 -30.01 9.68
N ASP B 465 -21.19 -28.89 9.55
CA ASP B 465 -20.96 -28.02 10.70
C ASP B 465 -22.24 -27.34 11.14
N LEU B 466 -23.18 -27.13 10.22
CA LEU B 466 -24.50 -26.63 10.60
C LEU B 466 -25.26 -27.68 11.38
N LEU B 467 -25.16 -28.94 10.95
CA LEU B 467 -26.00 -29.99 11.52
C LEU B 467 -25.51 -30.43 12.89
N ARG B 468 -24.19 -30.39 13.10
CA ARG B 468 -23.66 -30.80 14.41
C ARG B 468 -23.75 -29.67 15.42
N GLU B 469 -23.99 -28.44 14.95
CA GLU B 469 -24.26 -27.35 15.87
C GLU B 469 -25.75 -27.18 16.12
N LEU B 470 -26.59 -27.78 15.28
CA LEU B 470 -28.00 -27.89 15.64
C LEU B 470 -28.24 -29.04 16.60
N SER B 471 -27.51 -30.14 16.43
CA SER B 471 -27.66 -31.29 17.32
C SER B 471 -27.11 -30.99 18.71
N THR B 472 -26.13 -30.10 18.80
CA THR B 472 -25.68 -29.60 20.09
C THR B 472 -26.73 -28.74 20.77
N ILE B 473 -27.42 -27.90 20.02
CA ILE B 473 -28.43 -27.01 20.60
C ILE B 473 -29.79 -27.66 20.76
N LEU B 474 -30.31 -28.38 19.76
CA LEU B 474 -31.64 -28.97 19.86
C LEU B 474 -31.62 -30.33 20.56
N GLY B 475 -30.52 -31.07 20.49
CA GLY B 475 -30.42 -32.31 21.25
C GLY B 475 -30.42 -33.57 20.41
N PHE B 476 -30.87 -33.46 19.15
CA PHE B 476 -31.06 -34.63 18.29
C PHE B 476 -29.75 -35.28 17.86
N THR B 477 -29.84 -36.35 17.05
CA THR B 477 -28.67 -37.02 16.50
C THR B 477 -28.80 -37.17 15.00
N TYR B 478 -27.68 -37.03 14.29
CA TYR B 478 -27.50 -37.40 12.88
C TYR B 478 -27.33 -38.91 12.75
N GLU B 479 -26.59 -39.38 11.72
CA GLU B 479 -26.89 -40.43 10.72
C GLU B 479 -27.47 -39.79 9.48
N ILE B 480 -26.70 -38.84 8.93
CA ILE B 480 -26.80 -38.40 7.54
C ILE B 480 -26.82 -39.61 6.62
N ARG B 481 -27.86 -39.74 5.82
CA ARG B 481 -27.89 -40.72 4.73
C ARG B 481 -28.14 -39.93 3.45
N LEU B 482 -27.52 -40.37 2.36
CA LEU B 482 -27.52 -39.57 1.15
C LEU B 482 -28.81 -39.71 0.36
N VAL B 483 -29.03 -38.78 -0.56
CA VAL B 483 -30.22 -38.78 -1.42
C VAL B 483 -29.96 -39.72 -2.60
N GLU B 484 -31.01 -40.35 -3.11
CA GLU B 484 -30.93 -41.11 -4.34
C GLU B 484 -31.35 -40.22 -5.49
N ASP B 485 -30.96 -40.62 -6.72
CA ASP B 485 -31.27 -39.99 -8.01
C ASP B 485 -30.64 -38.59 -8.11
N GLY B 486 -29.69 -38.27 -7.23
CA GLY B 486 -28.85 -37.08 -7.25
C GLY B 486 -29.47 -35.73 -7.53
N LYS B 487 -30.73 -35.53 -7.14
CA LYS B 487 -31.51 -34.37 -7.55
C LYS B 487 -32.07 -33.71 -6.29
N TYR B 488 -32.14 -32.38 -6.30
CA TYR B 488 -32.73 -31.63 -5.19
C TYR B 488 -34.22 -31.88 -5.10
N GLY B 489 -34.95 -31.46 -6.13
CA GLY B 489 -36.39 -31.64 -6.18
C GLY B 489 -37.06 -30.93 -7.32
N ALA B 490 -37.96 -31.62 -8.00
CA ALA B 490 -38.73 -31.06 -9.10
C ALA B 490 -39.97 -31.93 -9.29
N GLN B 491 -41.00 -31.33 -9.86
CA GLN B 491 -42.26 -32.02 -10.09
C GLN B 491 -42.35 -32.43 -11.56
N ASP B 492 -42.66 -33.71 -11.78
CA ASP B 492 -42.74 -34.22 -13.15
C ASP B 492 -43.98 -33.68 -13.84
N ASP B 493 -43.87 -33.43 -15.14
CA ASP B 493 -44.90 -32.72 -15.89
C ASP B 493 -46.04 -33.62 -16.33
N VAL B 494 -45.84 -34.93 -16.43
CA VAL B 494 -46.89 -35.84 -16.87
C VAL B 494 -47.31 -36.77 -15.75
N ASN B 495 -46.37 -37.17 -14.89
CA ASN B 495 -46.73 -38.03 -13.76
C ASN B 495 -47.33 -37.21 -12.62
N GLY B 496 -46.65 -36.13 -12.24
CA GLY B 496 -47.06 -35.35 -11.08
C GLY B 496 -46.44 -35.89 -9.81
N GLN B 497 -45.18 -36.32 -9.91
CA GLN B 497 -44.47 -36.86 -8.76
C GLN B 497 -43.16 -36.09 -8.59
N TRP B 498 -42.47 -36.38 -7.49
CA TRP B 498 -41.30 -35.61 -7.11
C TRP B 498 -40.03 -36.45 -7.22
N ASN B 499 -38.87 -35.80 -7.25
CA ASN B 499 -37.61 -36.48 -7.47
C ASN B 499 -36.53 -35.99 -6.51
N GLY B 500 -36.05 -36.86 -5.64
CA GLY B 500 -34.89 -36.50 -4.82
C GLY B 500 -35.19 -36.25 -3.37
N MET B 501 -34.82 -35.07 -2.86
CA MET B 501 -34.98 -34.80 -1.44
C MET B 501 -36.43 -34.53 -1.08
N VAL B 502 -37.14 -33.73 -1.89
CA VAL B 502 -38.51 -33.37 -1.53
C VAL B 502 -39.47 -34.53 -1.84
N ARG B 503 -39.00 -35.55 -2.56
CA ARG B 503 -39.74 -36.81 -2.61
C ARG B 503 -39.42 -37.66 -1.40
N GLU B 504 -38.22 -37.51 -0.85
CA GLU B 504 -37.83 -38.27 0.33
C GLU B 504 -38.42 -37.65 1.59
N LEU B 505 -38.84 -36.38 1.49
CA LEU B 505 -39.45 -35.71 2.63
C LEU B 505 -40.97 -35.89 2.64
N ILE B 506 -41.60 -35.91 1.46
CA ILE B 506 -43.05 -36.06 1.37
C ILE B 506 -43.50 -37.46 1.73
N ASP B 507 -42.63 -38.47 1.62
CA ASP B 507 -43.00 -39.86 1.84
C ASP B 507 -42.41 -40.34 3.16
N HIS B 508 -41.90 -39.38 3.93
CA HIS B 508 -41.32 -39.55 5.27
C HIS B 508 -40.18 -40.55 5.30
N LYS B 509 -39.46 -40.69 4.19
CA LYS B 509 -38.22 -41.45 4.14
C LYS B 509 -37.03 -40.64 4.62
N ALA B 510 -37.26 -39.42 5.07
CA ALA B 510 -36.26 -38.61 5.74
C ALA B 510 -36.98 -37.71 6.74
N ASP B 511 -36.22 -37.15 7.66
CA ASP B 511 -36.81 -36.22 8.63
C ASP B 511 -36.27 -34.81 8.56
N LEU B 512 -35.00 -34.60 8.19
CA LEU B 512 -34.52 -33.26 7.86
C LEU B 512 -33.96 -33.26 6.45
N ALA B 513 -33.60 -32.08 5.95
CA ALA B 513 -33.04 -31.97 4.61
C ALA B 513 -31.91 -30.94 4.58
N VAL B 514 -30.97 -31.02 5.52
CA VAL B 514 -29.94 -29.99 5.64
C VAL B 514 -29.00 -30.08 4.46
N ALA B 515 -29.18 -29.17 3.51
CA ALA B 515 -28.58 -29.21 2.18
C ALA B 515 -28.81 -27.85 1.54
N PRO B 516 -28.21 -27.55 0.37
CA PRO B 516 -28.64 -26.36 -0.38
C PRO B 516 -30.01 -26.53 -1.03
N LEU B 517 -31.06 -26.53 -0.21
CA LEU B 517 -32.41 -26.70 -0.70
C LEU B 517 -33.11 -25.35 -0.64
N ALA B 518 -33.18 -24.70 -1.80
CA ALA B 518 -33.63 -23.32 -1.91
C ALA B 518 -35.13 -23.22 -1.70
N ILE B 519 -35.54 -22.21 -0.94
CA ILE B 519 -36.94 -22.00 -0.64
C ILE B 519 -37.64 -21.43 -1.86
N THR B 520 -38.57 -22.20 -2.42
CA THR B 520 -39.35 -21.73 -3.55
C THR B 520 -40.82 -22.02 -3.29
N TYR B 521 -41.68 -21.45 -4.14
CA TYR B 521 -43.13 -21.51 -3.94
C TYR B 521 -43.70 -22.91 -4.07
N VAL B 522 -43.15 -23.70 -5.00
CA VAL B 522 -43.75 -25.00 -5.28
C VAL B 522 -43.36 -26.02 -4.22
N ARG B 523 -42.15 -25.87 -3.66
CA ARG B 523 -41.72 -26.78 -2.59
C ARG B 523 -42.35 -26.41 -1.26
N GLU B 524 -42.66 -25.13 -1.05
CA GLU B 524 -43.26 -24.69 0.21
C GLU B 524 -44.70 -25.19 0.35
N LYS B 525 -45.39 -25.39 -0.79
CA LYS B 525 -46.73 -25.96 -0.74
C LYS B 525 -46.73 -27.47 -0.50
N VAL B 526 -45.54 -28.09 -0.47
CA VAL B 526 -45.42 -29.54 -0.40
C VAL B 526 -44.64 -30.00 0.83
N ILE B 527 -43.48 -29.40 1.08
CA ILE B 527 -42.77 -29.66 2.32
C ILE B 527 -42.76 -28.36 3.12
N ASP B 528 -42.22 -28.42 4.34
CA ASP B 528 -42.14 -27.23 5.20
C ASP B 528 -40.68 -26.91 5.44
N PHE B 529 -40.30 -25.69 5.12
CA PHE B 529 -38.93 -25.22 5.31
C PHE B 529 -38.80 -24.51 6.65
N SER B 530 -37.56 -24.40 7.11
CA SER B 530 -37.27 -23.53 8.24
C SER B 530 -37.01 -22.13 7.71
N LYS B 531 -36.60 -21.22 8.58
CA LYS B 531 -36.20 -19.91 8.10
C LYS B 531 -34.79 -20.00 7.52
N PRO B 532 -34.43 -19.12 6.55
CA PRO B 532 -33.13 -19.27 5.86
C PRO B 532 -31.89 -19.18 6.71
N PHE B 533 -30.86 -19.94 6.32
CA PHE B 533 -29.54 -19.81 6.91
C PHE B 533 -28.50 -19.24 5.95
N MET B 534 -28.82 -19.17 4.65
CA MET B 534 -27.98 -18.45 3.69
C MET B 534 -28.86 -17.62 2.79
N THR B 535 -28.37 -16.47 2.36
CA THR B 535 -29.07 -15.58 1.45
C THR B 535 -28.28 -15.49 0.16
N LEU B 536 -28.97 -15.58 -0.97
CA LEU B 536 -28.31 -15.59 -2.25
C LEU B 536 -29.26 -15.14 -3.36
N GLY B 537 -28.74 -15.13 -4.57
CA GLY B 537 -29.51 -14.76 -5.73
C GLY B 537 -28.77 -15.12 -7.00
N ILE B 538 -29.22 -14.53 -8.09
CA ILE B 538 -28.50 -14.69 -9.36
C ILE B 538 -27.45 -13.60 -9.48
N SER B 539 -26.25 -13.99 -9.89
CA SER B 539 -25.18 -13.04 -10.13
C SER B 539 -24.37 -13.51 -11.33
N ILE B 540 -23.31 -12.78 -11.64
CA ILE B 540 -22.60 -12.92 -12.91
C ILE B 540 -21.14 -13.26 -12.66
N LEU B 541 -20.67 -14.36 -13.24
CA LEU B 541 -19.23 -14.57 -13.42
C LEU B 541 -18.74 -13.89 -14.67
N TYR B 542 -17.52 -13.37 -14.58
CA TYR B 542 -16.80 -12.83 -15.73
C TYR B 542 -15.32 -12.91 -15.39
N ARG B 543 -14.50 -12.99 -16.44
CA ARG B 543 -13.06 -13.11 -16.26
C ARG B 543 -12.51 -11.78 -15.73
N LYS B 544 -11.59 -11.87 -14.77
CA LYS B 544 -11.04 -10.69 -14.12
C LYS B 544 -10.22 -9.88 -15.12
N PRO B 545 -10.31 -8.53 -15.12
CA PRO B 545 -9.53 -7.70 -16.05
C PRO B 545 -8.03 -7.90 -15.94
N ASN B 546 -7.35 -7.91 -17.08
CA ASN B 546 -6.01 -8.50 -17.13
C ASN B 546 -4.93 -7.47 -17.43
N GLY B 547 -5.19 -6.56 -18.37
CA GLY B 547 -4.21 -5.56 -18.74
C GLY B 547 -3.10 -6.12 -19.59
N THR B 548 -3.41 -7.07 -20.47
CA THR B 548 -2.44 -7.60 -21.40
C THR B 548 -2.62 -7.10 -22.81
N ASN B 549 -3.79 -6.55 -23.14
CA ASN B 549 -3.98 -5.78 -24.37
C ASN B 549 -4.61 -4.45 -24.02
N PRO B 550 -3.80 -3.48 -23.58
CA PRO B 550 -4.37 -2.17 -23.20
C PRO B 550 -4.73 -1.30 -24.39
N GLY B 551 -4.50 -1.76 -25.61
CA GLY B 551 -4.60 -0.93 -26.79
C GLY B 551 -3.21 -0.69 -27.34
N VAL B 552 -3.10 -0.49 -28.65
CA VAL B 552 -1.79 -0.34 -29.26
C VAL B 552 -1.44 1.14 -29.25
N PHE B 553 -2.40 1.98 -28.89
CA PHE B 553 -2.19 3.41 -28.68
C PHE B 553 -2.29 3.78 -27.20
N SER B 554 -1.70 2.95 -26.34
CA SER B 554 -1.81 3.17 -24.90
C SER B 554 -0.85 4.25 -24.42
N PHE B 555 0.02 4.75 -25.30
CA PHE B 555 0.90 5.85 -24.95
C PHE B 555 0.12 7.16 -24.89
N LEU B 556 -1.06 7.18 -25.51
CA LEU B 556 -1.86 8.37 -25.67
C LEU B 556 -2.68 8.71 -24.44
N ASN B 557 -2.83 7.76 -23.52
CA ASN B 557 -3.65 7.85 -22.32
C ASN B 557 -3.34 8.95 -21.28
N PRO B 558 -2.03 9.31 -20.94
CA PRO B 558 -1.82 10.27 -19.83
C PRO B 558 -2.35 11.67 -20.03
N LEU B 559 -2.67 12.06 -21.25
CA LEU B 559 -3.39 13.29 -21.51
C LEU B 559 -4.74 12.95 -22.12
N SER B 560 -5.76 13.70 -21.72
CA SER B 560 -7.10 13.52 -22.24
C SER B 560 -7.19 13.96 -23.68
N PRO B 561 -8.14 13.42 -24.46
CA PRO B 561 -8.23 13.83 -25.88
C PRO B 561 -8.70 15.26 -26.10
N ASP B 562 -9.16 15.94 -25.05
CA ASP B 562 -9.32 17.38 -25.12
C ASP B 562 -7.96 18.07 -25.16
N ILE B 563 -7.01 17.56 -24.36
CA ILE B 563 -5.68 18.17 -24.29
C ILE B 563 -4.88 17.89 -25.55
N TRP B 564 -5.02 16.69 -26.12
CA TRP B 564 -4.28 16.36 -27.34
C TRP B 564 -4.73 17.19 -28.53
N MET B 565 -5.99 17.64 -28.51
CA MET B 565 -6.44 18.55 -29.55
C MET B 565 -6.04 20.00 -29.25
N TYR B 566 -6.06 20.39 -27.97
CA TYR B 566 -5.82 21.79 -27.65
C TYR B 566 -4.34 22.13 -27.73
N VAL B 567 -3.47 21.13 -27.61
CA VAL B 567 -2.04 21.36 -27.87
C VAL B 567 -1.82 21.55 -29.36
N LEU B 568 -2.53 20.78 -30.19
CA LEU B 568 -2.36 20.88 -31.64
C LEU B 568 -2.92 22.18 -32.17
N LEU B 569 -4.05 22.64 -31.62
CA LEU B 569 -4.58 23.95 -32.00
C LEU B 569 -3.71 25.09 -31.49
N ALA B 570 -3.04 24.89 -30.34
CA ALA B 570 -2.11 25.91 -29.86
C ALA B 570 -0.85 25.96 -30.72
N CYS B 571 -0.46 24.83 -31.29
CA CYS B 571 0.68 24.82 -32.21
C CYS B 571 0.31 25.50 -33.52
N LEU B 572 -0.95 25.39 -33.92
CA LEU B 572 -1.42 26.13 -35.09
C LEU B 572 -1.69 27.58 -34.73
N GLY B 573 -2.15 27.83 -33.52
CA GLY B 573 -2.48 29.17 -33.08
C GLY B 573 -1.29 30.07 -32.88
N VAL B 574 -0.25 29.55 -32.21
CA VAL B 574 0.96 30.32 -31.97
C VAL B 574 1.71 30.58 -33.28
N SER B 575 1.73 29.59 -34.16
CA SER B 575 2.49 29.72 -35.41
C SER B 575 1.81 30.68 -36.39
N CYS B 576 0.50 30.87 -36.24
CA CYS B 576 -0.16 31.93 -37.00
C CYS B 576 0.10 33.29 -36.37
N VAL B 577 0.24 33.33 -35.04
CA VAL B 577 0.64 34.56 -34.36
C VAL B 577 2.09 34.87 -34.66
N LEU B 578 2.94 33.85 -34.76
CA LEU B 578 4.34 34.04 -35.15
C LEU B 578 4.46 34.59 -36.56
N PHE B 579 3.52 34.26 -37.43
CA PHE B 579 3.53 34.80 -38.78
C PHE B 579 3.13 36.27 -38.77
N VAL B 580 2.09 36.62 -38.02
CA VAL B 580 1.54 37.98 -38.00
C VAL B 580 2.50 38.95 -37.33
N ILE B 581 3.05 38.55 -36.17
CA ILE B 581 3.90 39.44 -35.38
C ILE B 581 5.21 39.73 -36.10
N ALA B 582 5.81 38.71 -36.72
CA ALA B 582 7.12 38.86 -37.34
C ALA B 582 7.10 39.69 -38.61
N ARG B 583 5.93 39.88 -39.22
CA ARG B 583 5.87 40.73 -40.41
C ARG B 583 5.98 42.21 -40.05
N PHE B 584 5.05 42.74 -39.26
CA PHE B 584 5.12 44.17 -38.99
C PHE B 584 5.98 44.51 -37.78
N SER B 585 6.75 43.57 -37.25
CA SER B 585 7.78 43.97 -36.31
C SER B 585 9.02 44.37 -37.08
N PRO B 586 9.49 45.62 -36.98
CA PRO B 586 10.58 46.06 -37.85
C PRO B 586 11.93 45.48 -37.48
N TYR B 587 12.11 44.99 -36.26
CA TYR B 587 13.40 44.45 -35.87
C TYR B 587 13.57 42.97 -36.25
N GLU B 588 12.53 42.35 -36.83
CA GLU B 588 12.64 41.04 -37.46
C GLU B 588 13.01 41.14 -38.92
N TRP B 589 13.43 42.33 -39.36
CA TRP B 589 13.83 42.58 -40.75
C TRP B 589 15.32 42.96 -40.69
N TYR B 590 16.16 41.95 -40.71
CA TYR B 590 17.59 42.11 -40.53
C TYR B 590 18.27 42.16 -41.90
N ASN B 591 19.61 42.18 -41.90
CA ASN B 591 20.41 42.13 -43.12
C ASN B 591 20.79 40.68 -43.38
N PRO B 592 20.24 40.04 -44.42
CA PRO B 592 20.51 38.62 -44.67
C PRO B 592 21.81 38.40 -45.43
N HIS B 593 22.55 39.47 -45.64
CA HIS B 593 23.78 39.48 -46.42
C HIS B 593 24.92 39.96 -45.52
N PRO B 594 25.40 39.13 -44.57
CA PRO B 594 26.28 39.65 -43.53
C PRO B 594 27.74 39.84 -43.96
N CYS B 595 28.20 39.03 -44.92
CA CYS B 595 29.60 39.00 -45.34
C CYS B 595 30.03 40.30 -45.99
N ASN B 596 29.10 41.01 -46.63
CA ASN B 596 29.37 42.34 -47.17
C ASN B 596 28.60 43.35 -46.33
N PRO B 597 29.13 44.57 -46.12
CA PRO B 597 28.60 45.44 -45.04
C PRO B 597 27.19 45.97 -45.21
N ASP B 598 26.87 46.63 -46.33
CA ASP B 598 25.63 47.39 -46.38
C ASP B 598 24.85 47.28 -47.68
N SER B 599 24.83 46.08 -48.28
CA SER B 599 23.95 45.85 -49.42
C SER B 599 22.50 45.86 -48.99
N ASP B 600 21.71 46.74 -49.60
CA ASP B 600 20.34 46.96 -49.14
C ASP B 600 19.41 45.85 -49.62
N VAL B 601 19.55 44.67 -49.02
CA VAL B 601 18.59 43.57 -49.18
C VAL B 601 18.06 43.27 -47.79
N VAL B 602 16.82 42.79 -47.72
CA VAL B 602 16.17 42.49 -46.46
C VAL B 602 15.35 41.22 -46.63
N GLU B 603 15.31 40.40 -45.59
CA GLU B 603 14.65 39.10 -45.64
C GLU B 603 14.07 38.75 -44.29
N ASN B 604 12.84 38.27 -44.30
CA ASN B 604 12.17 37.73 -43.12
C ASN B 604 12.23 36.22 -43.23
N ASN B 605 12.96 35.59 -42.32
CA ASN B 605 13.03 34.13 -42.28
C ASN B 605 11.83 33.49 -41.60
N PHE B 606 10.92 34.28 -41.06
CA PHE B 606 9.67 33.77 -40.52
C PHE B 606 8.56 33.89 -41.56
N THR B 607 8.60 32.99 -42.53
CA THR B 607 7.51 32.84 -43.48
C THR B 607 6.39 32.02 -42.85
N LEU B 608 5.42 31.61 -43.68
CA LEU B 608 4.37 30.74 -43.17
C LEU B 608 4.90 29.35 -42.88
N LEU B 609 5.84 28.87 -43.70
CA LEU B 609 6.34 27.51 -43.55
C LEU B 609 7.27 27.39 -42.35
N ASN B 610 8.10 28.41 -42.11
CA ASN B 610 9.04 28.35 -40.99
C ASN B 610 8.36 28.64 -39.66
N SER B 611 7.20 29.31 -39.68
CA SER B 611 6.53 29.61 -38.42
C SER B 611 5.91 28.37 -37.80
N PHE B 612 5.41 27.45 -38.64
CA PHE B 612 4.96 26.17 -38.09
C PHE B 612 6.13 25.29 -37.69
N TRP B 613 7.28 25.45 -38.36
CA TRP B 613 8.42 24.60 -38.05
C TRP B 613 9.10 25.03 -36.76
N PHE B 614 8.99 26.31 -36.41
CA PHE B 614 9.41 26.72 -35.08
C PHE B 614 8.41 26.23 -34.04
N GLY B 615 7.13 26.23 -34.40
CA GLY B 615 6.09 25.75 -33.49
C GLY B 615 6.16 24.26 -33.26
N VAL B 616 6.40 23.49 -34.31
CA VAL B 616 6.56 22.04 -34.16
C VAL B 616 7.91 21.73 -33.51
N GLY B 617 8.96 22.42 -33.98
CA GLY B 617 10.31 22.21 -33.48
C GLY B 617 10.50 22.51 -32.02
N ALA B 618 9.80 23.53 -31.50
CA ALA B 618 9.86 23.82 -30.08
C ALA B 618 8.97 22.88 -29.28
N LEU B 619 7.89 22.39 -29.88
CA LEU B 619 6.98 21.45 -29.21
C LEU B 619 7.64 20.11 -28.94
N MET B 620 8.53 19.68 -29.82
CA MET B 620 9.18 18.38 -29.71
C MET B 620 10.50 18.44 -28.98
N GLN B 621 10.75 19.52 -28.22
CA GLN B 621 11.91 19.71 -27.35
C GLN B 621 13.24 19.66 -28.05
N GLN B 622 13.28 19.90 -29.36
CA GLN B 622 14.55 19.83 -30.09
C GLN B 622 14.90 21.12 -30.82
N GLY B 623 13.93 21.96 -31.12
CA GLY B 623 14.24 23.28 -31.63
C GLY B 623 14.60 23.35 -33.10
N SER B 624 14.17 24.43 -33.75
CA SER B 624 14.46 24.67 -35.15
C SER B 624 15.77 25.44 -35.26
N GLU B 625 16.07 25.98 -36.45
CA GLU B 625 17.28 26.76 -36.66
C GLU B 625 17.00 28.25 -36.65
N LEU B 626 15.83 28.67 -36.17
CA LEU B 626 15.34 30.03 -36.37
C LEU B 626 15.73 30.98 -35.26
N MET B 627 15.28 30.71 -34.01
CA MET B 627 15.60 31.49 -32.80
C MET B 627 15.28 32.97 -32.94
N PRO B 628 14.02 33.36 -32.71
CA PRO B 628 13.51 34.71 -33.03
C PRO B 628 14.33 35.83 -32.39
N LYS B 629 14.22 37.02 -33.00
CA LYS B 629 15.32 37.96 -32.90
C LYS B 629 14.94 39.37 -32.48
N ALA B 630 13.67 39.66 -32.15
CA ALA B 630 13.47 41.07 -31.87
C ALA B 630 13.12 41.42 -30.43
N LEU B 631 11.85 41.35 -30.04
CA LEU B 631 11.44 41.12 -28.65
C LEU B 631 10.07 40.46 -28.69
N SER B 632 9.30 40.79 -29.72
CA SER B 632 7.89 40.42 -29.75
C SER B 632 7.73 39.01 -30.28
N THR B 633 8.69 38.55 -31.08
CA THR B 633 8.72 37.15 -31.44
C THR B 633 9.53 36.35 -30.44
N ARG B 634 10.20 37.03 -29.50
CA ARG B 634 10.88 36.33 -28.42
C ARG B 634 9.95 36.10 -27.23
N ILE B 635 8.94 36.97 -27.06
CA ILE B 635 7.95 36.72 -26.02
C ILE B 635 7.01 35.60 -26.47
N VAL B 636 6.70 35.54 -27.76
CA VAL B 636 5.95 34.40 -28.30
C VAL B 636 6.80 33.13 -28.21
N GLY B 637 8.09 33.25 -28.51
CA GLY B 637 9.01 32.14 -28.39
C GLY B 637 9.21 31.67 -26.97
N GLY B 638 9.29 32.60 -26.01
CA GLY B 638 9.56 32.22 -24.64
C GLY B 638 8.36 31.68 -23.92
N ILE B 639 7.16 32.10 -24.32
CA ILE B 639 5.93 31.58 -23.73
C ILE B 639 5.62 30.19 -24.27
N TRP B 640 5.84 29.98 -25.56
CA TRP B 640 5.62 28.66 -26.15
C TRP B 640 6.65 27.65 -25.66
N TRP B 641 7.80 28.12 -25.19
CA TRP B 641 8.78 27.22 -24.60
C TRP B 641 8.39 26.81 -23.19
N PHE B 642 7.84 27.75 -22.40
CA PHE B 642 7.37 27.42 -21.06
C PHE B 642 6.10 26.60 -21.12
N PHE B 643 5.28 26.82 -22.14
CA PHE B 643 4.12 25.98 -22.39
C PHE B 643 4.54 24.54 -22.63
N THR B 644 5.67 24.35 -23.31
CA THR B 644 6.04 23.03 -23.82
C THR B 644 6.64 22.17 -22.71
N LEU B 645 7.41 22.78 -21.80
CA LEU B 645 7.93 22.08 -20.63
C LEU B 645 6.81 21.49 -19.78
N ILE B 646 5.77 22.28 -19.55
CA ILE B 646 4.68 21.86 -18.67
C ILE B 646 3.89 20.72 -19.32
N ILE B 647 3.83 20.69 -20.66
CA ILE B 647 3.10 19.62 -21.34
C ILE B 647 3.91 18.32 -21.32
N ILE B 648 5.20 18.39 -21.66
CA ILE B 648 6.04 17.19 -21.67
C ILE B 648 6.28 16.68 -20.26
N SER B 649 6.47 17.57 -19.28
CA SER B 649 6.71 17.10 -17.92
C SER B 649 5.41 16.70 -17.22
N SER B 650 4.26 16.92 -17.88
CA SER B 650 3.02 16.34 -17.36
C SER B 650 2.67 15.07 -18.11
N TYR B 651 3.16 14.91 -19.33
CA TYR B 651 3.02 13.64 -20.03
C TYR B 651 3.91 12.58 -19.42
N THR B 652 5.15 12.95 -19.10
CA THR B 652 6.09 12.01 -18.51
C THR B 652 5.68 11.65 -17.08
N ALA B 653 5.11 12.62 -16.36
CA ALA B 653 4.75 12.37 -14.97
C ALA B 653 3.47 11.56 -14.85
N ASN B 654 2.50 11.81 -15.71
CA ASN B 654 1.25 11.05 -15.63
C ASN B 654 1.43 9.66 -16.24
N LEU B 655 2.37 9.49 -17.16
CA LEU B 655 2.70 8.15 -17.62
C LEU B 655 3.45 7.39 -16.55
N ALA B 656 4.18 8.09 -15.69
CA ALA B 656 4.86 7.44 -14.58
C ALA B 656 3.87 7.04 -13.49
N ALA B 657 2.70 7.70 -13.46
CA ALA B 657 1.65 7.30 -12.53
C ALA B 657 0.86 6.12 -13.06
N PHE B 658 0.66 6.05 -14.37
CA PHE B 658 -0.09 4.96 -14.97
C PHE B 658 0.64 3.63 -14.91
N LEU B 659 1.98 3.65 -14.92
CA LEU B 659 2.74 2.42 -15.03
C LEU B 659 3.12 1.80 -13.70
N THR B 660 2.90 2.49 -12.58
CA THR B 660 3.16 1.88 -11.29
C THR B 660 1.88 1.63 -10.51
N VAL B 661 0.82 2.37 -10.81
CA VAL B 661 -0.48 2.16 -10.17
C VAL B 661 -1.45 1.86 -11.31
N GLU B 662 -1.63 0.57 -11.59
CA GLU B 662 -2.53 0.16 -12.66
C GLU B 662 -3.90 -0.13 -12.10
N ARG B 663 -4.89 0.67 -12.50
CA ARG B 663 -6.28 0.49 -12.09
C ARG B 663 -7.01 -0.15 -13.27
N MET B 664 -7.20 -1.46 -13.20
CA MET B 664 -7.85 -2.21 -14.25
C MET B 664 -9.36 -2.23 -14.03
N GLU B 665 -10.11 -1.83 -15.05
CA GLU B 665 -11.56 -1.76 -14.97
C GLU B 665 -12.19 -2.62 -16.05
N SER B 666 -13.25 -3.34 -15.68
CA SER B 666 -13.96 -4.27 -16.53
C SER B 666 -14.87 -3.53 -17.51
N PRO B 667 -15.13 -4.12 -18.68
CA PRO B 667 -16.07 -3.47 -19.62
C PRO B 667 -17.51 -3.51 -19.13
N ILE B 668 -17.84 -4.41 -18.22
CA ILE B 668 -19.18 -4.59 -17.71
C ILE B 668 -19.17 -4.42 -16.19
N ASP B 669 -20.26 -3.84 -15.67
CA ASP B 669 -20.34 -3.54 -14.23
C ASP B 669 -21.68 -3.94 -13.63
N SER B 670 -22.63 -4.33 -14.47
CA SER B 670 -23.94 -4.76 -14.00
C SER B 670 -24.65 -5.58 -15.08
N ALA B 671 -25.89 -5.98 -14.82
CA ALA B 671 -26.66 -6.68 -15.84
C ALA B 671 -27.22 -5.73 -16.88
N ASP B 672 -27.24 -4.42 -16.58
CA ASP B 672 -27.66 -3.44 -17.55
C ASP B 672 -26.60 -3.24 -18.63
N ASP B 673 -25.33 -3.41 -18.27
CA ASP B 673 -24.26 -3.23 -19.25
C ASP B 673 -24.11 -4.46 -20.13
N LEU B 674 -24.67 -5.60 -19.71
CA LEU B 674 -24.70 -6.76 -20.59
C LEU B 674 -25.85 -6.68 -21.57
N ALA B 675 -26.81 -5.79 -21.32
CA ALA B 675 -27.94 -5.63 -22.23
C ALA B 675 -27.54 -4.93 -23.53
N LYS B 676 -26.41 -4.22 -23.49
CA LYS B 676 -25.95 -3.49 -24.67
C LYS B 676 -24.78 -4.20 -25.34
N GLN B 677 -23.87 -4.74 -24.54
CA GLN B 677 -22.69 -5.43 -25.06
C GLN B 677 -23.07 -6.78 -25.66
N THR B 678 -23.23 -6.83 -26.98
CA THR B 678 -23.56 -8.07 -27.66
C THR B 678 -22.26 -8.84 -27.91
N LYS B 679 -21.14 -8.14 -27.79
CA LYS B 679 -19.82 -8.77 -27.93
C LYS B 679 -19.57 -9.74 -26.78
N ILE B 680 -19.84 -9.33 -25.55
CA ILE B 680 -19.81 -10.24 -24.41
C ILE B 680 -21.13 -10.99 -24.37
N GLU B 681 -21.07 -12.31 -24.46
CA GLU B 681 -22.26 -13.15 -24.58
C GLU B 681 -22.64 -13.71 -23.21
N TYR B 682 -23.94 -13.92 -23.01
CA TYR B 682 -24.48 -14.38 -21.72
C TYR B 682 -24.20 -15.85 -21.49
N GLY B 683 -24.83 -16.40 -20.45
CA GLY B 683 -24.88 -17.84 -20.30
C GLY B 683 -25.48 -18.33 -19.00
N ALA B 684 -26.23 -19.43 -19.05
CA ALA B 684 -26.79 -20.04 -17.86
C ALA B 684 -27.03 -21.52 -18.07
N VAL B 685 -27.30 -22.24 -16.98
CA VAL B 685 -27.52 -23.69 -17.00
C VAL B 685 -28.90 -23.94 -17.61
N GLU B 686 -29.00 -24.98 -18.44
CA GLU B 686 -30.25 -25.39 -19.08
C GLU B 686 -31.25 -25.85 -18.02
N ASP B 687 -32.40 -25.16 -17.98
CA ASP B 687 -33.55 -25.50 -17.14
C ASP B 687 -33.21 -25.51 -15.65
N GLY B 688 -32.33 -24.61 -15.23
CA GLY B 688 -31.99 -24.42 -13.85
C GLY B 688 -32.92 -23.41 -13.19
N ALA B 689 -32.53 -23.00 -11.98
CA ALA B 689 -33.29 -21.97 -11.28
C ALA B 689 -32.97 -20.59 -11.83
N THR B 690 -31.86 -20.45 -12.54
CA THR B 690 -31.46 -19.17 -13.11
C THR B 690 -32.15 -18.93 -14.45
N MET B 691 -32.20 -19.97 -15.28
CA MET B 691 -32.89 -19.89 -16.58
C MET B 691 -34.39 -19.66 -16.39
N THR B 692 -34.96 -20.21 -15.32
CA THR B 692 -36.40 -20.07 -15.08
C THR B 692 -36.77 -18.64 -14.68
N PHE B 693 -35.82 -17.93 -14.06
CA PHE B 693 -36.10 -16.56 -13.62
C PHE B 693 -36.15 -15.60 -14.80
N PHE B 694 -35.22 -15.75 -15.76
CA PHE B 694 -35.20 -14.86 -16.91
C PHE B 694 -36.35 -15.15 -17.87
N LYS B 695 -36.85 -16.39 -17.87
CA LYS B 695 -37.98 -16.72 -18.72
C LYS B 695 -39.26 -16.08 -18.22
N LYS B 696 -39.45 -16.05 -16.90
CA LYS B 696 -40.70 -15.58 -16.31
C LYS B 696 -40.68 -14.09 -15.98
N SER B 697 -39.57 -13.39 -16.22
CA SER B 697 -39.43 -12.02 -15.77
C SER B 697 -40.25 -11.08 -16.65
N LYS B 698 -40.39 -9.83 -16.20
CA LYS B 698 -41.20 -8.84 -16.91
C LYS B 698 -40.44 -7.52 -16.93
N ILE B 699 -39.30 -7.49 -16.27
CA ILE B 699 -38.45 -6.31 -16.23
C ILE B 699 -37.78 -6.16 -17.61
N SER B 700 -37.61 -4.90 -18.04
CA SER B 700 -37.23 -4.62 -19.42
C SER B 700 -35.81 -5.07 -19.73
N THR B 701 -34.92 -5.02 -18.74
CA THR B 701 -33.58 -5.54 -18.92
C THR B 701 -33.59 -7.06 -19.04
N TYR B 702 -34.42 -7.72 -18.24
CA TYR B 702 -34.37 -9.17 -18.14
C TYR B 702 -35.17 -9.82 -19.27
N ASP B 703 -35.96 -9.01 -19.99
CA ASP B 703 -36.52 -9.48 -21.26
C ASP B 703 -35.48 -9.43 -22.36
N LYS B 704 -34.67 -8.35 -22.39
CA LYS B 704 -33.59 -8.25 -23.36
C LYS B 704 -32.50 -9.26 -23.08
N MET B 705 -32.32 -9.63 -21.81
CA MET B 705 -31.35 -10.68 -21.48
C MET B 705 -31.89 -12.06 -21.81
N TRP B 706 -33.21 -12.21 -21.93
CA TRP B 706 -33.75 -13.52 -22.27
C TRP B 706 -33.96 -13.67 -23.77
N ALA B 707 -34.28 -12.56 -24.45
CA ALA B 707 -34.48 -12.56 -25.90
C ALA B 707 -33.20 -12.94 -26.64
N PHE B 708 -32.05 -12.65 -26.04
CA PHE B 708 -30.79 -13.15 -26.57
C PHE B 708 -30.64 -14.65 -26.28
N MET B 709 -30.88 -15.04 -25.04
CA MET B 709 -30.60 -16.39 -24.56
C MET B 709 -31.63 -17.40 -25.06
N SER B 710 -32.81 -16.94 -25.46
CA SER B 710 -33.80 -17.85 -26.03
C SER B 710 -33.62 -17.98 -27.53
N SER B 711 -33.36 -16.86 -28.21
CA SER B 711 -33.09 -16.92 -29.64
C SER B 711 -31.59 -17.05 -29.92
N ARG B 712 -30.94 -17.95 -29.18
CA ARG B 712 -29.58 -18.45 -29.40
C ARG B 712 -29.39 -19.61 -28.42
N ARG B 713 -28.75 -20.70 -28.85
CA ARG B 713 -28.61 -21.87 -27.99
C ARG B 713 -27.39 -22.63 -28.47
N GLN B 714 -26.73 -23.30 -27.51
CA GLN B 714 -25.51 -24.13 -27.59
C GLN B 714 -24.26 -23.25 -27.74
N SER B 715 -24.45 -21.96 -28.02
CA SER B 715 -23.44 -20.94 -27.85
C SER B 715 -23.70 -20.11 -26.61
N VAL B 716 -24.96 -19.79 -26.35
CA VAL B 716 -25.38 -19.26 -25.06
C VAL B 716 -26.53 -20.13 -24.58
N LEU B 717 -26.19 -21.25 -23.94
CA LEU B 717 -26.79 -21.92 -22.77
C LEU B 717 -25.91 -23.11 -22.44
N VAL B 718 -25.40 -23.19 -21.22
CA VAL B 718 -24.49 -24.27 -20.87
C VAL B 718 -25.35 -25.42 -20.35
N LYS B 719 -24.78 -26.62 -20.24
CA LYS B 719 -25.50 -27.74 -19.67
C LYS B 719 -25.26 -27.92 -18.17
N SER B 720 -24.06 -27.66 -17.67
CA SER B 720 -23.80 -27.68 -16.24
C SER B 720 -22.93 -26.48 -15.91
N ASN B 721 -23.01 -26.00 -14.66
CA ASN B 721 -22.27 -24.80 -14.29
C ASN B 721 -20.77 -25.03 -14.20
N GLU B 722 -20.33 -26.27 -14.02
CA GLU B 722 -18.90 -26.58 -14.09
C GLU B 722 -18.40 -26.44 -15.52
N GLU B 723 -19.26 -26.75 -16.50
CA GLU B 723 -18.92 -26.51 -17.89
C GLU B 723 -18.99 -25.02 -18.20
N GLY B 724 -19.74 -24.26 -17.41
CA GLY B 724 -19.88 -22.83 -17.62
C GLY B 724 -18.74 -22.02 -17.02
N ILE B 725 -18.14 -22.53 -15.94
CA ILE B 725 -16.94 -21.91 -15.39
C ILE B 725 -15.78 -22.01 -16.38
N GLN B 726 -15.74 -23.12 -17.12
CA GLN B 726 -14.69 -23.32 -18.11
C GLN B 726 -14.88 -22.38 -19.31
N ARG B 727 -16.12 -22.09 -19.68
CA ARG B 727 -16.35 -21.26 -20.85
C ARG B 727 -16.15 -19.78 -20.56
N VAL B 728 -16.25 -19.37 -19.29
CA VAL B 728 -15.77 -18.03 -18.93
C VAL B 728 -14.26 -18.00 -19.04
N LEU B 729 -13.62 -19.05 -18.54
CA LEU B 729 -12.17 -19.16 -18.44
C LEU B 729 -11.52 -19.22 -19.82
N THR B 730 -12.12 -19.94 -20.76
CA THR B 730 -11.61 -19.94 -22.13
C THR B 730 -12.13 -18.75 -22.93
N SER B 731 -13.43 -18.71 -23.20
CA SER B 731 -13.98 -17.76 -24.15
C SER B 731 -14.25 -16.39 -23.54
N ASP B 732 -14.95 -15.54 -24.29
CA ASP B 732 -15.41 -14.23 -23.81
C ASP B 732 -16.89 -14.40 -23.49
N TYR B 733 -17.18 -14.60 -22.21
CA TYR B 733 -18.41 -15.21 -21.75
C TYR B 733 -18.73 -14.67 -20.37
N ALA B 734 -20.02 -14.42 -20.12
CA ALA B 734 -20.49 -13.89 -18.84
C ALA B 734 -21.58 -14.81 -18.33
N PHE B 735 -21.33 -15.48 -17.21
CA PHE B 735 -22.15 -16.63 -16.82
C PHE B 735 -23.09 -16.28 -15.68
N LEU B 736 -24.38 -16.48 -15.92
CA LEU B 736 -25.45 -16.16 -14.99
C LEU B 736 -25.73 -17.39 -14.13
N MET B 737 -25.36 -17.32 -12.86
CA MET B 737 -25.55 -18.47 -11.98
C MET B 737 -25.88 -17.99 -10.56
N GLU B 738 -25.98 -18.92 -9.62
CA GLU B 738 -26.33 -18.62 -8.24
C GLU B 738 -25.23 -17.82 -7.57
N SER B 739 -25.59 -17.07 -6.52
CA SER B 739 -24.62 -16.14 -5.95
C SER B 739 -23.58 -16.83 -5.10
N THR B 740 -23.99 -17.74 -4.22
CA THR B 740 -23.05 -18.34 -3.27
C THR B 740 -22.15 -19.38 -3.95
N THR B 741 -22.51 -19.84 -5.13
CA THR B 741 -21.59 -20.68 -5.88
C THR B 741 -20.49 -19.83 -6.51
N ILE B 742 -20.74 -18.54 -6.69
CA ILE B 742 -19.73 -17.66 -7.28
C ILE B 742 -18.63 -17.36 -6.26
N GLU B 743 -19.00 -17.02 -5.02
CA GLU B 743 -17.99 -16.62 -4.04
C GLU B 743 -17.14 -17.80 -3.58
N PHE B 744 -17.53 -19.02 -3.92
CA PHE B 744 -16.65 -20.16 -3.72
C PHE B 744 -15.69 -20.31 -4.89
N VAL B 745 -16.16 -20.08 -6.11
CA VAL B 745 -15.34 -20.30 -7.29
C VAL B 745 -14.42 -19.11 -7.55
N THR B 746 -14.93 -17.89 -7.35
CA THR B 746 -14.13 -16.67 -7.43
C THR B 746 -12.96 -16.67 -6.44
N GLN B 747 -13.17 -17.23 -5.26
CA GLN B 747 -12.16 -17.20 -4.21
C GLN B 747 -10.97 -18.10 -4.49
N ARG B 748 -11.14 -19.19 -5.25
CA ARG B 748 -10.07 -20.16 -5.49
C ARG B 748 -9.77 -20.24 -6.99
N ASN B 749 -10.12 -19.18 -7.71
CA ASN B 749 -9.68 -19.02 -9.09
C ASN B 749 -9.58 -17.53 -9.37
N CYS B 750 -8.36 -16.99 -9.32
CA CYS B 750 -8.16 -15.56 -9.13
C CYS B 750 -8.17 -14.77 -10.43
N ASN B 751 -8.63 -15.38 -11.51
CA ASN B 751 -8.91 -14.69 -12.77
C ASN B 751 -10.40 -14.71 -13.06
N LEU B 752 -11.19 -15.07 -12.06
CA LEU B 752 -12.63 -15.04 -12.10
C LEU B 752 -13.10 -14.00 -11.10
N THR B 753 -14.04 -13.16 -11.51
CA THR B 753 -14.59 -12.14 -10.63
C THR B 753 -16.10 -12.15 -10.72
N GLN B 754 -16.74 -11.48 -9.77
CA GLN B 754 -18.18 -11.31 -9.73
C GLN B 754 -18.50 -9.86 -10.07
N ILE B 755 -19.08 -9.64 -11.24
CA ILE B 755 -19.40 -8.27 -11.62
C ILE B 755 -20.85 -7.99 -11.30
N GLY B 756 -21.13 -6.82 -10.73
CA GLY B 756 -22.48 -6.44 -10.42
C GLY B 756 -22.91 -6.80 -9.02
N GLY B 757 -24.19 -7.12 -8.87
CA GLY B 757 -24.74 -7.49 -7.58
C GLY B 757 -25.78 -8.58 -7.73
N LEU B 758 -26.54 -8.83 -6.67
CA LEU B 758 -27.56 -9.88 -6.71
C LEU B 758 -28.74 -9.45 -7.57
N ILE B 759 -29.21 -10.35 -8.43
CA ILE B 759 -30.37 -10.10 -9.26
C ILE B 759 -31.65 -10.64 -8.62
N ASP B 760 -31.70 -11.93 -8.38
CA ASP B 760 -32.78 -12.58 -7.67
C ASP B 760 -32.50 -12.48 -6.18
N SER B 761 -33.43 -12.95 -5.36
CA SER B 761 -33.19 -13.02 -3.91
C SER B 761 -33.98 -14.22 -3.38
N LYS B 762 -33.26 -15.29 -3.05
CA LYS B 762 -33.84 -16.49 -2.46
C LYS B 762 -32.94 -16.96 -1.32
N GLY B 763 -33.32 -18.05 -0.67
CA GLY B 763 -32.57 -18.51 0.49
C GLY B 763 -32.62 -20.01 0.64
N TYR B 764 -31.67 -20.53 1.40
CA TYR B 764 -31.54 -21.96 1.67
C TYR B 764 -32.23 -22.29 2.98
N GLY B 765 -33.13 -23.25 2.95
CA GLY B 765 -33.86 -23.64 4.14
C GLY B 765 -33.72 -25.12 4.43
N VAL B 766 -33.58 -25.42 5.72
CA VAL B 766 -33.60 -26.80 6.20
C VAL B 766 -35.00 -27.37 5.98
N GLY B 767 -35.11 -28.38 5.12
CA GLY B 767 -36.41 -28.94 4.83
C GLY B 767 -36.85 -29.86 5.95
N THR B 768 -38.16 -29.90 6.15
CA THR B 768 -38.83 -30.76 7.13
C THR B 768 -40.05 -31.35 6.41
N PRO B 769 -40.66 -32.44 6.89
CA PRO B 769 -41.87 -32.94 6.21
C PRO B 769 -43.06 -32.02 6.39
N MET B 770 -44.15 -32.35 5.68
CA MET B 770 -45.32 -31.47 5.65
C MET B 770 -46.05 -31.51 6.99
N GLY B 771 -45.63 -30.67 7.92
CA GLY B 771 -46.17 -30.68 9.26
C GLY B 771 -45.24 -31.43 10.19
N SER B 772 -44.42 -30.71 10.94
CA SER B 772 -43.43 -31.32 11.81
C SER B 772 -43.15 -30.44 13.01
N PRO B 773 -42.84 -31.05 14.17
CA PRO B 773 -42.37 -30.25 15.30
C PRO B 773 -40.93 -29.76 15.15
N TYR B 774 -40.20 -30.25 14.14
CA TYR B 774 -38.81 -29.84 13.99
C TYR B 774 -38.66 -28.62 13.09
N ARG B 775 -39.76 -28.14 12.51
CA ARG B 775 -39.69 -26.89 11.75
C ARG B 775 -39.48 -25.71 12.69
N ASP B 776 -40.24 -25.67 13.78
CA ASP B 776 -40.20 -24.51 14.67
C ASP B 776 -38.93 -24.50 15.52
N LYS B 777 -38.48 -25.66 15.98
CA LYS B 777 -37.37 -25.68 16.93
C LYS B 777 -36.03 -25.48 16.23
N ILE B 778 -35.97 -25.68 14.91
CA ILE B 778 -34.75 -25.36 14.17
C ILE B 778 -34.76 -23.89 13.75
N THR B 779 -35.95 -23.37 13.42
CA THR B 779 -36.15 -21.94 13.14
C THR B 779 -35.63 -21.06 14.27
N ILE B 780 -35.93 -21.43 15.53
CA ILE B 780 -35.32 -20.75 16.67
C ILE B 780 -33.83 -21.05 16.75
N ALA B 781 -33.42 -22.27 16.39
CA ALA B 781 -32.01 -22.64 16.56
C ALA B 781 -31.13 -22.02 15.48
N ILE B 782 -31.67 -21.77 14.30
CA ILE B 782 -30.92 -21.06 13.26
C ILE B 782 -30.72 -19.61 13.66
N LEU B 783 -31.77 -18.99 14.20
CA LEU B 783 -31.67 -17.61 14.69
C LEU B 783 -30.80 -17.50 15.93
N GLN B 784 -30.57 -18.60 16.64
CA GLN B 784 -29.62 -18.56 17.75
C GLN B 784 -28.19 -18.58 17.23
N LEU B 785 -27.94 -19.33 16.15
CA LEU B 785 -26.61 -19.37 15.56
C LEU B 785 -26.27 -18.06 14.87
N GLN B 786 -27.28 -17.30 14.44
CA GLN B 786 -27.04 -16.10 13.66
C GLN B 786 -26.81 -14.90 14.57
N GLU B 787 -27.46 -14.88 15.73
CA GLU B 787 -27.28 -13.77 16.65
C GLU B 787 -26.02 -13.91 17.49
N GLU B 788 -25.58 -15.13 17.75
CA GLU B 788 -24.31 -15.35 18.46
C GLU B 788 -23.11 -15.12 17.56
N GLY B 789 -23.29 -15.24 16.25
CA GLY B 789 -22.22 -15.03 15.29
C GLY B 789 -21.62 -16.29 14.72
N LYS B 790 -22.08 -17.48 15.15
CA LYS B 790 -21.48 -18.71 14.66
C LYS B 790 -21.92 -19.03 13.24
N LEU B 791 -23.05 -18.49 12.80
CA LEU B 791 -23.57 -18.82 11.48
C LEU B 791 -22.82 -18.07 10.40
N HIS B 792 -22.10 -17.01 10.78
CA HIS B 792 -21.27 -16.29 9.83
C HIS B 792 -19.85 -16.87 9.81
N MET B 793 -19.40 -17.39 10.96
CA MET B 793 -18.03 -17.90 11.05
C MET B 793 -17.88 -19.23 10.32
N MET B 794 -18.99 -19.94 10.11
CA MET B 794 -18.94 -21.14 9.29
C MET B 794 -18.74 -20.80 7.82
N LYS B 795 -19.31 -19.69 7.38
CA LYS B 795 -19.17 -19.27 5.98
C LYS B 795 -17.77 -18.77 5.70
N GLU B 796 -17.14 -18.14 6.70
CA GLU B 796 -15.82 -17.55 6.52
C GLU B 796 -14.73 -18.61 6.50
N LYS B 797 -15.04 -19.83 6.93
CA LYS B 797 -14.03 -20.87 6.96
C LYS B 797 -14.20 -21.86 5.82
N TRP B 798 -15.39 -21.91 5.21
CA TRP B 798 -15.61 -22.87 4.14
C TRP B 798 -15.61 -22.26 2.75
N TRP B 799 -15.89 -20.97 2.62
CA TRP B 799 -15.85 -20.29 1.32
C TRP B 799 -14.53 -19.58 1.05
N ARG B 800 -13.80 -19.20 2.09
CA ARG B 800 -12.49 -18.58 1.88
C ARG B 800 -11.46 -19.64 1.53
N GLY B 801 -10.50 -19.27 0.68
CA GLY B 801 -9.51 -20.21 0.20
C GLY B 801 -8.09 -19.69 0.32
N ASN B 802 -7.40 -19.59 -0.81
CA ASN B 802 -6.02 -19.12 -0.84
C ASN B 802 -5.94 -17.64 -0.48
N GLY B 803 -6.59 -16.79 -1.27
CA GLY B 803 -6.62 -15.37 -0.99
C GLY B 803 -6.00 -14.53 -2.09
N CYS B 804 -4.86 -14.99 -2.63
CA CYS B 804 -4.07 -14.46 -3.75
C CYS B 804 -3.90 -12.94 -3.72
N PRO B 805 -3.02 -12.41 -2.87
CA PRO B 805 -2.87 -10.94 -2.82
C PRO B 805 -2.11 -10.35 -4.01
N GLU B 806 -2.80 -10.12 -5.12
CA GLU B 806 -2.17 -9.43 -6.25
C GLU B 806 -2.34 -7.92 -6.15
N GLU B 807 -2.83 -7.42 -5.01
CA GLU B 807 -3.06 -5.98 -4.80
C GLU B 807 -1.68 -5.29 -4.71
N GLU B 808 -0.64 -5.97 -4.23
CA GLU B 808 0.70 -5.41 -4.27
C GLU B 808 1.19 -5.35 -5.72
N SER B 809 1.64 -4.18 -6.14
CA SER B 809 2.03 -3.96 -7.53
C SER B 809 3.35 -4.65 -7.80
N LYS B 810 3.37 -5.41 -8.89
CA LYS B 810 4.58 -6.07 -9.38
C LYS B 810 5.40 -5.05 -10.16
N GLU B 811 6.56 -5.49 -10.66
CA GLU B 811 7.37 -4.62 -11.51
C GLU B 811 6.63 -4.38 -12.82
N ALA B 812 6.86 -3.20 -13.41
CA ALA B 812 5.93 -2.61 -14.37
C ALA B 812 5.84 -3.29 -15.74
N SER B 813 6.49 -4.45 -15.91
CA SER B 813 6.28 -5.35 -17.05
C SER B 813 6.59 -4.70 -18.39
N ALA B 814 7.89 -4.50 -18.67
CA ALA B 814 8.51 -3.63 -19.66
C ALA B 814 7.76 -3.42 -20.98
N LEU B 815 7.63 -2.17 -21.36
CA LEU B 815 6.76 -1.72 -22.44
C LEU B 815 7.19 -2.28 -23.78
N GLY B 816 6.38 -3.18 -24.33
CA GLY B 816 6.65 -3.79 -25.61
C GLY B 816 5.76 -3.21 -26.69
N VAL B 817 5.59 -3.99 -27.77
CA VAL B 817 4.80 -3.56 -28.92
C VAL B 817 3.31 -3.63 -28.61
N GLN B 818 2.95 -4.22 -27.47
CA GLN B 818 1.58 -4.17 -26.97
C GLN B 818 1.29 -2.93 -26.14
N ASN B 819 2.31 -2.23 -25.63
CA ASN B 819 2.11 -1.08 -24.76
C ASN B 819 2.32 0.23 -25.52
N ILE B 820 3.52 0.47 -26.08
CA ILE B 820 3.72 1.69 -26.84
C ILE B 820 3.19 1.52 -28.26
N GLY B 821 3.76 0.60 -29.04
CA GLY B 821 3.05 -0.02 -30.15
C GLY B 821 2.69 0.85 -31.34
N GLY B 822 1.91 1.90 -31.09
CA GLY B 822 1.30 2.65 -32.17
C GLY B 822 2.12 3.85 -32.61
N ILE B 823 3.29 4.05 -32.01
CA ILE B 823 4.23 5.02 -32.57
C ILE B 823 4.99 4.41 -33.74
N PHE B 824 4.96 3.08 -33.86
CA PHE B 824 5.48 2.44 -35.06
C PHE B 824 4.52 2.59 -36.22
N ILE B 825 3.22 2.78 -35.92
CA ILE B 825 2.23 3.02 -36.97
C ILE B 825 2.30 4.47 -37.44
N VAL B 826 2.35 5.42 -36.50
CA VAL B 826 2.34 6.83 -36.89
C VAL B 826 3.72 7.27 -37.37
N LEU B 827 4.74 6.43 -37.17
CA LEU B 827 5.99 6.61 -37.90
C LEU B 827 5.80 6.25 -39.36
N ALA B 828 5.25 5.06 -39.62
CA ALA B 828 5.07 4.61 -41.00
C ALA B 828 3.99 5.41 -41.70
N ALA B 829 3.03 5.96 -40.95
CA ALA B 829 2.01 6.80 -41.57
C ALA B 829 2.57 8.17 -41.92
N GLY B 830 3.66 8.56 -41.28
CA GLY B 830 4.29 9.84 -41.61
C GLY B 830 5.34 9.69 -42.70
N LEU B 831 5.94 8.50 -42.80
CA LEU B 831 6.94 8.26 -43.84
C LEU B 831 6.28 7.96 -45.19
N VAL B 832 5.03 7.49 -45.17
CA VAL B 832 4.30 7.30 -46.42
C VAL B 832 3.73 8.62 -46.91
N LEU B 833 3.22 9.44 -45.98
CA LEU B 833 2.66 10.75 -46.33
C LEU B 833 3.73 11.71 -46.87
N SER B 834 4.98 11.55 -46.42
CA SER B 834 6.03 12.45 -46.86
C SER B 834 6.47 12.15 -48.29
N VAL B 835 6.39 10.89 -48.71
CA VAL B 835 6.75 10.53 -50.08
C VAL B 835 5.71 11.08 -51.05
N PHE B 836 4.44 11.16 -50.61
CA PHE B 836 3.40 11.77 -51.43
C PHE B 836 3.65 13.26 -51.62
N VAL B 837 4.21 13.92 -50.60
CA VAL B 837 4.58 15.32 -50.74
C VAL B 837 5.89 15.44 -51.52
N ALA B 838 6.76 14.45 -51.41
CA ALA B 838 8.03 14.44 -52.13
C ALA B 838 7.84 14.30 -53.63
N VAL B 839 6.83 13.54 -54.04
CA VAL B 839 6.48 13.44 -55.45
C VAL B 839 5.51 14.58 -55.77
N GLY B 840 4.91 15.15 -54.73
CA GLY B 840 4.01 16.27 -54.88
C GLY B 840 4.72 17.55 -55.23
N GLU B 841 5.81 17.86 -54.51
CA GLU B 841 6.57 19.06 -54.79
C GLU B 841 7.67 18.81 -55.82
N PHE B 842 7.79 17.60 -56.32
CA PHE B 842 8.66 17.33 -57.47
C PHE B 842 7.97 17.75 -58.76
N LEU B 843 6.65 17.58 -58.82
CA LEU B 843 5.89 17.99 -59.99
C LEU B 843 5.74 19.51 -60.05
N TYR B 844 5.67 20.15 -58.88
CA TYR B 844 5.40 21.58 -58.82
C TYR B 844 6.61 22.39 -59.28
N LYS B 845 7.81 21.86 -59.07
CA LYS B 845 9.00 22.53 -59.58
C LYS B 845 9.25 22.18 -61.04
N SER B 846 8.94 20.95 -61.44
CA SER B 846 9.09 20.56 -62.85
C SER B 846 8.08 21.28 -63.73
N LYS B 847 6.91 21.61 -63.18
CA LYS B 847 5.96 22.45 -63.90
C LYS B 847 6.44 23.90 -63.94
N LYS B 848 7.09 24.37 -62.87
CA LYS B 848 7.59 25.73 -62.84
C LYS B 848 8.80 25.92 -63.74
N ASN B 849 9.68 24.92 -63.85
CA ASN B 849 10.83 25.02 -64.73
C ASN B 849 10.45 24.93 -66.20
N ALA B 850 9.28 24.36 -66.50
CA ALA B 850 8.81 24.26 -67.87
C ALA B 850 8.15 25.56 -68.32
N ARG C 431 -65.16 -12.31 9.71
CA ARG C 431 -64.24 -11.49 10.50
C ARG C 431 -63.49 -10.50 9.62
N SER C 432 -62.75 -9.60 10.28
CA SER C 432 -61.85 -8.68 9.61
C SER C 432 -60.58 -8.55 10.45
N LEU C 433 -59.42 -8.76 9.84
CA LEU C 433 -58.18 -8.84 10.60
C LEU C 433 -57.72 -7.47 11.06
N ILE C 434 -57.35 -7.36 12.33
CA ILE C 434 -56.81 -6.14 12.91
C ILE C 434 -55.31 -6.14 12.64
N VAL C 435 -54.85 -5.24 11.78
CA VAL C 435 -53.46 -5.21 11.36
C VAL C 435 -52.74 -4.08 12.07
N THR C 436 -51.88 -4.44 13.02
CA THR C 436 -51.07 -3.47 13.74
C THR C 436 -49.81 -3.11 12.97
N THR C 437 -49.60 -1.82 12.75
CA THR C 437 -48.39 -1.37 12.05
C THR C 437 -47.88 -0.05 12.64
N ILE C 438 -46.72 0.39 12.19
CA ILE C 438 -46.08 1.58 12.75
C ILE C 438 -45.83 2.57 11.61
N LEU C 439 -45.72 3.85 11.94
CA LEU C 439 -45.48 4.87 10.92
C LEU C 439 -43.99 4.97 10.61
N GLU C 440 -43.64 4.67 9.36
CA GLU C 440 -42.27 4.82 8.88
C GLU C 440 -42.37 5.09 7.38
N GLU C 441 -41.26 5.48 6.74
CA GLU C 441 -41.26 5.74 5.32
C GLU C 441 -40.18 4.84 4.72
N PRO C 442 -40.41 4.20 3.55
CA PRO C 442 -41.54 4.13 2.60
C PRO C 442 -42.67 3.22 3.01
N TYR C 443 -42.73 2.90 4.29
CA TYR C 443 -43.73 2.04 4.89
C TYR C 443 -45.00 2.85 5.15
N VAL C 444 -45.83 2.37 6.09
CA VAL C 444 -47.15 2.97 6.34
C VAL C 444 -47.04 4.46 6.69
N LEU C 445 -47.65 5.28 5.83
CA LEU C 445 -47.62 6.73 5.90
C LEU C 445 -49.05 7.25 5.91
N PHE C 446 -49.22 8.55 5.77
CA PHE C 446 -50.53 9.17 5.54
C PHE C 446 -50.53 9.68 4.10
N LYS C 447 -51.72 9.74 3.50
CA LYS C 447 -51.84 10.32 2.16
C LYS C 447 -51.83 11.84 2.24
N LYS C 448 -51.28 12.48 1.21
CA LYS C 448 -51.11 13.93 1.18
C LYS C 448 -52.28 14.54 0.42
N SER C 449 -53.46 14.47 1.05
CA SER C 449 -54.64 15.19 0.56
C SER C 449 -55.38 15.76 1.76
N ASP C 450 -56.46 16.51 1.54
CA ASP C 450 -57.09 17.16 2.67
C ASP C 450 -58.24 16.33 3.27
N LYS C 451 -59.38 16.18 2.56
CA LYS C 451 -60.46 15.18 2.62
C LYS C 451 -60.65 14.48 3.95
N PRO C 452 -60.98 15.20 5.03
CA PRO C 452 -60.79 14.63 6.38
C PRO C 452 -61.85 13.63 6.83
N LEU C 453 -62.13 12.60 6.03
CA LEU C 453 -63.06 11.56 6.46
C LEU C 453 -62.52 10.20 6.03
N TYR C 454 -61.24 9.96 6.27
CA TYR C 454 -60.61 8.72 5.84
C TYR C 454 -60.88 7.59 6.83
N GLY C 455 -61.08 6.40 6.29
CA GLY C 455 -60.92 5.17 7.04
C GLY C 455 -60.51 4.05 6.09
N ASN C 456 -59.34 3.45 6.37
CA ASN C 456 -58.62 2.43 5.59
C ASN C 456 -58.11 2.94 4.25
N ASP C 457 -58.46 4.18 3.87
CA ASP C 457 -57.85 4.89 2.77
C ASP C 457 -56.92 5.98 3.30
N ARG C 458 -56.72 6.00 4.61
CA ARG C 458 -55.86 6.99 5.26
C ARG C 458 -54.40 6.71 4.97
N PHE C 459 -54.06 5.47 4.65
CA PHE C 459 -52.67 5.02 4.66
C PHE C 459 -52.18 4.68 3.27
N GLU C 460 -50.87 4.88 3.05
CA GLU C 460 -50.24 4.62 1.77
C GLU C 460 -48.76 4.34 1.99
N GLY C 461 -48.29 3.20 1.50
CA GLY C 461 -46.89 2.86 1.67
C GLY C 461 -46.57 1.52 1.08
N TYR C 462 -45.38 1.02 1.42
CA TYR C 462 -44.97 -0.30 0.97
C TYR C 462 -45.79 -1.40 1.61
N CYS C 463 -45.99 -1.35 2.92
CA CYS C 463 -46.74 -2.38 3.61
C CYS C 463 -48.24 -2.25 3.41
N ILE C 464 -48.72 -1.15 2.85
CA ILE C 464 -50.10 -1.07 2.44
C ILE C 464 -50.27 -1.71 1.06
N ASP C 465 -49.25 -1.59 0.20
CA ASP C 465 -49.29 -2.26 -1.09
C ASP C 465 -49.05 -3.76 -0.92
N LEU C 466 -48.33 -4.16 0.14
CA LEU C 466 -48.14 -5.58 0.39
C LEU C 466 -49.40 -6.23 0.92
N LEU C 467 -50.10 -5.56 1.84
CA LEU C 467 -51.31 -6.13 2.41
C LEU C 467 -52.48 -6.06 1.43
N ARG C 468 -52.41 -5.15 0.47
CA ARG C 468 -53.38 -5.13 -0.62
C ARG C 468 -53.21 -6.35 -1.51
N GLU C 469 -51.98 -6.83 -1.66
CA GLU C 469 -51.73 -7.97 -2.53
C GLU C 469 -51.70 -9.28 -1.75
N LEU C 470 -51.71 -9.21 -0.42
CA LEU C 470 -51.90 -10.42 0.36
C LEU C 470 -53.38 -10.69 0.61
N SER C 471 -54.20 -9.64 0.70
CA SER C 471 -55.64 -9.82 0.93
C SER C 471 -56.35 -10.17 -0.36
N THR C 472 -55.72 -9.84 -1.50
CA THR C 472 -56.28 -10.17 -2.80
C THR C 472 -56.22 -11.68 -3.04
N ILE C 473 -55.09 -12.31 -2.72
CA ILE C 473 -54.89 -13.72 -3.03
C ILE C 473 -55.24 -14.64 -1.88
N LEU C 474 -55.45 -14.12 -0.67
CA LEU C 474 -55.94 -14.95 0.42
C LEU C 474 -57.41 -14.71 0.72
N GLY C 475 -58.00 -13.64 0.19
CA GLY C 475 -59.43 -13.43 0.31
C GLY C 475 -59.95 -12.69 1.52
N PHE C 476 -59.10 -12.49 2.53
CA PHE C 476 -59.56 -11.84 3.75
C PHE C 476 -59.78 -10.35 3.54
N THR C 477 -60.51 -9.72 4.46
CA THR C 477 -60.65 -8.27 4.51
C THR C 477 -59.97 -7.78 5.78
N TYR C 478 -59.52 -6.53 5.76
CA TYR C 478 -58.67 -6.00 6.82
C TYR C 478 -59.07 -4.57 7.15
N GLU C 479 -58.65 -4.12 8.34
CA GLU C 479 -58.81 -2.74 8.75
C GLU C 479 -57.58 -2.36 9.57
N ILE C 480 -56.86 -1.33 9.15
CA ILE C 480 -55.58 -1.01 9.76
C ILE C 480 -55.80 -0.28 11.08
N ARG C 481 -55.12 -0.72 12.14
CA ARG C 481 -55.11 0.00 13.40
C ARG C 481 -53.67 0.17 13.85
N LEU C 482 -53.21 1.42 13.95
CA LEU C 482 -51.84 1.72 14.33
C LEU C 482 -51.56 1.29 15.76
N VAL C 483 -50.30 0.95 16.04
CA VAL C 483 -49.90 0.66 17.39
C VAL C 483 -49.91 1.96 18.21
N GLU C 484 -50.42 1.87 19.43
CA GLU C 484 -50.59 3.06 20.26
C GLU C 484 -49.25 3.55 20.79
N ASP C 485 -48.48 2.66 21.41
CA ASP C 485 -47.24 3.08 22.05
C ASP C 485 -46.04 2.96 21.10
N GLY C 486 -46.23 3.41 19.85
CA GLY C 486 -45.20 3.79 18.89
C GLY C 486 -43.86 3.07 18.82
N LYS C 487 -43.85 1.75 18.98
CA LYS C 487 -42.60 1.01 19.07
C LYS C 487 -42.74 -0.28 18.27
N TYR C 488 -41.63 -1.03 18.18
CA TYR C 488 -41.62 -2.33 17.53
C TYR C 488 -41.79 -3.43 18.56
N GLY C 489 -40.94 -3.50 19.57
CA GLY C 489 -41.12 -4.44 20.65
C GLY C 489 -39.83 -4.90 21.29
N ALA C 490 -39.80 -4.89 22.62
CA ALA C 490 -38.63 -5.25 23.41
C ALA C 490 -39.03 -5.55 24.84
N GLN C 491 -38.22 -6.32 25.55
CA GLN C 491 -38.46 -6.54 26.97
C GLN C 491 -37.96 -5.34 27.77
N ASP C 492 -38.86 -4.75 28.56
CA ASP C 492 -38.51 -3.61 29.40
C ASP C 492 -37.77 -4.00 30.66
N ASP C 493 -37.68 -5.31 30.96
CA ASP C 493 -36.85 -5.94 31.99
C ASP C 493 -37.31 -5.61 33.41
N VAL C 494 -38.39 -4.84 33.56
CA VAL C 494 -38.91 -4.50 34.88
C VAL C 494 -39.91 -5.57 35.31
N ASN C 495 -40.61 -6.17 34.35
CA ASN C 495 -41.55 -7.25 34.62
C ASN C 495 -41.54 -8.31 33.52
N GLY C 496 -40.67 -8.16 32.53
CA GLY C 496 -40.63 -9.09 31.41
C GLY C 496 -41.85 -8.98 30.51
N GLN C 497 -42.43 -7.79 30.45
CA GLN C 497 -43.60 -7.53 29.61
C GLN C 497 -43.14 -6.88 28.31
N TRP C 498 -43.53 -7.46 27.18
CA TRP C 498 -43.24 -6.87 25.90
C TRP C 498 -44.09 -5.62 25.68
N ASN C 499 -43.62 -4.73 24.81
CA ASN C 499 -44.34 -3.51 24.45
C ASN C 499 -44.43 -3.39 22.94
N GLY C 500 -44.95 -2.25 22.47
CA GLY C 500 -44.99 -1.97 21.05
C GLY C 500 -45.95 -2.82 20.27
N MET C 501 -45.52 -3.33 19.11
CA MET C 501 -46.41 -4.15 18.29
C MET C 501 -46.53 -5.56 18.84
N VAL C 502 -45.45 -6.10 19.41
CA VAL C 502 -45.44 -7.51 19.76
C VAL C 502 -46.15 -7.75 21.10
N ARG C 503 -46.57 -6.66 21.76
CA ARG C 503 -47.49 -6.83 22.89
C ARG C 503 -48.90 -7.06 22.38
N GLU C 504 -49.31 -6.34 21.33
CA GLU C 504 -50.64 -6.53 20.76
C GLU C 504 -50.75 -7.86 20.03
N LEU C 505 -49.62 -8.43 19.62
CA LEU C 505 -49.63 -9.73 19.00
C LEU C 505 -49.70 -10.83 20.06
N ILE C 506 -49.02 -10.64 21.19
CA ILE C 506 -48.95 -11.70 22.20
C ILE C 506 -50.20 -11.67 23.08
N ASP C 507 -50.94 -10.56 23.05
CA ASP C 507 -52.15 -10.45 23.84
C ASP C 507 -53.38 -10.60 22.96
N HIS C 508 -53.16 -10.96 21.69
CA HIS C 508 -54.18 -11.23 20.67
C HIS C 508 -55.13 -10.06 20.44
N LYS C 509 -54.64 -8.83 20.65
CA LYS C 509 -55.41 -7.65 20.25
C LYS C 509 -55.24 -7.33 18.77
N ALA C 510 -54.41 -8.10 18.07
CA ALA C 510 -54.12 -7.90 16.66
C ALA C 510 -53.85 -9.24 16.02
N ASP C 511 -54.28 -9.37 14.76
CA ASP C 511 -54.14 -10.64 14.06
C ASP C 511 -52.88 -10.68 13.20
N LEU C 512 -52.43 -9.53 12.71
CA LEU C 512 -51.20 -9.46 11.93
C LEU C 512 -50.28 -8.34 12.39
N ALA C 513 -49.09 -8.26 11.79
CA ALA C 513 -48.24 -7.10 11.95
C ALA C 513 -47.43 -6.88 10.69
N VAL C 514 -47.95 -6.09 9.76
CA VAL C 514 -47.27 -5.88 8.50
C VAL C 514 -46.49 -4.57 8.61
N ALA C 515 -45.22 -4.67 8.97
CA ALA C 515 -44.40 -3.53 9.34
C ALA C 515 -42.95 -3.97 9.30
N PRO C 516 -41.96 -3.05 9.36
CA PRO C 516 -40.57 -3.50 9.49
C PRO C 516 -40.24 -4.11 10.83
N LEU C 517 -40.77 -5.31 11.08
CA LEU C 517 -40.58 -6.02 12.33
C LEU C 517 -39.58 -7.12 12.06
N ALA C 518 -38.31 -6.82 12.34
CA ALA C 518 -37.21 -7.70 11.96
C ALA C 518 -37.25 -9.02 12.72
N ILE C 519 -37.06 -10.10 11.98
CA ILE C 519 -37.09 -11.46 12.51
C ILE C 519 -35.81 -11.65 13.30
N THR C 520 -35.92 -11.66 14.63
CA THR C 520 -34.78 -11.85 15.52
C THR C 520 -35.11 -12.91 16.55
N TYR C 521 -34.09 -13.31 17.31
CA TYR C 521 -34.16 -14.50 18.15
C TYR C 521 -35.07 -14.35 19.36
N VAL C 522 -34.97 -13.21 20.05
CA VAL C 522 -35.74 -13.03 21.29
C VAL C 522 -37.21 -12.75 20.96
N ARG C 523 -37.49 -12.32 19.74
CA ARG C 523 -38.86 -12.02 19.34
C ARG C 523 -39.51 -13.22 18.67
N GLU C 524 -38.72 -14.18 18.20
CA GLU C 524 -39.25 -15.38 17.58
C GLU C 524 -39.89 -16.31 18.61
N LYS C 525 -39.39 -16.27 19.84
CA LYS C 525 -39.89 -17.20 20.85
C LYS C 525 -41.22 -16.80 21.46
N VAL C 526 -41.72 -15.59 21.18
CA VAL C 526 -42.96 -15.12 21.76
C VAL C 526 -44.06 -14.92 20.72
N ILE C 527 -43.71 -14.46 19.51
CA ILE C 527 -44.65 -14.38 18.41
C ILE C 527 -44.08 -15.16 17.25
N ASP C 528 -44.95 -15.53 16.32
CA ASP C 528 -44.57 -16.30 15.14
C ASP C 528 -44.55 -15.41 13.92
N PHE C 529 -43.42 -15.38 13.22
CA PHE C 529 -43.25 -14.57 12.03
C PHE C 529 -43.62 -15.37 10.79
N SER C 530 -43.88 -14.66 9.70
CA SER C 530 -43.94 -15.28 8.38
C SER C 530 -42.53 -15.39 7.82
N LYS C 531 -42.41 -15.72 6.55
CA LYS C 531 -41.12 -15.87 5.94
C LYS C 531 -40.81 -14.59 5.17
N PRO C 532 -39.54 -14.06 5.25
CA PRO C 532 -39.25 -12.65 4.94
C PRO C 532 -39.72 -12.08 3.61
N PHE C 533 -40.22 -10.85 3.63
CA PHE C 533 -40.55 -10.14 2.40
C PHE C 533 -39.47 -9.15 2.01
N MET C 534 -38.43 -8.99 2.81
CA MET C 534 -37.36 -8.05 2.53
C MET C 534 -36.11 -8.41 3.31
N THR C 535 -34.95 -8.24 2.70
CA THR C 535 -33.67 -8.52 3.35
C THR C 535 -32.95 -7.21 3.61
N LEU C 536 -32.49 -7.04 4.84
CA LEU C 536 -31.72 -5.87 5.23
C LEU C 536 -30.39 -6.28 5.85
N GLY C 537 -29.66 -5.32 6.38
CA GLY C 537 -28.38 -5.57 7.00
C GLY C 537 -27.75 -4.27 7.41
N ILE C 538 -26.68 -4.39 8.15
CA ILE C 538 -25.97 -3.21 8.64
C ILE C 538 -24.97 -2.75 7.58
N SER C 539 -25.09 -1.50 7.17
CA SER C 539 -24.10 -0.89 6.28
C SER C 539 -24.02 0.59 6.63
N ILE C 540 -23.19 1.31 5.86
CA ILE C 540 -22.60 2.58 6.31
C ILE C 540 -23.10 3.71 5.42
N LEU C 541 -23.73 4.71 6.02
CA LEU C 541 -23.86 6.00 5.34
C LEU C 541 -22.54 6.75 5.39
N TYR C 542 -22.26 7.47 4.31
CA TYR C 542 -21.08 8.32 4.26
C TYR C 542 -21.30 9.41 3.23
N ARG C 543 -20.66 10.56 3.42
CA ARG C 543 -20.73 11.65 2.45
C ARG C 543 -20.08 11.22 1.15
N LYS C 544 -20.84 11.33 0.06
CA LYS C 544 -20.39 10.98 -1.29
C LYS C 544 -19.17 11.83 -1.63
N PRO C 545 -18.11 11.27 -2.25
CA PRO C 545 -16.85 12.01 -2.34
C PRO C 545 -16.95 13.24 -3.22
N ASN C 546 -16.96 14.38 -2.55
CA ASN C 546 -16.89 15.69 -3.18
C ASN C 546 -15.48 15.86 -3.73
N GLY C 547 -15.37 15.75 -5.06
CA GLY C 547 -14.09 15.81 -5.72
C GLY C 547 -13.46 17.18 -5.64
N THR C 548 -12.20 17.18 -5.24
CA THR C 548 -11.43 18.40 -5.08
C THR C 548 -11.09 18.95 -6.45
N ASN C 549 -11.64 20.12 -6.76
CA ASN C 549 -11.19 20.86 -7.94
C ASN C 549 -9.73 21.26 -7.75
N PRO C 550 -8.85 20.86 -8.67
CA PRO C 550 -7.43 21.16 -8.49
C PRO C 550 -7.10 22.62 -8.73
N GLY C 551 -8.03 23.40 -9.28
CA GLY C 551 -7.75 24.73 -9.75
C GLY C 551 -7.29 24.69 -11.19
N VAL C 552 -7.19 25.87 -11.77
CA VAL C 552 -6.78 25.94 -13.17
C VAL C 552 -5.26 26.06 -13.19
N PHE C 553 -4.68 26.65 -12.15
CA PHE C 553 -3.24 26.75 -12.02
C PHE C 553 -2.68 25.65 -11.13
N SER C 554 -3.00 24.38 -11.44
CA SER C 554 -2.57 23.30 -10.55
C SER C 554 -1.24 22.71 -11.01
N PHE C 555 -0.68 23.26 -12.08
CA PHE C 555 0.64 22.83 -12.53
C PHE C 555 1.73 23.55 -11.76
N LEU C 556 1.36 24.57 -10.97
CA LEU C 556 2.33 25.29 -10.16
C LEU C 556 2.65 24.51 -8.90
N ASN C 557 1.82 23.53 -8.58
CA ASN C 557 1.90 22.76 -7.34
C ASN C 557 3.20 22.00 -7.04
N PRO C 558 3.95 21.39 -8.01
CA PRO C 558 5.15 20.65 -7.60
C PRO C 558 6.32 21.45 -7.06
N LEU C 559 6.24 22.78 -7.09
CA LEU C 559 7.24 23.62 -6.45
C LEU C 559 6.52 24.70 -5.66
N SER C 560 7.05 25.01 -4.49
CA SER C 560 6.47 26.02 -3.61
C SER C 560 6.55 27.40 -4.24
N PRO C 561 5.67 28.32 -3.86
CA PRO C 561 5.74 29.68 -4.46
C PRO C 561 6.96 30.48 -4.05
N ASP C 562 7.71 30.02 -3.04
CA ASP C 562 9.03 30.59 -2.78
C ASP C 562 10.00 30.23 -3.89
N ILE C 563 9.83 29.04 -4.49
CA ILE C 563 10.77 28.56 -5.50
C ILE C 563 10.51 29.22 -6.84
N TRP C 564 9.23 29.35 -7.23
CA TRP C 564 8.88 29.95 -8.52
C TRP C 564 9.26 31.42 -8.57
N MET C 565 9.33 32.08 -7.40
CA MET C 565 9.86 33.43 -7.36
C MET C 565 11.39 33.45 -7.44
N TYR C 566 12.04 32.48 -6.79
CA TYR C 566 13.49 32.49 -6.75
C TYR C 566 14.09 32.01 -8.08
N VAL C 567 13.32 31.26 -8.86
CA VAL C 567 13.75 30.89 -10.20
C VAL C 567 13.60 32.09 -11.15
N LEU C 568 12.57 32.91 -10.93
CA LEU C 568 12.42 34.13 -11.73
C LEU C 568 13.47 35.16 -11.36
N LEU C 569 13.87 35.22 -10.08
CA LEU C 569 14.90 36.15 -9.68
C LEU C 569 16.29 35.63 -9.99
N ALA C 570 16.40 34.34 -10.33
CA ALA C 570 17.66 33.81 -10.83
C ALA C 570 17.82 34.08 -12.32
N CYS C 571 16.69 34.22 -13.04
CA CYS C 571 16.76 34.60 -14.46
C CYS C 571 17.07 36.08 -14.61
N LEU C 572 16.59 36.90 -13.69
CA LEU C 572 16.95 38.32 -13.70
C LEU C 572 18.28 38.55 -13.03
N GLY C 573 18.81 37.55 -12.35
CA GLY C 573 20.09 37.68 -11.68
C GLY C 573 21.26 37.22 -12.51
N VAL C 574 21.17 35.99 -13.05
CA VAL C 574 22.27 35.41 -13.83
C VAL C 574 22.46 36.15 -15.14
N SER C 575 21.35 36.56 -15.76
CA SER C 575 21.43 37.23 -17.06
C SER C 575 21.95 38.66 -16.92
N CYS C 576 21.80 39.25 -15.74
CA CYS C 576 22.41 40.56 -15.49
C CYS C 576 23.83 40.41 -14.97
N VAL C 577 24.24 39.19 -14.66
CA VAL C 577 25.66 38.91 -14.36
C VAL C 577 26.39 38.58 -15.66
N LEU C 578 25.72 37.85 -16.56
CA LEU C 578 26.36 37.46 -17.81
C LEU C 578 26.54 38.66 -18.73
N PHE C 579 25.66 39.66 -18.60
CA PHE C 579 25.80 40.89 -19.39
C PHE C 579 27.01 41.69 -18.96
N VAL C 580 27.26 41.76 -17.66
CA VAL C 580 28.40 42.53 -17.15
C VAL C 580 29.71 41.84 -17.50
N ILE C 581 29.76 40.52 -17.37
CA ILE C 581 30.98 39.76 -17.65
C ILE C 581 31.30 39.76 -19.14
N ALA C 582 30.28 39.72 -19.99
CA ALA C 582 30.50 39.75 -21.44
C ALA C 582 31.03 41.09 -21.93
N ARG C 583 30.67 42.20 -21.28
CA ARG C 583 31.26 43.49 -21.66
C ARG C 583 32.63 43.68 -21.05
N PHE C 584 32.93 42.97 -19.96
CA PHE C 584 34.18 43.12 -19.23
C PHE C 584 35.28 42.18 -19.72
N SER C 585 34.92 41.03 -20.27
CA SER C 585 35.91 40.07 -20.74
C SER C 585 36.31 40.37 -22.17
N PRO C 586 37.61 40.34 -22.49
CA PRO C 586 38.04 40.68 -23.85
C PRO C 586 37.77 39.57 -24.86
N TYR C 587 37.65 38.32 -24.39
CA TYR C 587 37.55 37.19 -25.31
C TYR C 587 36.19 37.11 -25.97
N GLU C 588 35.14 37.59 -25.30
CA GLU C 588 33.81 37.61 -25.89
C GLU C 588 33.70 38.63 -27.01
N TRP C 589 34.50 39.69 -26.97
CA TRP C 589 34.64 40.63 -28.07
C TRP C 589 35.35 39.91 -29.21
N TYR C 590 34.60 39.49 -30.22
CA TYR C 590 35.17 38.75 -31.33
C TYR C 590 34.97 39.52 -32.62
N ASN C 591 35.67 39.07 -33.66
CA ASN C 591 35.53 39.61 -35.01
C ASN C 591 34.37 38.87 -35.67
N PRO C 592 33.29 39.57 -36.05
CA PRO C 592 32.16 38.89 -36.68
C PRO C 592 32.39 38.57 -38.15
N HIS C 593 33.54 38.97 -38.70
CA HIS C 593 33.88 38.71 -40.09
C HIS C 593 35.16 37.89 -40.17
N PRO C 594 35.05 36.56 -40.20
CA PRO C 594 36.17 35.75 -40.70
C PRO C 594 36.27 35.76 -42.21
N CYS C 595 35.21 36.20 -42.89
CA CYS C 595 35.17 36.29 -44.35
C CYS C 595 35.98 37.50 -44.83
N ASN C 596 36.16 38.45 -43.92
CA ASN C 596 36.90 39.67 -44.21
C ASN C 596 37.74 40.03 -42.99
N PRO C 597 39.07 39.78 -43.02
CA PRO C 597 39.91 40.06 -41.85
C PRO C 597 40.09 41.55 -41.58
N ASP C 598 39.04 42.20 -41.07
CA ASP C 598 39.07 43.62 -40.80
C ASP C 598 39.46 43.92 -39.35
N SER C 599 39.32 45.19 -38.96
CA SER C 599 39.48 45.60 -37.57
C SER C 599 38.45 46.67 -37.27
N ASP C 600 38.30 47.03 -35.98
CA ASP C 600 37.40 48.05 -35.40
C ASP C 600 35.92 47.64 -35.49
N VAL C 601 35.60 46.53 -36.15
CA VAL C 601 34.24 46.02 -36.21
C VAL C 601 33.99 44.96 -35.14
N VAL C 602 34.87 44.87 -34.15
CA VAL C 602 34.78 43.88 -33.07
C VAL C 602 33.59 44.19 -32.19
N GLU C 603 32.73 43.19 -31.97
CA GLU C 603 31.46 43.40 -31.28
C GLU C 603 31.10 42.18 -30.45
N ASN C 604 30.14 42.35 -29.54
CA ASN C 604 29.54 41.26 -28.78
C ASN C 604 28.20 40.91 -29.40
N ASN C 605 27.76 39.69 -29.16
CA ASN C 605 26.36 39.33 -29.38
C ASN C 605 25.56 39.30 -28.09
N PHE C 606 26.21 39.39 -26.93
CA PHE C 606 25.52 39.45 -25.65
C PHE C 606 25.22 40.91 -25.30
N THR C 607 24.10 41.39 -25.82
CA THR C 607 23.53 42.64 -25.35
C THR C 607 22.72 42.38 -24.08
N LEU C 608 22.01 43.39 -23.61
CA LEU C 608 21.18 43.20 -22.43
C LEU C 608 19.96 42.36 -22.77
N LEU C 609 19.44 42.53 -23.98
CA LEU C 609 18.27 41.76 -24.41
C LEU C 609 18.63 40.32 -24.77
N ASN C 610 19.83 40.12 -25.34
CA ASN C 610 20.24 38.77 -25.70
C ASN C 610 20.64 37.96 -24.46
N SER C 611 21.19 38.62 -23.44
CA SER C 611 21.58 37.91 -22.24
C SER C 611 20.37 37.44 -21.45
N PHE C 612 19.27 38.20 -21.51
CA PHE C 612 17.99 37.69 -21.03
C PHE C 612 17.53 36.51 -21.85
N TRP C 613 17.81 36.51 -23.15
CA TRP C 613 17.32 35.46 -24.04
C TRP C 613 18.18 34.20 -23.94
N PHE C 614 19.40 34.33 -23.42
CA PHE C 614 20.17 33.15 -23.10
C PHE C 614 19.62 32.48 -21.85
N GLY C 615 19.35 33.27 -20.82
CA GLY C 615 18.85 32.76 -19.57
C GLY C 615 17.46 32.16 -19.65
N VAL C 616 16.55 32.84 -20.36
CA VAL C 616 15.21 32.30 -20.60
C VAL C 616 15.29 31.11 -21.55
N GLY C 617 16.19 31.20 -22.54
CA GLY C 617 16.33 30.12 -23.50
C GLY C 617 16.92 28.86 -22.89
N ALA C 618 17.87 29.03 -21.97
CA ALA C 618 18.46 27.87 -21.32
C ALA C 618 17.57 27.30 -20.23
N LEU C 619 16.71 28.13 -19.63
CA LEU C 619 15.79 27.68 -18.58
C LEU C 619 14.77 26.69 -19.13
N MET C 620 14.34 26.89 -20.37
CA MET C 620 13.25 26.09 -20.93
C MET C 620 13.76 24.84 -21.62
N GLN C 621 15.05 24.52 -21.44
CA GLN C 621 15.74 23.36 -21.99
C GLN C 621 15.68 23.29 -23.51
N GLN C 622 15.54 24.42 -24.19
CA GLN C 622 15.47 24.38 -25.64
C GLN C 622 16.51 25.29 -26.30
N GLY C 623 17.41 25.87 -25.52
CA GLY C 623 18.59 26.51 -26.06
C GLY C 623 18.36 27.79 -26.82
N SER C 624 19.44 28.36 -27.36
CA SER C 624 19.37 29.59 -28.12
C SER C 624 20.48 29.63 -29.15
N GLU C 625 20.70 30.79 -29.77
CA GLU C 625 21.68 30.90 -30.85
C GLU C 625 22.89 31.71 -30.43
N LEU C 626 23.20 31.71 -29.13
CA LEU C 626 24.25 32.58 -28.62
C LEU C 626 25.51 31.86 -28.18
N MET C 627 25.43 30.93 -27.21
CA MET C 627 26.48 29.95 -26.86
C MET C 627 27.84 30.57 -26.56
N PRO C 628 28.05 31.08 -25.31
CA PRO C 628 29.21 31.93 -24.97
C PRO C 628 30.60 31.47 -25.41
N LYS C 629 31.48 32.44 -25.66
CA LYS C 629 32.76 32.19 -26.33
C LYS C 629 33.95 32.34 -25.39
N ALA C 630 33.86 33.17 -24.36
CA ALA C 630 34.94 33.31 -23.41
C ALA C 630 34.88 32.19 -22.39
N LEU C 631 35.89 32.05 -21.54
CA LEU C 631 35.83 31.11 -20.45
C LEU C 631 35.01 31.61 -19.27
N SER C 632 34.96 32.91 -19.05
CA SER C 632 34.22 33.46 -17.92
C SER C 632 32.72 33.44 -18.18
N THR C 633 32.31 33.58 -19.45
CA THR C 633 30.89 33.55 -19.77
C THR C 633 30.39 32.12 -19.97
N ARG C 634 31.30 31.15 -20.07
CA ARG C 634 30.89 29.75 -20.11
C ARG C 634 30.75 29.14 -18.72
N ILE C 635 31.44 29.69 -17.72
CA ILE C 635 31.22 29.26 -16.35
C ILE C 635 29.86 29.72 -15.86
N VAL C 636 29.44 30.93 -16.26
CA VAL C 636 28.07 31.37 -16.01
C VAL C 636 27.09 30.51 -16.79
N GLY C 637 27.44 30.15 -18.02
CA GLY C 637 26.63 29.27 -18.83
C GLY C 637 26.51 27.86 -18.30
N GLY C 638 27.63 27.26 -17.89
CA GLY C 638 27.60 25.88 -17.45
C GLY C 638 26.98 25.70 -16.07
N ILE C 639 27.04 26.75 -15.24
CA ILE C 639 26.39 26.71 -13.94
C ILE C 639 24.88 26.90 -14.08
N TRP C 640 24.47 27.81 -14.98
CA TRP C 640 23.04 28.00 -15.23
C TRP C 640 22.43 26.80 -15.92
N TRP C 641 23.23 25.97 -16.58
CA TRP C 641 22.70 24.77 -17.20
C TRP C 641 22.54 23.64 -16.19
N PHE C 642 23.46 23.54 -15.22
CA PHE C 642 23.32 22.54 -14.16
C PHE C 642 22.19 22.92 -13.21
N PHE C 643 22.03 24.21 -12.95
CA PHE C 643 20.91 24.71 -12.16
C PHE C 643 19.58 24.35 -12.82
N THR C 644 19.55 24.39 -14.16
CA THR C 644 18.30 24.22 -14.88
C THR C 644 17.86 22.76 -14.89
N LEU C 645 18.82 21.83 -15.00
CA LEU C 645 18.49 20.41 -14.97
C LEU C 645 17.85 20.00 -13.64
N ILE C 646 18.31 20.57 -12.55
CA ILE C 646 17.78 20.19 -11.25
C ILE C 646 16.38 20.79 -11.07
N ILE C 647 16.11 21.91 -11.72
CA ILE C 647 14.78 22.52 -11.62
C ILE C 647 13.75 21.73 -12.44
N ILE C 648 14.11 21.33 -13.66
CA ILE C 648 13.19 20.53 -14.48
C ILE C 648 13.04 19.12 -13.92
N SER C 649 14.14 18.51 -13.47
CA SER C 649 14.04 17.14 -12.98
C SER C 649 13.43 17.07 -11.58
N SER C 650 13.28 18.21 -10.90
CA SER C 650 12.54 18.20 -9.64
C SER C 650 11.10 18.68 -9.86
N TYR C 651 10.83 19.26 -11.03
CA TYR C 651 9.43 19.52 -11.39
C TYR C 651 8.78 18.25 -11.93
N THR C 652 9.51 17.51 -12.76
CA THR C 652 8.96 16.30 -13.35
C THR C 652 8.82 15.20 -12.32
N ALA C 653 9.75 15.12 -11.37
CA ALA C 653 9.71 14.04 -10.39
C ALA C 653 8.70 14.34 -9.27
N ASN C 654 8.51 15.61 -8.93
CA ASN C 654 7.51 15.92 -7.91
C ASN C 654 6.11 15.86 -8.50
N LEU C 655 5.94 16.21 -9.77
CA LEU C 655 4.63 16.04 -10.40
C LEU C 655 4.33 14.56 -10.61
N ALA C 656 5.37 13.75 -10.81
CA ALA C 656 5.16 12.30 -10.88
C ALA C 656 5.02 11.69 -9.50
N ALA C 657 5.16 12.51 -8.45
CA ALA C 657 4.88 12.06 -7.10
C ALA C 657 3.52 12.56 -6.64
N PHE C 658 3.12 13.76 -7.10
CA PHE C 658 1.76 14.22 -6.84
C PHE C 658 0.71 13.39 -7.57
N LEU C 659 1.03 12.88 -8.75
CA LEU C 659 0.04 12.16 -9.54
C LEU C 659 0.03 10.66 -9.24
N THR C 660 1.05 10.14 -8.56
CA THR C 660 0.99 8.74 -8.18
C THR C 660 0.60 8.56 -6.71
N VAL C 661 0.52 9.64 -5.95
CA VAL C 661 -0.10 9.56 -4.64
C VAL C 661 -1.61 9.71 -4.75
N GLU C 662 -2.07 10.63 -5.59
CA GLU C 662 -3.48 10.81 -5.86
C GLU C 662 -4.12 9.59 -6.52
N ARG C 663 -3.37 8.88 -7.37
CA ARG C 663 -3.88 7.68 -8.02
C ARG C 663 -3.83 6.45 -7.12
N MET C 664 -2.84 6.38 -6.23
CA MET C 664 -2.71 5.23 -5.33
C MET C 664 -3.76 5.21 -4.24
N GLU C 665 -4.19 6.38 -3.74
CA GLU C 665 -5.15 6.45 -2.66
C GLU C 665 -6.54 6.09 -3.16
N SER C 666 -7.39 5.69 -2.24
CA SER C 666 -8.72 5.22 -2.56
C SER C 666 -9.64 5.54 -1.39
N PRO C 667 -10.90 5.86 -1.65
CA PRO C 667 -11.84 6.09 -0.56
C PRO C 667 -12.20 4.79 0.16
N ILE C 668 -12.86 4.94 1.30
CA ILE C 668 -13.30 3.78 2.07
C ILE C 668 -14.43 3.08 1.33
N ASP C 669 -14.33 1.76 1.25
CA ASP C 669 -15.27 0.96 0.49
C ASP C 669 -15.56 -0.30 1.29
N SER C 670 -15.31 -0.23 2.60
CA SER C 670 -15.53 -1.37 3.48
C SER C 670 -15.68 -0.90 4.92
N ALA C 671 -15.79 -1.86 5.84
CA ALA C 671 -15.72 -1.52 7.27
C ALA C 671 -14.29 -1.65 7.78
N ASP C 672 -13.47 -2.46 7.10
CA ASP C 672 -12.07 -2.63 7.50
C ASP C 672 -11.27 -1.37 7.21
N ASP C 673 -11.53 -0.73 6.07
CA ASP C 673 -10.91 0.56 5.77
C ASP C 673 -11.51 1.67 6.62
N LEU C 674 -12.71 1.41 7.16
CA LEU C 674 -13.32 2.35 8.09
C LEU C 674 -12.87 2.06 9.52
N ALA C 675 -12.33 0.86 9.77
CA ALA C 675 -11.91 0.49 11.11
C ALA C 675 -10.60 1.18 11.49
N LYS C 676 -9.70 1.34 10.52
CA LYS C 676 -8.36 1.82 10.83
C LYS C 676 -8.32 3.34 10.97
N GLN C 677 -8.86 4.06 9.99
CA GLN C 677 -8.76 5.52 9.95
C GLN C 677 -9.63 6.18 11.00
N THR C 678 -9.00 6.69 12.06
CA THR C 678 -9.71 7.34 13.16
C THR C 678 -10.08 8.79 12.87
N LYS C 679 -9.70 9.31 11.71
CA LYS C 679 -10.16 10.65 11.31
C LYS C 679 -11.64 10.63 10.98
N ILE C 680 -12.11 9.57 10.32
CA ILE C 680 -13.52 9.46 9.98
C ILE C 680 -14.29 9.00 11.20
N GLU C 681 -15.28 9.80 11.59
CA GLU C 681 -16.03 9.63 12.83
C GLU C 681 -17.18 8.66 12.58
N TYR C 682 -17.41 7.74 13.52
CA TYR C 682 -18.38 6.67 13.29
C TYR C 682 -19.75 7.15 13.74
N GLY C 683 -20.70 6.23 13.86
CA GLY C 683 -22.01 6.61 14.37
C GLY C 683 -22.92 5.40 14.48
N ALA C 684 -23.88 5.51 15.39
CA ALA C 684 -24.90 4.49 15.61
C ALA C 684 -26.08 5.06 16.37
N VAL C 685 -27.25 4.42 16.25
CA VAL C 685 -28.39 4.82 17.06
C VAL C 685 -28.19 4.34 18.48
N GLU C 686 -28.35 5.25 19.45
CA GLU C 686 -28.25 4.91 20.86
C GLU C 686 -29.42 4.00 21.25
N ASP C 687 -29.08 2.85 21.86
CA ASP C 687 -29.99 1.78 22.26
C ASP C 687 -30.79 1.29 21.05
N GLY C 688 -30.08 0.76 20.05
CA GLY C 688 -30.73 0.25 18.86
C GLY C 688 -30.20 -1.13 18.53
N ALA C 689 -30.69 -1.67 17.42
CA ALA C 689 -30.29 -3.02 17.01
C ALA C 689 -28.95 -3.01 16.30
N THR C 690 -28.46 -1.82 15.94
CA THR C 690 -27.18 -1.72 15.24
C THR C 690 -26.03 -1.74 16.23
N MET C 691 -26.12 -0.93 17.29
CA MET C 691 -25.05 -0.91 18.30
C MET C 691 -25.07 -2.17 19.16
N THR C 692 -26.20 -2.88 19.18
CA THR C 692 -26.27 -4.14 19.91
C THR C 692 -25.44 -5.21 19.21
N PHE C 693 -25.32 -5.10 17.89
CA PHE C 693 -24.53 -6.04 17.11
C PHE C 693 -23.04 -5.90 17.41
N PHE C 694 -22.60 -4.68 17.76
CA PHE C 694 -21.18 -4.48 18.04
C PHE C 694 -20.85 -4.77 19.49
N LYS C 695 -21.86 -4.93 20.34
CA LYS C 695 -21.62 -5.42 21.69
C LYS C 695 -21.30 -6.90 21.65
N LYS C 696 -22.16 -7.68 20.99
CA LYS C 696 -22.07 -9.13 21.02
C LYS C 696 -21.13 -9.67 19.96
N SER C 697 -20.44 -8.79 19.25
CA SER C 697 -19.54 -9.19 18.18
C SER C 697 -18.24 -9.76 18.74
N LYS C 698 -17.72 -10.78 18.05
CA LYS C 698 -16.45 -11.38 18.41
C LYS C 698 -15.48 -11.25 17.25
N ILE C 699 -15.93 -10.59 16.18
CA ILE C 699 -15.05 -10.32 15.04
C ILE C 699 -14.02 -9.28 15.45
N SER C 700 -12.77 -9.48 15.03
CA SER C 700 -11.68 -8.62 15.46
C SER C 700 -11.73 -7.25 14.79
N THR C 701 -12.54 -7.11 13.74
CA THR C 701 -12.63 -5.83 13.05
C THR C 701 -13.86 -5.05 13.49
N TYR C 702 -14.71 -5.66 14.33
CA TYR C 702 -15.95 -5.00 14.73
C TYR C 702 -15.89 -4.56 16.19
N ASP C 703 -15.16 -5.31 17.03
CA ASP C 703 -14.96 -4.88 18.40
C ASP C 703 -14.03 -3.68 18.48
N LYS C 704 -13.13 -3.53 17.51
CA LYS C 704 -12.39 -2.29 17.34
C LYS C 704 -13.31 -1.12 17.00
N MET C 705 -14.39 -1.37 16.25
CA MET C 705 -15.38 -0.33 16.02
C MET C 705 -16.20 -0.04 17.26
N TRP C 706 -16.42 -1.06 18.10
CA TRP C 706 -17.09 -0.81 19.38
C TRP C 706 -16.16 -0.08 20.34
N ALA C 707 -14.85 -0.33 20.23
CA ALA C 707 -13.88 0.37 21.06
C ALA C 707 -13.81 1.85 20.70
N PHE C 708 -14.08 2.18 19.44
CA PHE C 708 -14.22 3.59 19.05
C PHE C 708 -15.51 4.17 19.60
N MET C 709 -16.57 3.36 19.65
CA MET C 709 -17.86 3.87 20.07
C MET C 709 -17.98 3.88 21.59
N SER C 710 -17.20 3.05 22.28
CA SER C 710 -17.19 3.11 23.73
C SER C 710 -16.30 4.23 24.25
N SER C 711 -15.29 4.61 23.47
CA SER C 711 -14.39 5.68 23.89
C SER C 711 -15.03 7.05 23.66
N ARG C 712 -15.48 7.30 22.42
CA ARG C 712 -16.02 8.59 22.03
C ARG C 712 -17.54 8.65 22.10
N ARG C 713 -18.15 7.92 23.04
CA ARG C 713 -19.59 7.94 23.30
C ARG C 713 -20.02 9.35 23.71
N GLN C 714 -21.30 9.69 23.42
CA GLN C 714 -21.99 10.99 23.49
C GLN C 714 -21.60 11.86 22.30
N SER C 715 -20.66 11.38 21.49
CA SER C 715 -20.29 12.04 20.25
C SER C 715 -20.48 11.16 19.01
N VAL C 716 -20.46 9.83 19.16
CA VAL C 716 -20.63 8.93 18.03
C VAL C 716 -21.82 8.02 18.27
N LEU C 717 -22.68 8.40 19.22
CA LEU C 717 -23.83 7.59 19.61
C LEU C 717 -25.12 8.40 19.60
N VAL C 718 -25.43 9.05 18.48
CA VAL C 718 -26.61 9.91 18.34
C VAL C 718 -27.88 9.08 18.52
N LYS C 719 -29.00 9.75 18.84
CA LYS C 719 -30.17 9.10 19.41
C LYS C 719 -31.09 8.43 18.40
N SER C 720 -31.12 8.87 17.14
CA SER C 720 -32.06 8.30 16.19
C SER C 720 -31.47 8.33 14.79
N ASN C 721 -32.24 7.81 13.84
CA ASN C 721 -31.80 7.78 12.44
C ASN C 721 -31.87 9.16 11.81
N GLU C 722 -32.71 10.05 12.32
CA GLU C 722 -32.92 11.33 11.66
C GLU C 722 -31.78 12.29 11.94
N GLU C 723 -31.29 12.30 13.18
CA GLU C 723 -30.17 13.18 13.52
C GLU C 723 -28.85 12.61 13.02
N GLY C 724 -28.81 11.31 12.77
CA GLY C 724 -27.58 10.69 12.30
C GLY C 724 -27.29 11.01 10.85
N ILE C 725 -28.34 11.27 10.07
CA ILE C 725 -28.17 11.70 8.68
C ILE C 725 -27.66 13.13 8.63
N GLN C 726 -28.12 13.97 9.56
CA GLN C 726 -27.68 15.37 9.59
C GLN C 726 -26.25 15.50 10.07
N ARG C 727 -25.73 14.48 10.75
CA ARG C 727 -24.32 14.48 11.14
C ARG C 727 -23.42 14.14 9.97
N VAL C 728 -23.87 13.25 9.08
CA VAL C 728 -23.09 12.92 7.89
C VAL C 728 -23.10 14.09 6.92
N LEU C 729 -24.22 14.81 6.86
CA LEU C 729 -24.37 15.93 5.94
C LEU C 729 -23.51 17.12 6.33
N THR C 730 -23.17 17.29 7.61
CA THR C 730 -22.31 18.39 8.03
C THR C 730 -20.87 17.95 8.27
N SER C 731 -20.65 17.02 9.19
CA SER C 731 -19.29 16.63 9.54
C SER C 731 -18.84 15.40 8.77
N ASP C 732 -17.70 14.83 9.15
CA ASP C 732 -17.14 13.62 8.55
C ASP C 732 -17.61 12.42 9.37
N TYR C 733 -18.89 12.10 9.24
CA TYR C 733 -19.60 11.11 10.04
C TYR C 733 -19.82 9.89 9.15
N ALA C 734 -19.86 8.71 9.76
CA ALA C 734 -19.89 7.43 9.02
C ALA C 734 -20.97 6.53 9.59
N PHE C 735 -22.20 7.06 9.68
CA PHE C 735 -23.32 6.51 10.42
C PHE C 735 -23.73 5.09 10.01
N LEU C 736 -23.82 4.20 10.98
CA LEU C 736 -24.15 2.79 10.80
C LEU C 736 -25.64 2.53 11.03
N MET C 737 -26.39 2.24 9.98
CA MET C 737 -27.80 1.94 10.15
C MET C 737 -28.17 0.79 9.22
N GLU C 738 -29.46 0.45 9.17
CA GLU C 738 -29.89 -0.69 8.38
C GLU C 738 -29.99 -0.33 6.91
N SER C 739 -29.90 -1.35 6.06
CA SER C 739 -29.61 -1.13 4.65
C SER C 739 -30.84 -0.67 3.88
N THR C 740 -32.04 -0.90 4.42
CA THR C 740 -33.24 -0.51 3.69
C THR C 740 -33.57 0.95 3.91
N THR C 741 -33.03 1.54 4.98
CA THR C 741 -33.17 2.97 5.16
C THR C 741 -31.87 3.71 4.86
N ILE C 742 -30.93 3.05 4.18
CA ILE C 742 -29.88 3.76 3.48
C ILE C 742 -30.29 3.95 2.02
N GLU C 743 -30.78 2.89 1.38
CA GLU C 743 -31.19 2.90 -0.02
C GLU C 743 -32.36 3.84 -0.27
N PHE C 744 -33.13 4.14 0.77
CA PHE C 744 -34.12 5.19 0.71
C PHE C 744 -33.48 6.58 0.80
N VAL C 745 -32.54 6.74 1.72
CA VAL C 745 -31.96 8.05 1.98
C VAL C 745 -30.97 8.44 0.88
N THR C 746 -30.16 7.46 0.45
CA THR C 746 -29.16 7.68 -0.59
C THR C 746 -29.79 8.08 -1.92
N GLN C 747 -30.94 7.49 -2.23
CA GLN C 747 -31.48 7.63 -3.57
C GLN C 747 -32.41 8.82 -3.70
N ARG C 748 -32.78 9.47 -2.59
CA ARG C 748 -33.47 10.77 -2.66
C ARG C 748 -32.56 11.90 -2.20
N ASN C 749 -31.28 11.63 -1.96
CA ASN C 749 -30.32 12.63 -1.57
C ASN C 749 -28.95 12.24 -2.14
N CYS C 750 -28.61 12.77 -3.31
CA CYS C 750 -27.43 12.31 -4.04
C CYS C 750 -26.13 12.99 -3.60
N ASN C 751 -26.13 13.58 -2.41
CA ASN C 751 -24.89 13.94 -1.73
C ASN C 751 -24.44 12.86 -0.77
N LEU C 752 -25.24 11.80 -0.64
CA LEU C 752 -25.02 10.71 0.29
C LEU C 752 -24.80 9.42 -0.48
N THR C 753 -24.06 8.50 0.12
CA THR C 753 -23.75 7.25 -0.55
C THR C 753 -23.69 6.13 0.48
N GLN C 754 -23.64 4.90 -0.03
CA GLN C 754 -23.50 3.70 0.79
C GLN C 754 -22.15 3.07 0.48
N ILE C 755 -21.22 3.17 1.44
CA ILE C 755 -19.90 2.58 1.23
C ILE C 755 -19.85 1.24 1.94
N GLY C 756 -19.26 0.25 1.28
CA GLY C 756 -19.14 -1.07 1.83
C GLY C 756 -20.32 -1.93 1.42
N GLY C 757 -20.49 -3.04 2.12
CA GLY C 757 -21.60 -3.93 1.86
C GLY C 757 -22.36 -4.22 3.13
N LEU C 758 -23.18 -5.27 3.08
CA LEU C 758 -23.95 -5.68 4.23
C LEU C 758 -23.07 -6.38 5.27
N ILE C 759 -23.19 -5.96 6.51
CA ILE C 759 -22.46 -6.60 7.61
C ILE C 759 -23.31 -7.68 8.27
N ASP C 760 -24.46 -7.30 8.80
CA ASP C 760 -25.41 -8.24 9.41
C ASP C 760 -26.33 -8.72 8.32
N SER C 761 -27.25 -9.64 8.63
CA SER C 761 -28.25 -10.06 7.67
C SER C 761 -29.57 -10.37 8.36
N LYS C 762 -30.45 -9.38 8.44
CA LYS C 762 -31.74 -9.52 9.11
C LYS C 762 -32.81 -9.72 8.05
N GLY C 763 -34.06 -9.76 8.47
CA GLY C 763 -35.15 -9.90 7.52
C GLY C 763 -36.45 -9.44 8.13
N TYR C 764 -37.18 -8.65 7.35
CA TYR C 764 -38.49 -8.13 7.76
C TYR C 764 -39.53 -9.19 7.50
N GLY C 765 -40.30 -9.53 8.52
CA GLY C 765 -41.33 -10.55 8.35
C GLY C 765 -42.68 -10.12 8.86
N VAL C 766 -43.75 -10.57 8.19
CA VAL C 766 -45.11 -10.30 8.62
C VAL C 766 -45.41 -11.08 9.89
N GLY C 767 -45.63 -10.38 10.99
CA GLY C 767 -45.85 -11.04 12.27
C GLY C 767 -47.23 -11.64 12.41
N THR C 768 -47.34 -12.69 13.23
CA THR C 768 -48.57 -13.38 13.57
C THR C 768 -48.51 -13.73 15.04
N PRO C 769 -49.65 -13.94 15.70
CA PRO C 769 -49.58 -14.43 17.09
C PRO C 769 -49.11 -15.88 17.13
N MET C 770 -48.72 -16.32 18.34
CA MET C 770 -48.08 -17.61 18.53
C MET C 770 -49.01 -18.77 18.23
N GLY C 771 -48.77 -19.42 17.09
CA GLY C 771 -49.62 -20.52 16.66
C GLY C 771 -50.79 -20.13 15.80
N SER C 772 -50.68 -19.04 15.06
CA SER C 772 -51.81 -18.58 14.25
C SER C 772 -51.88 -19.38 12.96
N PRO C 773 -53.08 -19.61 12.42
CA PRO C 773 -53.18 -20.29 11.11
C PRO C 773 -52.70 -19.45 9.95
N TYR C 774 -52.63 -18.12 10.10
CA TYR C 774 -52.29 -17.26 8.96
C TYR C 774 -50.78 -17.23 8.71
N ARG C 775 -50.00 -17.86 9.58
CA ARG C 775 -48.55 -17.90 9.38
C ARG C 775 -48.18 -18.73 8.15
N ASP C 776 -48.83 -19.88 7.98
CA ASP C 776 -48.48 -20.78 6.89
C ASP C 776 -49.11 -20.33 5.58
N LYS C 777 -50.25 -19.62 5.65
CA LYS C 777 -50.83 -19.10 4.42
C LYS C 777 -50.07 -17.92 3.88
N ILE C 778 -49.59 -17.02 4.76
CA ILE C 778 -48.88 -15.82 4.29
C ILE C 778 -47.47 -16.17 3.83
N THR C 779 -46.84 -17.18 4.46
CA THR C 779 -45.56 -17.70 3.99
C THR C 779 -45.65 -18.21 2.56
N ILE C 780 -46.75 -18.89 2.23
CA ILE C 780 -47.00 -19.28 0.85
C ILE C 780 -47.44 -18.07 0.02
N ALA C 781 -48.08 -17.09 0.65
CA ALA C 781 -48.58 -15.94 -0.11
C ALA C 781 -47.47 -14.94 -0.42
N ILE C 782 -46.55 -14.71 0.52
CA ILE C 782 -45.39 -13.87 0.27
C ILE C 782 -44.52 -14.49 -0.82
N LEU C 783 -44.38 -15.81 -0.78
CA LEU C 783 -43.46 -16.48 -1.67
C LEU C 783 -44.05 -16.64 -3.06
N GLN C 784 -45.38 -16.57 -3.17
CA GLN C 784 -46.01 -16.51 -4.49
C GLN C 784 -45.74 -15.18 -5.17
N LEU C 785 -45.73 -14.09 -4.41
CA LEU C 785 -45.44 -12.77 -4.95
C LEU C 785 -43.97 -12.59 -5.30
N GLN C 786 -43.08 -13.42 -4.76
CA GLN C 786 -41.68 -13.33 -5.15
C GLN C 786 -41.44 -14.01 -6.49
N GLU C 787 -42.17 -15.10 -6.76
CA GLU C 787 -41.94 -15.86 -7.98
C GLU C 787 -42.53 -15.16 -9.19
N GLU C 788 -43.60 -14.39 -8.98
CA GLU C 788 -44.15 -13.61 -10.08
C GLU C 788 -43.62 -12.18 -10.04
N GLY C 789 -42.60 -11.94 -9.22
CA GLY C 789 -41.87 -10.69 -9.22
C GLY C 789 -42.60 -9.47 -8.69
N LYS C 790 -43.53 -9.65 -7.75
CA LYS C 790 -44.24 -8.50 -7.20
C LYS C 790 -43.38 -7.74 -6.19
N LEU C 791 -42.60 -8.46 -5.38
CA LEU C 791 -41.86 -7.83 -4.29
C LEU C 791 -40.64 -7.05 -4.78
N HIS C 792 -40.29 -7.18 -6.05
CA HIS C 792 -39.26 -6.30 -6.57
C HIS C 792 -39.88 -5.08 -7.26
N MET C 793 -41.06 -5.25 -7.83
CA MET C 793 -41.73 -4.14 -8.49
C MET C 793 -42.34 -3.19 -7.46
N MET C 794 -42.54 -3.67 -6.24
CA MET C 794 -43.02 -2.82 -5.17
C MET C 794 -41.88 -2.06 -4.52
N LYS C 795 -40.70 -2.68 -4.43
CA LYS C 795 -39.54 -2.01 -3.86
C LYS C 795 -39.03 -0.92 -4.81
N GLU C 796 -39.18 -1.14 -6.12
CA GLU C 796 -38.72 -0.17 -7.10
C GLU C 796 -39.76 0.94 -7.31
N LYS C 797 -40.91 0.84 -6.65
CA LYS C 797 -41.89 1.91 -6.72
C LYS C 797 -41.67 2.90 -5.59
N TRP C 798 -41.23 2.42 -4.43
CA TRP C 798 -41.15 3.24 -3.23
C TRP C 798 -39.74 3.68 -2.87
N TRP C 799 -38.73 2.88 -3.18
CA TRP C 799 -37.34 3.24 -2.91
C TRP C 799 -36.67 3.94 -4.08
N ARG C 800 -37.35 4.11 -5.22
CA ARG C 800 -36.70 4.70 -6.39
C ARG C 800 -36.63 6.22 -6.31
N GLY C 801 -37.78 6.88 -6.19
CA GLY C 801 -37.80 8.33 -6.03
C GLY C 801 -37.56 9.11 -7.30
N ASN C 802 -37.02 10.33 -7.14
CA ASN C 802 -36.81 11.24 -8.25
C ASN C 802 -35.65 10.84 -9.14
N GLY C 803 -35.34 11.68 -10.15
CA GLY C 803 -34.23 11.47 -11.05
C GLY C 803 -32.90 11.39 -10.34
N CYS C 804 -32.58 12.41 -9.54
CA CYS C 804 -31.44 12.50 -8.62
C CYS C 804 -30.12 12.28 -9.37
N PRO C 805 -29.52 13.36 -9.94
CA PRO C 805 -28.55 13.25 -11.06
C PRO C 805 -27.29 12.39 -10.91
N GLU C 806 -27.25 11.46 -9.95
CA GLU C 806 -26.14 10.58 -9.56
C GLU C 806 -25.38 9.85 -10.66
N GLU C 807 -25.85 9.89 -11.91
CA GLU C 807 -25.20 9.39 -13.12
C GLU C 807 -23.69 9.64 -13.13
N GLU C 808 -23.30 10.92 -13.05
CA GLU C 808 -22.06 11.45 -12.46
C GLU C 808 -20.80 10.61 -12.67
N SER C 809 -20.40 10.42 -13.92
CA SER C 809 -19.36 9.47 -14.26
C SER C 809 -17.99 9.95 -13.79
N LYS C 810 -17.71 9.76 -12.50
CA LYS C 810 -16.45 10.19 -11.92
C LYS C 810 -15.29 9.34 -12.43
N GLU C 811 -14.29 10.01 -13.01
CA GLU C 811 -13.07 9.34 -13.45
C GLU C 811 -11.88 10.14 -12.92
N ALA C 812 -10.67 9.65 -13.17
CA ALA C 812 -9.49 10.33 -12.66
C ALA C 812 -8.25 10.06 -13.50
N SER C 813 -7.19 10.83 -13.24
CA SER C 813 -5.81 10.57 -13.63
C SER C 813 -5.53 10.75 -15.12
N ALA C 814 -6.55 10.99 -15.94
CA ALA C 814 -6.30 11.45 -17.29
C ALA C 814 -6.31 12.97 -17.25
N LEU C 815 -5.17 13.60 -17.52
CA LEU C 815 -5.01 15.04 -17.35
C LEU C 815 -5.85 15.81 -18.36
N GLY C 816 -6.79 16.60 -17.87
CA GLY C 816 -7.73 17.28 -18.73
C GLY C 816 -7.61 18.78 -18.58
N VAL C 817 -8.70 19.47 -18.89
CA VAL C 817 -8.72 20.92 -18.86
C VAL C 817 -8.81 21.39 -17.40
N GLN C 818 -9.48 20.59 -16.57
CA GLN C 818 -9.76 20.96 -15.18
C GLN C 818 -8.52 20.94 -14.28
N ASN C 819 -7.42 20.35 -14.73
CA ASN C 819 -6.23 20.29 -13.88
C ASN C 819 -4.96 20.74 -14.59
N ILE C 820 -4.93 20.68 -15.92
CA ILE C 820 -3.92 21.44 -16.65
C ILE C 820 -4.63 22.28 -17.72
N GLY C 821 -5.07 23.47 -17.31
CA GLY C 821 -5.77 24.36 -18.22
C GLY C 821 -5.27 25.78 -18.06
N GLY C 822 -4.50 26.02 -17.01
CA GLY C 822 -3.94 27.34 -16.79
C GLY C 822 -2.69 27.58 -17.61
N ILE C 823 -2.19 26.54 -18.27
CA ILE C 823 -1.09 26.72 -19.20
C ILE C 823 -1.64 27.14 -20.56
N PHE C 824 -2.98 27.03 -20.72
CA PHE C 824 -3.65 27.62 -21.88
C PHE C 824 -3.92 29.10 -21.65
N ILE C 825 -4.15 29.49 -20.39
CA ILE C 825 -4.42 30.89 -20.09
C ILE C 825 -3.15 31.72 -20.18
N VAL C 826 -2.06 31.23 -19.60
CA VAL C 826 -0.80 31.98 -19.62
C VAL C 826 -0.17 31.89 -21.02
N LEU C 827 -0.56 30.91 -21.82
CA LEU C 827 -0.27 30.98 -23.25
C LEU C 827 -1.02 32.12 -23.90
N ALA C 828 -2.32 32.23 -23.63
CA ALA C 828 -3.12 33.27 -24.24
C ALA C 828 -2.80 34.64 -23.66
N ALA C 829 -2.38 34.69 -22.39
CA ALA C 829 -2.00 35.96 -21.79
C ALA C 829 -0.64 36.42 -22.28
N GLY C 830 0.18 35.50 -22.79
CA GLY C 830 1.47 35.88 -23.32
C GLY C 830 1.40 36.29 -24.77
N LEU C 831 0.39 35.82 -25.49
CA LEU C 831 0.21 36.19 -26.89
C LEU C 831 -0.58 37.49 -27.05
N VAL C 832 -1.40 37.84 -26.05
CA VAL C 832 -2.02 39.16 -26.04
C VAL C 832 -0.98 40.23 -25.75
N LEU C 833 -0.08 39.95 -24.80
CA LEU C 833 0.98 40.88 -24.44
C LEU C 833 1.97 41.12 -25.57
N SER C 834 2.22 40.10 -26.38
CA SER C 834 3.25 40.22 -27.42
C SER C 834 2.75 41.02 -28.60
N VAL C 835 1.44 41.10 -28.80
CA VAL C 835 0.85 41.96 -29.82
C VAL C 835 1.05 43.40 -29.38
N PHE C 836 0.94 43.65 -28.07
CA PHE C 836 1.05 45.01 -27.54
C PHE C 836 2.49 45.51 -27.60
N VAL C 837 3.45 44.59 -27.72
CA VAL C 837 4.83 45.01 -27.92
C VAL C 837 5.14 45.16 -29.40
N ALA C 838 4.46 44.38 -30.25
CA ALA C 838 4.63 44.51 -31.70
C ALA C 838 4.01 45.82 -32.20
N VAL C 839 2.98 46.31 -31.51
CA VAL C 839 2.46 47.64 -31.76
C VAL C 839 3.48 48.64 -31.24
N GLY C 840 4.11 48.29 -30.11
CA GLY C 840 5.08 49.21 -29.51
C GLY C 840 6.39 49.25 -30.28
N GLU C 841 6.67 48.22 -31.08
CA GLU C 841 7.87 48.23 -31.92
C GLU C 841 7.62 48.95 -33.24
N PHE C 842 6.42 48.78 -33.81
CA PHE C 842 6.12 49.35 -35.11
C PHE C 842 5.95 50.86 -35.02
N LEU C 843 5.51 51.34 -33.85
CA LEU C 843 5.42 52.78 -33.64
C LEU C 843 6.78 53.38 -33.36
N TYR C 844 7.60 52.68 -32.56
CA TYR C 844 8.90 53.22 -32.14
C TYR C 844 9.89 53.31 -33.29
N LYS C 845 9.73 52.43 -34.29
CA LYS C 845 10.56 52.53 -35.48
C LYS C 845 10.13 53.71 -36.34
N SER C 846 8.81 53.87 -36.55
CA SER C 846 8.30 54.94 -37.39
C SER C 846 8.48 56.32 -36.74
N LYS C 847 8.51 56.37 -35.41
CA LYS C 847 8.79 57.61 -34.71
C LYS C 847 10.28 57.96 -34.80
N LYS C 848 11.11 56.97 -35.11
CA LYS C 848 12.52 57.24 -35.40
C LYS C 848 12.67 57.66 -36.86
N ASN C 849 11.92 57.04 -37.76
CA ASN C 849 11.98 57.38 -39.19
C ASN C 849 11.42 58.76 -39.47
N ALA C 850 10.27 59.09 -38.90
CA ALA C 850 9.65 60.39 -39.11
C ALA C 850 10.37 61.48 -38.32
N ARG D 431 -13.49 -14.89 52.80
CA ARG D 431 -12.99 -13.74 53.54
C ARG D 431 -12.41 -12.74 52.54
N SER D 432 -12.76 -11.46 52.71
CA SER D 432 -12.24 -10.41 51.85
C SER D 432 -10.82 -10.05 52.26
N LEU D 433 -9.87 -10.32 51.36
CA LEU D 433 -8.45 -10.04 51.60
C LEU D 433 -8.13 -8.68 50.99
N ILE D 434 -7.25 -7.94 51.66
CA ILE D 434 -7.07 -6.51 51.42
C ILE D 434 -5.96 -6.23 50.40
N VAL D 435 -6.33 -6.19 49.13
CA VAL D 435 -5.40 -5.97 48.02
C VAL D 435 -4.87 -4.54 48.02
N THR D 436 -3.56 -4.38 48.14
CA THR D 436 -2.97 -3.05 48.02
C THR D 436 -2.70 -2.74 46.55
N THR D 437 -2.52 -1.45 46.23
CA THR D 437 -2.49 -0.96 44.85
C THR D 437 -1.95 0.45 44.77
N ILE D 438 -1.00 0.70 43.86
CA ILE D 438 -0.57 2.05 43.52
C ILE D 438 -1.20 2.39 42.17
N LEU D 439 -1.34 3.69 41.88
CA LEU D 439 -1.98 4.13 40.65
C LEU D 439 -0.95 4.41 39.56
N GLU D 440 -1.04 3.66 38.48
CA GLU D 440 -0.29 3.97 37.26
C GLU D 440 -1.22 3.76 36.07
N GLU D 441 -0.86 4.31 35.03
CA GLU D 441 -1.63 4.20 33.81
C GLU D 441 -0.90 3.31 32.82
N PRO D 442 -1.57 2.36 32.16
CA PRO D 442 -2.99 1.98 32.21
C PRO D 442 -3.28 0.91 33.22
N TYR D 443 -2.53 0.87 34.33
CA TYR D 443 -2.66 -0.23 35.26
C TYR D 443 -3.89 -0.07 36.14
N VAL D 444 -3.93 1.00 36.94
CA VAL D 444 -5.07 1.30 37.82
C VAL D 444 -5.36 2.78 37.69
N LEU D 445 -6.55 3.12 37.21
CA LEU D 445 -6.97 4.50 36.99
C LEU D 445 -8.21 4.83 37.81
N PHE D 446 -8.62 6.09 37.75
CA PHE D 446 -9.93 6.50 38.26
C PHE D 446 -10.95 6.41 37.13
N LYS D 447 -12.00 5.63 37.34
CA LYS D 447 -13.13 5.62 36.42
C LYS D 447 -14.02 6.82 36.73
N LYS D 448 -14.55 7.48 35.70
CA LYS D 448 -15.35 8.69 35.86
C LYS D 448 -16.60 8.56 35.00
N SER D 449 -17.78 8.49 35.62
CA SER D 449 -18.96 8.70 34.78
C SER D 449 -19.79 9.92 35.20
N ASP D 450 -20.50 9.83 36.32
CA ASP D 450 -21.20 11.01 36.84
C ASP D 450 -21.33 11.05 38.37
N LYS D 451 -21.30 9.89 39.02
CA LYS D 451 -21.98 9.74 40.30
C LYS D 451 -21.07 9.95 41.51
N PRO D 452 -21.61 10.42 42.65
CA PRO D 452 -20.78 10.57 43.85
C PRO D 452 -20.47 9.29 44.60
N LEU D 453 -21.46 8.41 44.78
CA LEU D 453 -21.29 7.24 45.64
C LEU D 453 -20.48 6.15 44.96
N TYR D 454 -19.42 5.69 45.61
CA TYR D 454 -18.41 4.85 44.98
C TYR D 454 -18.03 3.61 45.79
N GLY D 455 -17.01 2.90 45.30
CA GLY D 455 -16.39 1.79 45.98
C GLY D 455 -16.21 0.61 45.03
N ASN D 456 -14.94 0.23 44.81
CA ASN D 456 -14.50 -0.83 43.90
C ASN D 456 -15.01 -0.74 42.47
N ASP D 457 -15.49 0.44 42.07
CA ASP D 457 -15.87 0.72 40.68
C ASP D 457 -15.22 2.03 40.30
N ARG D 458 -14.48 2.62 41.26
CA ARG D 458 -13.58 3.72 40.96
C ARG D 458 -12.48 3.31 40.00
N PHE D 459 -12.10 2.04 40.03
CA PHE D 459 -10.84 1.59 39.45
C PHE D 459 -11.07 0.75 38.21
N GLU D 460 -10.28 1.03 37.18
CA GLU D 460 -10.27 0.21 35.97
C GLU D 460 -8.84 0.16 35.45
N GLY D 461 -8.58 -0.81 34.58
CA GLY D 461 -7.27 -0.91 33.96
C GLY D 461 -6.77 -2.32 33.78
N TYR D 462 -5.45 -2.46 33.64
CA TYR D 462 -4.86 -3.79 33.45
C TYR D 462 -4.88 -4.58 34.76
N CYS D 463 -4.47 -3.94 35.85
CA CYS D 463 -4.34 -4.67 37.11
C CYS D 463 -5.69 -4.92 37.77
N ILE D 464 -6.74 -4.25 37.29
CA ILE D 464 -8.08 -4.54 37.79
C ILE D 464 -8.73 -5.65 36.96
N ASP D 465 -8.50 -5.67 35.65
CA ASP D 465 -8.94 -6.80 34.83
C ASP D 465 -8.15 -8.06 35.15
N LEU D 466 -6.91 -7.90 35.62
CA LEU D 466 -6.15 -9.06 36.10
C LEU D 466 -6.75 -9.59 37.40
N LEU D 467 -7.16 -8.68 38.29
CA LEU D 467 -7.58 -9.09 39.62
C LEU D 467 -8.98 -9.70 39.61
N ARG D 468 -9.85 -9.22 38.72
CA ARG D 468 -11.20 -9.77 38.67
C ARG D 468 -11.24 -11.06 37.87
N GLU D 469 -10.18 -11.34 37.10
CA GLU D 469 -10.08 -12.64 36.45
C GLU D 469 -9.31 -13.64 37.29
N LEU D 470 -8.59 -13.17 38.31
CA LEU D 470 -8.05 -14.09 39.31
C LEU D 470 -9.13 -14.46 40.32
N SER D 471 -9.99 -13.50 40.68
CA SER D 471 -11.05 -13.77 41.64
C SER D 471 -12.12 -14.68 41.04
N THR D 472 -12.30 -14.63 39.73
CA THR D 472 -13.15 -15.59 39.05
C THR D 472 -12.57 -17.00 39.08
N ILE D 473 -11.26 -17.13 38.90
CA ILE D 473 -10.60 -18.44 38.88
C ILE D 473 -10.27 -18.95 40.27
N LEU D 474 -9.68 -18.15 41.15
CA LEU D 474 -9.29 -18.64 42.47
C LEU D 474 -10.43 -18.60 43.49
N GLY D 475 -11.39 -17.69 43.32
CA GLY D 475 -12.55 -17.68 44.19
C GLY D 475 -12.64 -16.52 45.14
N PHE D 476 -11.51 -15.83 45.37
CA PHE D 476 -11.43 -14.78 46.38
C PHE D 476 -12.23 -13.52 46.02
N THR D 477 -12.18 -12.52 46.89
CA THR D 477 -12.82 -11.23 46.64
C THR D 477 -11.84 -10.09 46.84
N TYR D 478 -11.96 -9.06 46.02
CA TYR D 478 -11.32 -7.74 46.19
C TYR D 478 -12.10 -6.91 47.22
N GLU D 479 -12.08 -5.57 47.10
CA GLU D 479 -11.79 -4.52 48.10
C GLU D 479 -10.32 -4.13 48.00
N ILE D 480 -9.94 -3.74 46.78
CA ILE D 480 -8.75 -2.91 46.52
C ILE D 480 -8.74 -1.71 47.46
N ARG D 481 -7.69 -1.57 48.26
CA ARG D 481 -7.46 -0.35 49.01
C ARG D 481 -6.10 0.18 48.59
N LEU D 482 -5.97 1.49 48.53
CA LEU D 482 -4.77 2.08 47.93
C LEU D 482 -3.58 2.10 48.90
N VAL D 483 -2.40 2.29 48.35
CA VAL D 483 -1.16 2.35 49.12
C VAL D 483 -1.02 3.77 49.67
N GLU D 484 -0.38 3.90 50.84
CA GLU D 484 -0.03 5.20 51.39
C GLU D 484 1.41 5.49 50.99
N ASP D 485 1.78 6.80 51.05
CA ASP D 485 3.11 7.35 50.78
C ASP D 485 3.53 7.15 49.31
N GLY D 486 2.57 6.81 48.44
CA GLY D 486 2.70 6.74 46.99
C GLY D 486 3.92 6.07 46.38
N LYS D 487 4.48 5.08 47.05
CA LYS D 487 5.77 4.50 46.69
C LYS D 487 5.60 2.99 46.55
N TYR D 488 6.31 2.40 45.59
CA TYR D 488 6.31 0.96 45.39
C TYR D 488 6.97 0.25 46.56
N GLY D 489 8.27 0.50 46.73
CA GLY D 489 9.02 -0.10 47.81
C GLY D 489 10.52 0.13 47.72
N ALA D 490 11.13 0.49 48.84
CA ALA D 490 12.57 0.70 48.93
C ALA D 490 12.95 0.60 50.39
N GLN D 491 14.21 0.28 50.64
CA GLN D 491 14.74 0.12 51.98
C GLN D 491 15.53 1.36 52.36
N ASP D 492 15.22 1.91 53.53
CA ASP D 492 15.89 3.13 53.98
C ASP D 492 17.32 2.81 54.40
N ASP D 493 18.23 3.75 54.14
CA ASP D 493 19.66 3.51 54.27
C ASP D 493 20.15 3.65 55.73
N VAL D 494 19.43 4.39 56.57
CA VAL D 494 19.88 4.59 57.94
C VAL D 494 18.92 3.91 58.93
N ASN D 495 17.62 3.89 58.60
CA ASN D 495 16.66 3.22 59.48
C ASN D 495 16.67 1.72 59.23
N GLY D 496 16.58 1.30 57.97
CA GLY D 496 16.45 -0.10 57.65
C GLY D 496 15.00 -0.53 57.64
N GLN D 497 14.13 0.34 57.13
CA GLN D 497 12.70 0.07 57.07
C GLN D 497 12.23 0.25 55.64
N TRP D 498 10.98 -0.12 55.40
CA TRP D 498 10.44 -0.16 54.04
C TRP D 498 9.37 0.91 53.84
N ASN D 499 9.06 1.23 52.58
CA ASN D 499 8.13 2.31 52.27
C ASN D 499 7.15 1.92 51.20
N GLY D 500 5.87 1.85 51.53
CA GLY D 500 4.86 1.66 50.49
C GLY D 500 4.21 0.29 50.48
N MET D 501 4.26 -0.39 49.34
CA MET D 501 3.57 -1.68 49.23
C MET D 501 4.29 -2.77 49.99
N VAL D 502 5.63 -2.85 49.85
CA VAL D 502 6.35 -3.95 50.48
C VAL D 502 6.52 -3.70 51.97
N ARG D 503 6.21 -2.50 52.44
CA ARG D 503 6.03 -2.28 53.88
C ARG D 503 4.63 -2.70 54.31
N GLU D 504 3.66 -2.57 53.40
CA GLU D 504 2.29 -2.96 53.71
C GLU D 504 2.13 -4.47 53.61
N LEU D 505 3.06 -5.13 52.94
CA LEU D 505 3.00 -6.59 52.83
C LEU D 505 3.78 -7.28 53.95
N ILE D 506 4.89 -6.68 54.39
CA ILE D 506 5.70 -7.28 55.46
C ILE D 506 5.02 -7.18 56.82
N ASP D 507 4.09 -6.24 57.00
CA ASP D 507 3.46 -6.00 58.29
C ASP D 507 2.02 -6.51 58.25
N HIS D 508 1.71 -7.25 57.19
CA HIS D 508 0.42 -7.90 56.93
C HIS D 508 -0.75 -6.93 56.94
N LYS D 509 -0.50 -5.68 56.57
CA LYS D 509 -1.56 -4.71 56.35
C LYS D 509 -2.14 -4.82 54.95
N ALA D 510 -1.69 -5.80 54.17
CA ALA D 510 -2.29 -6.15 52.89
C ALA D 510 -2.08 -7.64 52.68
N ASP D 511 -2.83 -8.20 51.75
CA ASP D 511 -2.67 -9.62 51.43
C ASP D 511 -2.21 -9.89 50.01
N LEU D 512 -2.58 -9.07 49.03
CA LEU D 512 -1.98 -9.15 47.70
C LEU D 512 -1.38 -7.80 47.34
N ALA D 513 -0.67 -7.74 46.23
CA ALA D 513 -0.07 -6.49 45.78
C ALA D 513 -0.17 -6.34 44.27
N VAL D 514 -1.35 -6.56 43.70
CA VAL D 514 -1.50 -6.59 42.25
C VAL D 514 -1.32 -5.18 41.71
N ALA D 515 -0.14 -4.93 41.14
CA ALA D 515 0.36 -3.60 40.80
C ALA D 515 1.59 -3.80 39.91
N PRO D 516 2.15 -2.75 39.32
CA PRO D 516 3.50 -2.89 38.70
C PRO D 516 4.61 -3.01 39.73
N LEU D 517 4.67 -4.14 40.41
CA LEU D 517 5.67 -4.38 41.43
C LEU D 517 6.71 -5.33 40.87
N ALA D 518 7.84 -4.76 40.42
CA ALA D 518 8.85 -5.49 39.68
C ALA D 518 9.63 -6.43 40.59
N ILE D 519 9.86 -7.64 40.08
CA ILE D 519 10.58 -8.65 40.85
C ILE D 519 12.05 -8.31 40.88
N THR D 520 12.57 -8.02 42.08
CA THR D 520 13.99 -7.75 42.24
C THR D 520 14.51 -8.55 43.43
N TYR D 521 15.84 -8.57 43.57
CA TYR D 521 16.50 -9.41 44.56
C TYR D 521 16.20 -9.01 45.99
N VAL D 522 16.10 -7.70 46.23
CA VAL D 522 15.98 -7.23 47.61
C VAL D 522 14.55 -7.43 48.11
N ARG D 523 13.58 -7.30 47.21
CA ARG D 523 12.18 -7.52 47.61
C ARG D 523 11.85 -9.00 47.72
N GLU D 524 12.55 -9.86 46.96
CA GLU D 524 12.29 -11.30 47.01
C GLU D 524 12.76 -11.89 48.32
N LYS D 525 13.78 -11.30 48.94
CA LYS D 525 14.24 -11.75 50.25
C LYS D 525 13.32 -11.30 51.39
N VAL D 526 12.32 -10.47 51.09
CA VAL D 526 11.48 -9.85 52.10
C VAL D 526 10.01 -10.20 51.93
N ILE D 527 9.47 -10.07 50.71
CA ILE D 527 8.13 -10.56 50.43
C ILE D 527 8.25 -11.71 49.44
N ASP D 528 7.13 -12.34 49.11
CA ASP D 528 7.12 -13.45 48.16
C ASP D 528 6.29 -13.05 46.96
N PHE D 529 6.89 -13.12 45.78
CA PHE D 529 6.23 -12.80 44.53
C PHE D 529 5.63 -14.04 43.90
N SER D 530 4.68 -13.83 43.00
CA SER D 530 4.22 -14.91 42.14
C SER D 530 5.11 -14.96 40.92
N LYS D 531 4.77 -15.81 39.96
CA LYS D 531 5.52 -15.79 38.72
C LYS D 531 5.04 -14.62 37.86
N PRO D 532 5.90 -14.07 36.97
CA PRO D 532 5.55 -12.84 36.24
C PRO D 532 4.33 -12.91 35.35
N PHE D 533 3.62 -11.79 35.24
CA PHE D 533 2.54 -11.63 34.28
C PHE D 533 2.86 -10.63 33.19
N MET D 534 3.92 -9.83 33.34
CA MET D 534 4.42 -8.99 32.25
C MET D 534 5.93 -9.10 32.22
N THR D 535 6.51 -9.01 31.03
CA THR D 535 7.96 -9.05 30.82
C THR D 535 8.38 -7.70 30.24
N LEU D 536 9.46 -7.15 30.78
CA LEU D 536 9.93 -5.84 30.36
C LEU D 536 11.40 -5.67 30.66
N GLY D 537 11.91 -4.50 30.32
CA GLY D 537 13.29 -4.15 30.56
C GLY D 537 13.51 -2.68 30.36
N ILE D 538 14.77 -2.30 30.20
CA ILE D 538 15.10 -0.93 29.87
C ILE D 538 15.13 -0.77 28.35
N SER D 539 14.52 0.30 27.87
CA SER D 539 14.56 0.61 26.45
C SER D 539 14.62 2.12 26.28
N ILE D 540 14.58 2.58 25.03
CA ILE D 540 14.95 3.95 24.69
C ILE D 540 13.77 4.62 23.99
N LEU D 541 13.34 5.77 24.51
CA LEU D 541 12.52 6.69 23.74
C LEU D 541 13.39 7.61 22.90
N TYR D 542 12.90 7.93 21.71
CA TYR D 542 13.51 8.92 20.84
C TYR D 542 12.41 9.44 19.93
N ARG D 543 12.57 10.67 19.46
CA ARG D 543 11.58 11.30 18.60
C ARG D 543 11.59 10.61 17.24
N LYS D 544 10.40 10.37 16.70
CA LYS D 544 10.26 9.65 15.45
C LYS D 544 10.85 10.49 14.31
N PRO D 545 11.57 9.85 13.33
CA PRO D 545 12.16 10.62 12.21
C PRO D 545 11.11 11.35 11.38
N ASN D 546 11.46 12.56 10.94
CA ASN D 546 10.45 13.51 10.52
C ASN D 546 10.54 13.83 9.03
N GLY D 547 11.75 14.03 8.53
CA GLY D 547 11.93 14.38 7.13
C GLY D 547 11.58 15.82 6.81
N THR D 548 11.85 16.72 7.77
CA THR D 548 11.63 18.15 7.53
C THR D 548 12.92 18.91 7.28
N ASN D 549 14.07 18.35 7.63
CA ASN D 549 15.36 18.87 7.19
C ASN D 549 16.16 17.72 6.60
N PRO D 550 15.90 17.38 5.32
CA PRO D 550 16.63 16.26 4.71
C PRO D 550 18.04 16.62 4.30
N GLY D 551 18.48 17.85 4.51
CA GLY D 551 19.72 18.35 3.95
C GLY D 551 19.41 19.35 2.87
N VAL D 552 20.29 20.32 2.65
CA VAL D 552 20.02 21.37 1.68
C VAL D 552 20.55 20.91 0.34
N PHE D 553 21.29 19.80 0.33
CA PHE D 553 21.75 19.16 -0.90
C PHE D 553 21.03 17.83 -1.11
N SER D 554 19.71 17.81 -0.88
CA SER D 554 18.96 16.57 -0.99
C SER D 554 18.65 16.23 -2.44
N PHE D 555 18.97 17.12 -3.38
CA PHE D 555 18.79 16.82 -4.79
C PHE D 555 19.85 15.84 -5.27
N LEU D 556 20.92 15.71 -4.50
CA LEU D 556 22.09 14.94 -4.88
C LEU D 556 21.93 13.45 -4.61
N ASN D 557 20.95 13.08 -3.80
CA ASN D 557 20.67 11.72 -3.35
C ASN D 557 20.37 10.62 -4.39
N PRO D 558 19.59 10.86 -5.51
CA PRO D 558 19.23 9.73 -6.38
C PRO D 558 20.36 9.01 -7.09
N LEU D 559 21.53 9.63 -7.18
CA LEU D 559 22.73 8.94 -7.62
C LEU D 559 23.73 8.89 -6.48
N SER D 560 24.43 7.76 -6.39
CA SER D 560 25.43 7.55 -5.35
C SER D 560 26.65 8.43 -5.62
N PRO D 561 27.42 8.78 -4.59
CA PRO D 561 28.60 9.64 -4.83
C PRO D 561 29.72 8.97 -5.60
N ASP D 562 29.65 7.65 -5.81
CA ASP D 562 30.51 7.01 -6.81
C ASP D 562 30.10 7.43 -8.21
N ILE D 563 28.78 7.51 -8.46
CA ILE D 563 28.28 7.85 -9.79
C ILE D 563 28.51 9.33 -10.10
N TRP D 564 28.36 10.20 -9.09
CA TRP D 564 28.56 11.63 -9.32
C TRP D 564 30.01 11.96 -9.64
N MET D 565 30.95 11.14 -9.15
CA MET D 565 32.34 11.32 -9.54
C MET D 565 32.64 10.67 -10.88
N TYR D 566 32.01 9.54 -11.18
CA TYR D 566 32.36 8.80 -12.40
C TYR D 566 31.74 9.46 -13.64
N VAL D 567 30.67 10.23 -13.45
CA VAL D 567 30.14 11.05 -14.55
C VAL D 567 31.08 12.20 -14.83
N LEU D 568 31.64 12.81 -13.78
CA LEU D 568 32.53 13.94 -13.95
C LEU D 568 33.86 13.51 -14.56
N LEU D 569 34.36 12.34 -14.18
CA LEU D 569 35.58 11.82 -14.82
C LEU D 569 35.30 11.38 -16.25
N ALA D 570 34.09 10.92 -16.55
CA ALA D 570 33.76 10.59 -17.93
C ALA D 570 33.63 11.85 -18.78
N CYS D 571 33.19 12.95 -18.18
CA CYS D 571 33.15 14.22 -18.92
C CYS D 571 34.55 14.74 -19.18
N LEU D 572 35.48 14.47 -18.26
CA LEU D 572 36.88 14.82 -18.50
C LEU D 572 37.53 13.80 -19.43
N GLY D 573 37.12 12.54 -19.32
CA GLY D 573 37.71 11.48 -20.12
C GLY D 573 37.34 11.54 -21.58
N VAL D 574 36.05 11.77 -21.88
CA VAL D 574 35.60 11.86 -23.26
C VAL D 574 36.14 13.11 -23.93
N SER D 575 36.21 14.22 -23.19
CA SER D 575 36.66 15.47 -23.77
C SER D 575 38.16 15.48 -24.05
N CYS D 576 38.91 14.64 -23.33
CA CYS D 576 40.31 14.45 -23.70
C CYS D 576 40.43 13.52 -24.90
N VAL D 577 39.50 12.56 -25.03
CA VAL D 577 39.46 11.73 -26.23
C VAL D 577 38.98 12.54 -27.43
N LEU D 578 38.04 13.47 -27.19
CA LEU D 578 37.60 14.38 -28.25
C LEU D 578 38.73 15.27 -28.74
N PHE D 579 39.67 15.61 -27.86
CA PHE D 579 40.80 16.41 -28.27
C PHE D 579 41.76 15.59 -29.12
N VAL D 580 42.05 14.36 -28.71
CA VAL D 580 43.02 13.50 -29.38
C VAL D 580 42.52 13.05 -30.75
N ILE D 581 41.26 12.62 -30.81
CA ILE D 581 40.70 12.05 -32.04
C ILE D 581 40.58 13.13 -33.12
N ALA D 582 40.12 14.33 -32.73
CA ALA D 582 39.85 15.39 -33.70
C ALA D 582 41.12 15.99 -34.31
N ARG D 583 42.27 15.79 -33.68
CA ARG D 583 43.51 16.30 -34.27
C ARG D 583 43.94 15.47 -35.47
N PHE D 584 44.23 14.18 -35.25
CA PHE D 584 44.74 13.41 -36.39
C PHE D 584 43.63 12.78 -37.22
N SER D 585 42.36 13.14 -37.01
CA SER D 585 41.36 12.78 -38.01
C SER D 585 41.37 13.81 -39.11
N PRO D 586 41.66 13.44 -40.36
CA PRO D 586 41.82 14.45 -41.41
C PRO D 586 40.52 15.09 -41.86
N TYR D 587 39.39 14.45 -41.61
CA TYR D 587 38.11 15.02 -42.04
C TYR D 587 37.54 16.01 -41.04
N GLU D 588 38.19 16.20 -39.89
CA GLU D 588 37.88 17.29 -38.97
C GLU D 588 38.67 18.54 -39.27
N TRP D 589 39.32 18.58 -40.44
CA TRP D 589 40.10 19.72 -40.88
C TRP D 589 39.43 20.26 -42.13
N TYR D 590 38.44 21.12 -41.93
CA TYR D 590 37.58 21.63 -42.99
C TYR D 590 38.12 22.99 -43.47
N ASN D 591 37.37 23.64 -44.36
CA ASN D 591 37.68 24.98 -44.84
C ASN D 591 36.91 25.98 -43.98
N PRO D 592 37.58 26.77 -43.13
CA PRO D 592 36.86 27.69 -42.24
C PRO D 592 36.50 29.00 -42.91
N HIS D 593 36.76 29.08 -44.21
CA HIS D 593 36.57 30.28 -45.00
C HIS D 593 35.59 29.95 -46.12
N PRO D 594 34.28 29.83 -45.82
CA PRO D 594 33.36 29.25 -46.80
C PRO D 594 32.90 30.22 -47.89
N CYS D 595 32.86 31.52 -47.58
CA CYS D 595 32.32 32.55 -48.47
C CYS D 595 33.14 32.71 -49.74
N ASN D 596 34.43 32.42 -49.66
CA ASN D 596 35.31 32.41 -50.83
C ASN D 596 35.71 30.96 -51.08
N PRO D 597 35.89 30.55 -52.36
CA PRO D 597 35.92 29.11 -52.68
C PRO D 597 37.10 28.30 -52.16
N ASP D 598 38.34 28.72 -52.45
CA ASP D 598 39.46 27.82 -52.20
C ASP D 598 40.70 28.48 -51.60
N SER D 599 40.49 29.42 -50.67
CA SER D 599 41.62 29.96 -49.91
C SER D 599 42.18 28.90 -48.97
N ASP D 600 43.47 28.60 -49.11
CA ASP D 600 44.06 27.48 -48.38
C ASP D 600 44.34 27.85 -46.94
N VAL D 601 43.29 27.97 -46.14
CA VAL D 601 43.38 28.07 -44.69
C VAL D 601 42.62 26.88 -44.11
N VAL D 602 43.05 26.41 -42.95
CA VAL D 602 42.45 25.26 -42.30
C VAL D 602 42.39 25.52 -40.80
N GLU D 603 41.33 25.05 -40.16
CA GLU D 603 41.09 25.32 -38.76
C GLU D 603 40.36 24.15 -38.12
N ASN D 604 40.84 23.75 -36.95
CA ASN D 604 40.17 22.75 -36.11
C ASN D 604 39.45 23.50 -35.01
N ASN D 605 38.12 23.44 -35.01
CA ASN D 605 37.33 24.06 -33.97
C ASN D 605 37.25 23.23 -32.70
N PHE D 606 37.81 22.02 -32.71
CA PHE D 606 37.93 21.21 -31.50
C PHE D 606 39.30 21.40 -30.86
N THR D 607 39.44 22.54 -30.19
CA THR D 607 40.61 22.78 -29.35
C THR D 607 40.43 22.09 -28.01
N LEU D 608 41.31 22.41 -27.06
CA LEU D 608 41.15 21.87 -25.72
C LEU D 608 39.96 22.50 -25.03
N LEU D 609 39.71 23.79 -25.27
CA LEU D 609 38.65 24.50 -24.56
C LEU D 609 37.28 24.10 -25.10
N ASN D 610 37.15 23.90 -26.41
CA ASN D 610 35.86 23.54 -26.99
C ASN D 610 35.53 22.07 -26.77
N SER D 611 36.53 21.23 -26.52
CA SER D 611 36.25 19.81 -26.32
C SER D 611 35.59 19.56 -24.98
N PHE D 612 35.95 20.33 -23.95
CA PHE D 612 35.21 20.24 -22.69
C PHE D 612 33.85 20.88 -22.80
N TRP D 613 33.70 21.89 -23.66
CA TRP D 613 32.42 22.59 -23.77
C TRP D 613 31.42 21.76 -24.55
N PHE D 614 31.89 20.91 -25.45
CA PHE D 614 31.00 19.92 -26.05
C PHE D 614 30.64 18.85 -25.03
N GLY D 615 31.59 18.48 -24.19
CA GLY D 615 31.36 17.49 -23.15
C GLY D 615 30.43 17.97 -22.07
N VAL D 616 30.59 19.22 -21.63
CA VAL D 616 29.67 19.80 -20.66
C VAL D 616 28.33 20.10 -21.31
N GLY D 617 28.37 20.68 -22.51
CA GLY D 617 27.17 21.06 -23.23
C GLY D 617 26.27 19.91 -23.61
N ALA D 618 26.84 18.75 -23.93
CA ALA D 618 26.02 17.57 -24.19
C ALA D 618 25.55 16.91 -22.91
N LEU D 619 26.29 17.05 -21.82
CA LEU D 619 25.92 16.49 -20.53
C LEU D 619 24.69 17.18 -19.95
N MET D 620 24.54 18.47 -20.20
CA MET D 620 23.45 19.25 -19.64
C MET D 620 22.24 19.33 -20.55
N GLN D 621 22.16 18.42 -21.54
CA GLN D 621 21.02 18.25 -22.44
C GLN D 621 20.69 19.47 -23.29
N GLN D 622 21.64 20.39 -23.48
CA GLN D 622 21.36 21.59 -24.25
C GLN D 622 22.28 21.77 -25.45
N GLY D 623 23.45 21.17 -25.45
CA GLY D 623 24.27 21.15 -26.64
C GLY D 623 25.06 22.41 -26.92
N SER D 624 26.27 22.24 -27.45
CA SER D 624 27.13 23.34 -27.81
C SER D 624 26.84 23.75 -29.25
N GLU D 625 27.71 24.56 -29.84
CA GLU D 625 27.56 25.01 -31.21
C GLU D 625 28.45 24.24 -32.17
N LEU D 626 29.01 23.10 -31.71
CA LEU D 626 30.10 22.45 -32.42
C LEU D 626 29.63 21.39 -33.41
N MET D 627 28.94 20.34 -32.92
CA MET D 627 28.37 19.25 -33.73
C MET D 627 29.39 18.58 -34.63
N PRO D 628 30.16 17.61 -34.10
CA PRO D 628 31.33 17.03 -34.79
C PRO D 628 31.02 16.48 -36.18
N LYS D 629 32.06 16.39 -36.99
CA LYS D 629 31.84 16.46 -38.43
C LYS D 629 32.49 15.35 -39.25
N ALA D 630 33.14 14.35 -38.64
CA ALA D 630 33.79 13.44 -39.57
C ALA D 630 33.22 12.03 -39.63
N LEU D 631 33.64 11.13 -38.75
CA LEU D 631 32.87 9.98 -38.30
C LEU D 631 33.34 9.59 -36.91
N SER D 632 34.62 9.87 -36.65
CA SER D 632 35.26 9.35 -35.45
C SER D 632 35.00 10.26 -34.27
N THR D 633 34.74 11.54 -34.54
CA THR D 633 34.25 12.43 -33.50
C THR D 633 32.73 12.39 -33.44
N ARG D 634 32.08 11.74 -34.40
CA ARG D 634 30.64 11.54 -34.32
C ARG D 634 30.28 10.27 -33.57
N ILE D 635 31.18 9.29 -33.54
CA ILE D 635 30.95 8.11 -32.71
C ILE D 635 31.21 8.44 -31.25
N VAL D 636 32.20 9.31 -30.99
CA VAL D 636 32.40 9.82 -29.64
C VAL D 636 31.23 10.71 -29.23
N GLY D 637 30.75 11.52 -30.16
CA GLY D 637 29.59 12.36 -29.93
C GLY D 637 28.32 11.57 -29.72
N GLY D 638 28.12 10.51 -30.49
CA GLY D 638 26.87 9.76 -30.39
C GLY D 638 26.81 8.83 -29.19
N ILE D 639 27.98 8.37 -28.72
CA ILE D 639 28.02 7.53 -27.53
C ILE D 639 27.86 8.37 -26.28
N TRP D 640 28.47 9.56 -26.25
CA TRP D 640 28.32 10.45 -25.10
C TRP D 640 26.90 11.01 -25.02
N TRP D 641 26.17 11.03 -26.14
CA TRP D 641 24.78 11.45 -26.09
C TRP D 641 23.89 10.35 -25.54
N PHE D 642 24.16 9.09 -25.90
CA PHE D 642 23.38 7.98 -25.36
C PHE D 642 23.73 7.73 -23.90
N PHE D 643 24.98 8.01 -23.52
CA PHE D 643 25.38 7.98 -22.13
C PHE D 643 24.58 8.99 -21.31
N THR D 644 24.28 10.13 -21.91
CA THR D 644 23.73 11.26 -21.15
C THR D 644 22.24 11.08 -20.90
N LEU D 645 21.52 10.51 -21.87
CA LEU D 645 20.10 10.18 -21.69
C LEU D 645 19.89 9.22 -20.52
N ILE D 646 20.73 8.20 -20.43
CA ILE D 646 20.57 7.17 -19.40
C ILE D 646 20.88 7.75 -18.03
N ILE D 647 21.76 8.75 -17.96
CA ILE D 647 22.09 9.36 -16.67
C ILE D 647 20.97 10.30 -16.21
N ILE D 648 20.48 11.16 -17.10
CA ILE D 648 19.41 12.09 -16.75
C ILE D 648 18.09 11.35 -16.54
N SER D 649 17.80 10.33 -17.34
CA SER D 649 16.54 9.61 -17.15
C SER D 649 16.63 8.62 -16.00
N SER D 650 17.82 8.44 -15.40
CA SER D 650 17.90 7.69 -14.17
C SER D 650 17.94 8.62 -12.96
N TYR D 651 18.38 9.86 -13.17
CA TYR D 651 18.28 10.84 -12.10
C TYR D 651 16.84 11.27 -11.89
N THR D 652 16.11 11.49 -12.99
CA THR D 652 14.72 11.90 -12.90
C THR D 652 13.85 10.77 -12.37
N ALA D 653 14.18 9.53 -12.73
CA ALA D 653 13.37 8.39 -12.33
C ALA D 653 13.60 8.02 -10.87
N ASN D 654 14.85 8.07 -10.41
CA ASN D 654 15.12 7.73 -9.02
C ASN D 654 14.73 8.85 -8.08
N LEU D 655 14.71 10.09 -8.57
CA LEU D 655 14.15 11.18 -7.76
C LEU D 655 12.64 11.06 -7.68
N ALA D 656 12.01 10.46 -8.71
CA ALA D 656 10.58 10.23 -8.66
C ALA D 656 10.24 9.09 -7.72
N ALA D 657 11.21 8.21 -7.45
CA ALA D 657 11.01 7.14 -6.48
C ALA D 657 11.21 7.65 -5.06
N PHE D 658 12.14 8.59 -4.87
CA PHE D 658 12.41 9.12 -3.54
C PHE D 658 11.28 10.00 -3.03
N LEU D 659 10.54 10.66 -3.92
CA LEU D 659 9.57 11.65 -3.49
C LEU D 659 8.17 11.08 -3.27
N THR D 660 7.91 9.83 -3.66
CA THR D 660 6.62 9.24 -3.39
C THR D 660 6.71 8.12 -2.35
N VAL D 661 7.88 7.51 -2.22
CA VAL D 661 8.11 6.46 -1.22
C VAL D 661 9.25 6.99 -0.35
N GLU D 662 8.88 7.64 0.75
CA GLU D 662 9.88 8.19 1.65
C GLU D 662 10.16 7.20 2.78
N ARG D 663 11.39 6.67 2.82
CA ARG D 663 11.82 5.76 3.86
C ARG D 663 12.68 6.56 4.82
N MET D 664 12.09 6.96 5.95
CA MET D 664 12.77 7.76 6.95
C MET D 664 13.47 6.85 7.94
N GLU D 665 14.76 7.08 8.15
CA GLU D 665 15.57 6.28 9.05
C GLU D 665 16.21 7.15 10.12
N SER D 666 16.21 6.64 11.34
CA SER D 666 16.70 7.33 12.53
C SER D 666 18.23 7.31 12.57
N PRO D 667 18.85 8.32 13.19
CA PRO D 667 20.31 8.29 13.33
C PRO D 667 20.81 7.23 14.29
N ILE D 668 19.94 6.74 15.19
CA ILE D 668 20.29 5.76 16.20
C ILE D 668 19.39 4.55 16.04
N ASP D 669 19.94 3.37 16.31
CA ASP D 669 19.22 2.12 16.13
C ASP D 669 19.38 1.17 17.32
N SER D 670 20.28 1.49 18.24
CA SER D 670 20.51 0.66 19.42
C SER D 670 21.20 1.48 20.50
N ALA D 671 21.53 0.84 21.62
CA ALA D 671 22.29 1.53 22.67
C ALA D 671 23.76 1.64 22.31
N ASP D 672 24.23 0.85 21.34
CA ASP D 672 25.61 0.96 20.88
C ASP D 672 25.80 2.22 20.04
N ASP D 673 24.75 2.65 19.33
CA ASP D 673 24.87 3.85 18.51
C ASP D 673 24.73 5.11 19.35
N LEU D 674 24.21 5.00 20.57
CA LEU D 674 24.22 6.14 21.48
C LEU D 674 25.56 6.28 22.17
N ALA D 675 26.39 5.24 22.12
CA ALA D 675 27.70 5.30 22.76
C ALA D 675 28.66 6.19 21.97
N LYS D 676 28.36 6.42 20.70
CA LYS D 676 29.24 7.24 19.85
C LYS D 676 28.64 8.63 19.63
N GLN D 677 27.33 8.70 19.43
CA GLN D 677 26.66 9.97 19.18
C GLN D 677 26.58 10.80 20.46
N THR D 678 27.51 11.75 20.61
CA THR D 678 27.52 12.63 21.77
C THR D 678 26.55 13.78 21.51
N LYS D 679 26.19 13.96 20.23
CA LYS D 679 25.21 14.97 19.85
C LYS D 679 23.83 14.65 20.42
N ILE D 680 23.39 13.40 20.27
CA ILE D 680 22.17 12.93 20.93
C ILE D 680 22.53 12.56 22.36
N GLU D 681 21.89 13.22 23.33
CA GLU D 681 22.22 13.07 24.73
C GLU D 681 21.27 12.08 25.39
N TYR D 682 21.77 11.37 26.41
CA TYR D 682 21.02 10.32 27.09
C TYR D 682 19.97 10.90 28.02
N GLY D 683 19.38 10.04 28.84
CA GLY D 683 18.58 10.51 29.96
C GLY D 683 17.83 9.43 30.71
N ALA D 684 17.74 9.56 32.03
CA ALA D 684 16.98 8.63 32.85
C ALA D 684 16.50 9.29 34.13
N VAL D 685 15.59 8.63 34.85
CA VAL D 685 15.01 9.16 36.08
C VAL D 685 16.07 9.05 37.18
N GLU D 686 16.13 10.06 38.04
CA GLU D 686 17.06 10.10 39.17
C GLU D 686 16.72 9.00 40.17
N ASP D 687 17.69 8.10 40.40
CA ASP D 687 17.63 7.03 41.41
C ASP D 687 16.45 6.08 41.18
N GLY D 688 16.14 5.82 39.91
CA GLY D 688 15.14 4.85 39.54
C GLY D 688 15.74 3.46 39.38
N ALA D 689 14.95 2.57 38.80
CA ALA D 689 15.43 1.23 38.51
C ALA D 689 16.30 1.22 37.26
N THR D 690 16.20 2.26 36.44
CA THR D 690 16.99 2.34 35.22
C THR D 690 18.37 2.92 35.50
N MET D 691 18.43 3.97 36.32
CA MET D 691 19.70 4.56 36.72
C MET D 691 20.55 3.59 37.54
N THR D 692 19.90 2.72 38.31
CA THR D 692 20.63 1.77 39.16
C THR D 692 21.29 0.68 38.31
N PHE D 693 20.71 0.37 37.15
CA PHE D 693 21.27 -0.66 36.29
C PHE D 693 22.55 -0.20 35.60
N PHE D 694 22.56 1.05 35.12
CA PHE D 694 23.76 1.56 34.45
C PHE D 694 24.88 1.84 35.43
N LYS D 695 24.54 2.11 36.69
CA LYS D 695 25.58 2.35 37.69
C LYS D 695 26.31 1.05 38.05
N LYS D 696 25.58 -0.05 38.13
CA LYS D 696 26.14 -1.32 38.58
C LYS D 696 26.66 -2.20 37.44
N SER D 697 26.53 -1.76 36.19
CA SER D 697 26.84 -2.62 35.06
C SER D 697 28.36 -2.74 34.89
N LYS D 698 28.77 -3.67 34.04
CA LYS D 698 30.18 -3.96 33.83
C LYS D 698 30.44 -4.12 32.34
N ILE D 699 29.36 -4.07 31.56
CA ILE D 699 29.45 -4.16 30.10
C ILE D 699 30.04 -2.87 29.58
N SER D 700 30.86 -2.97 28.51
CA SER D 700 31.69 -1.87 28.06
C SER D 700 30.84 -0.74 27.47
N THR D 701 29.72 -1.07 26.85
CA THR D 701 28.81 -0.05 26.36
C THR D 701 28.13 0.68 27.51
N TYR D 702 27.75 -0.07 28.55
CA TYR D 702 26.93 0.50 29.62
C TYR D 702 27.80 1.23 30.64
N ASP D 703 29.12 1.06 30.55
CA ASP D 703 30.04 1.93 31.28
C ASP D 703 30.18 3.26 30.56
N LYS D 704 30.28 3.24 29.23
CA LYS D 704 30.35 4.47 28.45
C LYS D 704 29.03 5.22 28.49
N MET D 705 27.92 4.50 28.65
CA MET D 705 26.64 5.17 28.81
C MET D 705 26.47 5.74 30.20
N TRP D 706 27.21 5.24 31.18
CA TRP D 706 27.09 5.78 32.53
C TRP D 706 28.11 6.88 32.78
N ALA D 707 29.28 6.78 32.17
CA ALA D 707 30.34 7.78 32.32
C ALA D 707 29.90 9.13 31.76
N PHE D 708 29.00 9.11 30.78
CA PHE D 708 28.37 10.36 30.34
C PHE D 708 27.36 10.84 31.37
N MET D 709 26.48 9.95 31.81
CA MET D 709 25.34 10.29 32.65
C MET D 709 25.75 10.59 34.09
N SER D 710 26.92 10.12 34.51
CA SER D 710 27.39 10.43 35.86
C SER D 710 28.20 11.72 35.85
N SER D 711 29.06 11.89 34.85
CA SER D 711 29.80 13.15 34.71
C SER D 711 29.06 14.15 33.84
N ARG D 712 27.75 14.30 34.09
CA ARG D 712 26.87 15.33 33.58
C ARG D 712 25.55 15.18 34.31
N ARG D 713 24.92 16.28 34.72
CA ARG D 713 23.70 16.19 35.50
C ARG D 713 22.93 17.48 35.29
N GLN D 714 21.58 17.37 35.36
CA GLN D 714 20.53 18.38 35.18
C GLN D 714 20.36 18.75 33.71
N SER D 715 21.29 18.31 32.87
CA SER D 715 21.11 18.27 31.42
C SER D 715 20.87 16.84 30.95
N VAL D 716 21.59 15.88 31.53
CA VAL D 716 21.25 14.47 31.39
C VAL D 716 21.15 13.90 32.81
N LEU D 717 19.98 14.05 33.43
CA LEU D 717 19.23 13.15 34.31
C LEU D 717 17.92 13.83 34.64
N VAL D 718 16.79 13.20 34.34
CA VAL D 718 15.51 13.84 34.57
C VAL D 718 15.08 13.51 36.00
N LYS D 719 14.08 14.20 36.52
CA LYS D 719 13.55 13.89 37.84
C LYS D 719 12.36 12.95 37.81
N SER D 720 11.47 13.06 36.82
CA SER D 720 10.39 12.10 36.64
C SER D 720 10.28 11.79 35.16
N ASN D 721 9.75 10.60 34.86
CA ASN D 721 9.70 10.17 33.46
C ASN D 721 8.67 10.95 32.65
N GLU D 722 7.66 11.55 33.29
CA GLU D 722 6.75 12.44 32.59
C GLU D 722 7.46 13.72 32.17
N GLU D 723 8.42 14.16 32.98
CA GLU D 723 9.27 15.29 32.58
C GLU D 723 10.26 14.86 31.49
N GLY D 724 10.56 13.56 31.43
CA GLY D 724 11.48 13.05 30.43
C GLY D 724 10.85 12.82 29.08
N ILE D 725 9.55 12.51 29.05
CA ILE D 725 8.82 12.42 27.79
C ILE D 725 8.75 13.79 27.13
N GLN D 726 8.66 14.85 27.94
CA GLN D 726 8.60 16.21 27.40
C GLN D 726 9.95 16.62 26.82
N ARG D 727 11.05 16.16 27.42
CA ARG D 727 12.36 16.59 26.96
C ARG D 727 12.80 15.85 25.70
N VAL D 728 12.24 14.66 25.45
CA VAL D 728 12.40 14.06 24.13
C VAL D 728 11.63 14.87 23.11
N LEU D 729 10.40 15.26 23.48
CA LEU D 729 9.46 15.95 22.62
C LEU D 729 9.96 17.34 22.24
N THR D 730 10.55 18.07 23.19
CA THR D 730 11.15 19.36 22.86
C THR D 730 12.56 19.20 22.32
N SER D 731 13.50 18.74 23.15
CA SER D 731 14.91 18.80 22.79
C SER D 731 15.36 17.62 21.94
N ASP D 732 16.67 17.48 21.75
CA ASP D 732 17.28 16.34 21.06
C ASP D 732 17.83 15.43 22.15
N TYR D 733 17.04 14.41 22.49
CA TYR D 733 17.15 13.70 23.76
C TYR D 733 16.71 12.26 23.54
N ALA D 734 17.40 11.33 24.19
CA ALA D 734 17.10 9.91 24.09
C ALA D 734 16.93 9.37 25.50
N PHE D 735 15.73 8.92 25.83
CA PHE D 735 15.36 8.71 27.22
C PHE D 735 15.34 7.23 27.57
N LEU D 736 16.12 6.85 28.57
CA LEU D 736 16.29 5.47 29.02
C LEU D 736 15.27 5.20 30.13
N MET D 737 14.26 4.41 29.82
CA MET D 737 13.23 4.11 30.81
C MET D 737 12.74 2.68 30.65
N GLU D 738 11.71 2.31 31.41
CA GLU D 738 11.17 0.95 31.41
C GLU D 738 10.50 0.65 30.08
N SER D 739 10.41 -0.63 29.73
CA SER D 739 9.95 -0.99 28.40
C SER D 739 8.45 -0.82 28.23
N THR D 740 7.65 -1.31 29.18
CA THR D 740 6.20 -1.30 29.00
C THR D 740 5.60 0.08 29.20
N THR D 741 6.36 1.00 29.80
CA THR D 741 5.90 2.38 29.83
C THR D 741 6.11 3.05 28.48
N ILE D 742 7.02 2.52 27.67
CA ILE D 742 7.25 3.09 26.35
C ILE D 742 6.13 2.73 25.39
N GLU D 743 5.70 1.46 25.36
CA GLU D 743 4.68 1.05 24.40
C GLU D 743 3.31 1.63 24.72
N PHE D 744 3.14 2.20 25.91
CA PHE D 744 1.94 2.98 26.20
C PHE D 744 2.07 4.41 25.67
N VAL D 745 3.25 4.99 25.83
CA VAL D 745 3.45 6.40 25.47
C VAL D 745 3.68 6.54 23.96
N THR D 746 4.46 5.62 23.37
CA THR D 746 4.67 5.57 21.92
C THR D 746 3.36 5.39 21.16
N GLN D 747 2.42 4.63 21.70
CA GLN D 747 1.18 4.31 21.02
C GLN D 747 0.23 5.50 20.92
N ARG D 748 0.28 6.45 21.85
CA ARG D 748 -0.66 7.57 21.89
C ARG D 748 0.10 8.90 21.77
N ASN D 749 1.30 8.83 21.21
CA ASN D 749 2.03 10.03 20.80
C ASN D 749 2.91 9.66 19.62
N CYS D 750 2.44 9.99 18.42
CA CYS D 750 2.92 9.35 17.19
C CYS D 750 4.17 10.00 16.61
N ASN D 751 4.83 10.85 17.39
CA ASN D 751 6.14 11.37 17.05
C ASN D 751 7.18 10.86 18.05
N LEU D 752 6.80 9.86 18.83
CA LEU D 752 7.67 9.16 19.75
C LEU D 752 7.81 7.74 19.27
N THR D 753 9.04 7.22 19.25
CA THR D 753 9.27 5.85 18.83
C THR D 753 10.20 5.18 19.83
N GLN D 754 10.28 3.86 19.73
CA GLN D 754 11.16 3.05 20.55
C GLN D 754 12.28 2.53 19.68
N ILE D 755 13.49 3.04 19.89
CA ILE D 755 14.61 2.60 19.07
C ILE D 755 15.37 1.51 19.81
N GLY D 756 15.73 0.46 19.10
CA GLY D 756 16.50 -0.62 19.70
C GLY D 756 15.66 -1.75 20.24
N GLY D 757 16.12 -2.36 21.32
CA GLY D 757 15.41 -3.46 21.95
C GLY D 757 15.55 -3.40 23.45
N LEU D 758 15.18 -4.47 24.13
CA LEU D 758 15.26 -4.49 25.59
C LEU D 758 16.71 -4.62 26.04
N ILE D 759 17.09 -3.82 27.04
CA ILE D 759 18.41 -3.86 27.62
C ILE D 759 18.45 -4.76 28.86
N ASP D 760 17.67 -4.42 29.87
CA ASP D 760 17.50 -5.21 31.07
C ASP D 760 16.43 -6.26 30.79
N SER D 761 16.18 -7.15 31.75
CA SER D 761 15.07 -8.09 31.64
C SER D 761 14.56 -8.38 33.04
N LYS D 762 13.41 -7.82 33.39
CA LYS D 762 12.75 -8.05 34.66
C LYS D 762 11.27 -8.27 34.41
N GLY D 763 10.51 -8.49 35.49
CA GLY D 763 9.10 -8.81 35.34
C GLY D 763 8.28 -8.31 36.51
N TYR D 764 6.98 -8.20 36.26
CA TYR D 764 6.02 -7.74 37.26
C TYR D 764 5.39 -8.94 37.95
N GLY D 765 5.44 -8.95 39.27
CA GLY D 765 4.89 -10.07 40.02
C GLY D 765 3.89 -9.59 41.05
N VAL D 766 2.81 -10.36 41.18
CA VAL D 766 1.82 -10.16 42.23
C VAL D 766 2.46 -10.45 43.58
N GLY D 767 2.58 -9.42 44.42
CA GLY D 767 3.23 -9.61 45.70
C GLY D 767 2.29 -10.28 46.67
N THR D 768 2.89 -11.07 47.56
CA THR D 768 2.21 -11.79 48.64
C THR D 768 3.07 -11.60 49.88
N PRO D 769 2.57 -11.80 51.11
CA PRO D 769 3.44 -11.67 52.28
C PRO D 769 4.48 -12.78 52.37
N MET D 770 5.38 -12.67 53.34
CA MET D 770 6.51 -13.58 53.44
C MET D 770 6.04 -14.94 53.95
N GLY D 771 5.61 -15.79 53.02
CA GLY D 771 5.04 -17.08 53.37
C GLY D 771 3.53 -17.00 53.31
N SER D 772 2.94 -17.48 52.24
CA SER D 772 1.51 -17.38 52.04
C SER D 772 1.00 -18.53 51.18
N PRO D 773 -0.22 -19.00 51.43
CA PRO D 773 -0.84 -19.96 50.50
C PRO D 773 -1.32 -19.34 49.20
N TYR D 774 -1.32 -18.00 49.09
CA TYR D 774 -1.81 -17.37 47.87
C TYR D 774 -0.69 -17.14 46.87
N ARG D 775 0.56 -17.43 47.22
CA ARG D 775 1.63 -17.36 46.24
C ARG D 775 1.49 -18.46 45.20
N ASP D 776 1.23 -19.69 45.66
CA ASP D 776 1.21 -20.83 44.75
C ASP D 776 -0.05 -20.84 43.91
N LYS D 777 -1.19 -20.48 44.49
CA LYS D 777 -2.45 -20.64 43.77
C LYS D 777 -2.66 -19.54 42.74
N ILE D 778 -1.94 -18.43 42.86
CA ILE D 778 -1.99 -17.40 41.83
C ILE D 778 -0.97 -17.69 40.73
N THR D 779 0.17 -18.26 41.12
CA THR D 779 1.19 -18.75 40.18
C THR D 779 0.60 -19.72 39.16
N ILE D 780 -0.23 -20.66 39.62
CA ILE D 780 -0.98 -21.52 38.71
C ILE D 780 -2.04 -20.71 37.94
N ALA D 781 -2.65 -19.73 38.60
CA ALA D 781 -3.74 -18.99 37.97
C ALA D 781 -3.24 -18.00 36.92
N ILE D 782 -2.03 -17.47 37.10
CA ILE D 782 -1.43 -16.62 36.08
C ILE D 782 -1.08 -17.43 34.85
N LEU D 783 -0.53 -18.63 35.06
CA LEU D 783 -0.20 -19.52 33.96
C LEU D 783 -1.45 -20.09 33.29
N GLN D 784 -2.59 -20.06 33.97
CA GLN D 784 -3.84 -20.43 33.30
C GLN D 784 -4.33 -19.32 32.39
N LEU D 785 -4.15 -18.06 32.79
CA LEU D 785 -4.53 -16.93 31.96
C LEU D 785 -3.62 -16.79 30.74
N GLN D 786 -2.38 -17.28 30.86
CA GLN D 786 -1.42 -17.08 29.78
C GLN D 786 -1.53 -18.17 28.73
N GLU D 787 -1.90 -19.39 29.12
CA GLU D 787 -2.05 -20.47 28.16
C GLU D 787 -3.39 -20.41 27.43
N GLU D 788 -4.43 -19.88 28.07
CA GLU D 788 -5.71 -19.70 27.40
C GLU D 788 -5.70 -18.51 26.44
N GLY D 789 -4.80 -17.55 26.65
CA GLY D 789 -4.69 -16.38 25.81
C GLY D 789 -5.29 -15.12 26.39
N LYS D 790 -5.90 -15.17 27.57
CA LYS D 790 -6.54 -13.99 28.12
C LYS D 790 -5.53 -12.99 28.65
N LEU D 791 -4.33 -13.45 28.99
CA LEU D 791 -3.34 -12.57 29.60
C LEU D 791 -2.68 -11.69 28.54
N HIS D 792 -2.82 -12.08 27.27
CA HIS D 792 -2.31 -11.24 26.18
C HIS D 792 -3.40 -10.28 25.69
N MET D 793 -4.66 -10.70 25.78
CA MET D 793 -5.76 -9.89 25.27
C MET D 793 -6.04 -8.69 26.18
N MET D 794 -5.62 -8.78 27.44
CA MET D 794 -5.72 -7.63 28.33
C MET D 794 -4.71 -6.56 27.94
N LYS D 795 -3.52 -6.97 27.48
CA LYS D 795 -2.50 -6.02 27.09
C LYS D 795 -2.86 -5.32 25.79
N GLU D 796 -3.55 -6.04 24.90
CA GLU D 796 -3.89 -5.50 23.59
C GLU D 796 -5.03 -4.49 23.68
N LYS D 797 -5.75 -4.46 24.80
CA LYS D 797 -6.87 -3.54 24.92
C LYS D 797 -6.53 -2.34 25.79
N TRP D 798 -5.47 -2.45 26.60
CA TRP D 798 -5.14 -1.33 27.49
C TRP D 798 -3.92 -0.53 27.04
N TRP D 799 -3.02 -1.12 26.25
CA TRP D 799 -1.87 -0.40 25.72
C TRP D 799 -2.10 0.16 24.32
N ARG D 800 -2.99 -0.44 23.54
CA ARG D 800 -3.30 0.12 22.23
C ARG D 800 -4.19 1.34 22.35
N GLY D 801 -4.00 2.30 21.45
CA GLY D 801 -4.71 3.56 21.52
C GLY D 801 -5.33 3.95 20.20
N ASN D 802 -4.94 5.11 19.67
CA ASN D 802 -5.48 5.61 18.41
C ASN D 802 -5.02 4.75 17.23
N GLY D 803 -3.70 4.67 17.03
CA GLY D 803 -3.15 3.85 15.96
C GLY D 803 -2.37 4.64 14.94
N CYS D 804 -2.90 5.81 14.55
CA CYS D 804 -2.36 6.83 13.64
C CYS D 804 -1.72 6.26 12.38
N PRO D 805 -2.50 5.81 11.39
CA PRO D 805 -1.89 5.23 10.19
C PRO D 805 -1.25 6.26 9.25
N GLU D 806 -0.02 6.67 9.54
CA GLU D 806 0.72 7.54 8.62
C GLU D 806 1.50 6.75 7.58
N GLU D 807 1.29 5.43 7.52
CA GLU D 807 2.00 4.55 6.57
C GLU D 807 1.51 4.87 5.16
N GLU D 808 0.26 5.30 4.99
CA GLU D 808 -0.20 5.77 3.68
C GLU D 808 0.49 7.08 3.33
N SER D 809 1.10 7.13 2.14
CA SER D 809 1.89 8.29 1.74
C SER D 809 0.96 9.44 1.40
N LYS D 810 1.27 10.60 1.97
CA LYS D 810 0.58 11.85 1.68
C LYS D 810 1.13 12.42 0.38
N GLU D 811 0.58 13.56 -0.05
CA GLU D 811 1.10 14.24 -1.22
C GLU D 811 2.50 14.76 -0.92
N ALA D 812 3.35 14.83 -1.94
CA ALA D 812 4.79 14.84 -1.77
C ALA D 812 5.39 16.13 -1.20
N SER D 813 4.55 17.07 -0.74
CA SER D 813 4.96 18.21 0.08
C SER D 813 5.99 19.11 -0.60
N ALA D 814 5.52 19.88 -1.59
CA ALA D 814 6.25 20.58 -2.65
C ALA D 814 7.63 21.11 -2.30
N LEU D 815 8.60 20.81 -3.18
CA LEU D 815 10.02 21.01 -2.93
C LEU D 815 10.36 22.48 -2.78
N GLY D 816 10.73 22.87 -1.55
CA GLY D 816 11.10 24.24 -1.27
C GLY D 816 12.61 24.38 -1.12
N VAL D 817 13.00 25.43 -0.41
CA VAL D 817 14.42 25.73 -0.20
C VAL D 817 15.04 24.79 0.82
N GLN D 818 14.21 23.99 1.49
CA GLN D 818 14.68 22.91 2.34
C GLN D 818 14.94 21.62 1.60
N ASN D 819 14.36 21.44 0.40
CA ASN D 819 14.51 20.20 -0.35
C ASN D 819 15.54 20.33 -1.47
N ILE D 820 15.33 21.24 -2.42
CA ILE D 820 16.32 21.41 -3.49
C ILE D 820 17.46 22.28 -2.99
N GLY D 821 17.19 23.55 -2.66
CA GLY D 821 18.00 24.30 -1.73
C GLY D 821 19.41 24.67 -2.13
N GLY D 822 20.23 23.65 -2.42
CA GLY D 822 21.66 23.85 -2.58
C GLY D 822 22.07 24.08 -4.02
N ILE D 823 21.12 24.12 -4.94
CA ILE D 823 21.42 24.61 -6.28
C ILE D 823 21.45 26.13 -6.31
N PHE D 824 20.89 26.77 -5.28
CA PHE D 824 21.04 28.21 -5.13
C PHE D 824 22.43 28.54 -4.61
N ILE D 825 23.06 27.59 -3.91
CA ILE D 825 24.43 27.80 -3.43
C ILE D 825 25.43 27.57 -4.56
N VAL D 826 25.27 26.49 -5.32
CA VAL D 826 26.22 26.18 -6.38
C VAL D 826 25.97 27.05 -7.61
N LEU D 827 24.84 27.76 -7.64
CA LEU D 827 24.69 28.85 -8.59
C LEU D 827 25.57 30.01 -8.18
N ALA D 828 25.45 30.45 -6.93
CA ALA D 828 26.23 31.59 -6.46
C ALA D 828 27.71 31.25 -6.34
N ALA D 829 28.04 29.98 -6.13
CA ALA D 829 29.45 29.58 -6.10
C ALA D 829 30.04 29.55 -7.50
N GLY D 830 29.19 29.45 -8.52
CA GLY D 830 29.69 29.48 -9.89
C GLY D 830 29.72 30.87 -10.46
N LEU D 831 28.86 31.75 -9.96
CA LEU D 831 28.85 33.13 -10.41
C LEU D 831 29.94 33.96 -9.75
N VAL D 832 30.42 33.53 -8.58
CA VAL D 832 31.55 34.20 -7.93
C VAL D 832 32.86 33.72 -8.56
N LEU D 833 32.95 32.42 -8.85
CA LEU D 833 34.15 31.86 -9.48
C LEU D 833 34.37 32.39 -10.89
N SER D 834 33.29 32.74 -11.59
CA SER D 834 33.42 33.21 -12.96
C SER D 834 33.95 34.64 -13.01
N VAL D 835 33.64 35.45 -12.00
CA VAL D 835 34.15 36.82 -11.95
C VAL D 835 35.65 36.82 -11.68
N PHE D 836 36.13 35.82 -10.93
CA PHE D 836 37.56 35.66 -10.69
C PHE D 836 38.29 35.30 -11.97
N VAL D 837 37.64 34.54 -12.85
CA VAL D 837 38.22 34.23 -14.14
C VAL D 837 38.05 35.41 -15.08
N ALA D 838 36.97 36.19 -14.91
CA ALA D 838 36.71 37.37 -15.73
C ALA D 838 37.73 38.47 -15.49
N VAL D 839 38.20 38.60 -14.25
CA VAL D 839 39.26 39.55 -13.94
C VAL D 839 40.58 38.82 -14.16
N GLY D 840 40.53 37.49 -14.19
CA GLY D 840 41.72 36.69 -14.46
C GLY D 840 42.18 36.76 -15.90
N GLU D 841 41.25 36.62 -16.85
CA GLU D 841 41.60 36.72 -18.24
C GLU D 841 41.52 38.14 -18.77
N PHE D 842 41.16 39.10 -17.92
CA PHE D 842 41.27 40.51 -18.29
C PHE D 842 42.72 40.97 -18.14
N LEU D 843 43.43 40.43 -17.14
CA LEU D 843 44.83 40.78 -16.94
C LEU D 843 45.71 40.10 -17.99
N TYR D 844 45.31 38.92 -18.44
CA TYR D 844 46.15 38.13 -19.35
C TYR D 844 46.17 38.73 -20.75
N LYS D 845 45.08 39.39 -21.14
CA LYS D 845 45.06 40.09 -22.42
C LYS D 845 45.70 41.47 -22.31
N SER D 846 45.52 42.14 -21.17
CA SER D 846 46.16 43.45 -20.97
C SER D 846 47.67 43.32 -20.84
N LYS D 847 48.14 42.17 -20.32
CA LYS D 847 49.57 41.90 -20.33
C LYS D 847 50.06 41.55 -21.73
N LYS D 848 49.23 40.87 -22.53
CA LYS D 848 49.59 40.52 -23.89
C LYS D 848 49.59 41.72 -24.82
N ASN D 849 48.66 42.66 -24.63
CA ASN D 849 48.63 43.86 -25.47
C ASN D 849 49.75 44.82 -25.12
N ALA D 850 50.32 44.71 -23.93
CA ALA D 850 51.44 45.57 -23.53
C ALA D 850 52.76 45.03 -24.08
#